data_6EPW
# 
_entry.id   6EPW 
# 
_audit_conform.dict_name       mmcif_pdbx.dic 
_audit_conform.dict_version    5.406 
_audit_conform.dict_location   http://mmcif.pdb.org/dictionaries/ascii/mmcif_pdbx.dic 
# 
loop_
_database_2.database_id 
_database_2.database_code 
_database_2.pdbx_database_accession 
_database_2.pdbx_DOI 
PDB   6EPW         pdb_00006epw 10.2210/pdb6epw/pdb 
WWPDB D_1200007018 ?            ?                   
# 
loop_
_pdbx_audit_revision_history.ordinal 
_pdbx_audit_revision_history.data_content_type 
_pdbx_audit_revision_history.major_revision 
_pdbx_audit_revision_history.minor_revision 
_pdbx_audit_revision_history.revision_date 
_pdbx_audit_revision_history.part_number 
1 'Structure model' 1 0 2018-10-31 ? 
2 'Structure model' 1 1 2019-11-13 ? 
3 'Structure model' 1 2 2025-04-09 ? 
4 'Structure model' 1 3 2025-10-01 ? 
# 
_pdbx_audit_revision_details.ordinal             1 
_pdbx_audit_revision_details.revision_ordinal    1 
_pdbx_audit_revision_details.data_content_type   'Structure model' 
_pdbx_audit_revision_details.provider            repository 
_pdbx_audit_revision_details.type                'Initial release' 
_pdbx_audit_revision_details.description         ? 
_pdbx_audit_revision_details.details             ? 
# 
loop_
_pdbx_audit_revision_group.ordinal 
_pdbx_audit_revision_group.revision_ordinal 
_pdbx_audit_revision_group.data_content_type 
_pdbx_audit_revision_group.group 
1 2 'Structure model' 'Data collection'      
2 2 'Structure model' 'Database references'  
3 3 'Structure model' 'Data collection'      
4 3 'Structure model' 'Database references'  
5 3 'Structure model' 'Structure summary'    
6 4 'Structure model' Advisory               
7 4 'Structure model' 'Derived calculations' 
# 
loop_
_pdbx_audit_revision_category.ordinal 
_pdbx_audit_revision_category.revision_ordinal 
_pdbx_audit_revision_category.data_content_type 
_pdbx_audit_revision_category.category 
1 2 'Structure model' citation                   
2 3 'Structure model' chem_comp_atom             
3 3 'Structure model' chem_comp_bond             
4 3 'Structure model' database_2                 
5 3 'Structure model' pdbx_entry_details         
6 4 'Structure model' pdbx_validate_symm_contact 
7 4 'Structure model' struct_conn                
# 
loop_
_pdbx_audit_revision_item.ordinal 
_pdbx_audit_revision_item.revision_ordinal 
_pdbx_audit_revision_item.data_content_type 
_pdbx_audit_revision_item.item 
1 2 'Structure model' '_citation.title'                     
2 3 'Structure model' '_database_2.pdbx_DOI'                
3 3 'Structure model' '_database_2.pdbx_database_accession' 
# 
_pdbx_database_status.status_code                     REL 
_pdbx_database_status.status_code_sf                  REL 
_pdbx_database_status.status_code_mr                  ? 
_pdbx_database_status.entry_id                        6EPW 
_pdbx_database_status.recvd_initial_deposition_date   2017-10-12 
_pdbx_database_status.SG_entry                        N 
_pdbx_database_status.deposit_site                    PDBE 
_pdbx_database_status.process_site                    PDBE 
_pdbx_database_status.status_code_cs                  ? 
_pdbx_database_status.methods_development_category    ? 
_pdbx_database_status.pdb_format_compatible           Y 
_pdbx_database_status.status_code_nmr_data            ? 
# 
loop_
_audit_author.name 
_audit_author.pdbx_ordinal 
_audit_author.identifier_ORCID 
'Sledz, P.'    1 ? 
'Caflisch, A.' 2 ? 
# 
_citation.abstract                  ? 
_citation.abstract_id_CAS           ? 
_citation.book_id_ISBN              ? 
_citation.book_publisher            ? 
_citation.book_publisher_city       ? 
_citation.book_title                ? 
_citation.coordinate_linkage        ? 
_citation.country                   ? 
_citation.database_id_Medline       ? 
_citation.details                   ? 
_citation.id                        primary 
_citation.journal_abbrev            'To Be Published' 
_citation.journal_id_ASTM           ? 
_citation.journal_id_CSD            0353 
_citation.journal_id_ISSN           ? 
_citation.journal_full              ? 
_citation.journal_issue             ? 
_citation.journal_volume            ? 
_citation.language                  ? 
_citation.page_first                ? 
_citation.page_last                 ? 
_citation.title                     'Hitting a moving target: simulation and crystallography study of ATAD2 bromodomain blockers' 
_citation.year                      ? 
_citation.database_id_CSD           ? 
_citation.pdbx_database_id_DOI      ? 
_citation.pdbx_database_id_PubMed   ? 
_citation.unpublished_flag          ? 
# 
_citation_author.citation_id        primary 
_citation_author.name               'Sledz, P.' 
_citation_author.ordinal            1 
_citation_author.identifier_ORCID   ? 
# 
loop_
_entity.id 
_entity.type 
_entity.src_method 
_entity.pdbx_description 
_entity.formula_weight 
_entity.pdbx_number_of_molecules 
_entity.pdbx_ec 
_entity.pdbx_mutation 
_entity.pdbx_fragment 
_entity.details 
1 polymer     man 'ATPase family AAA domain-containing protein 2'                                                        15453.514 
1  3.6.1.3 ? ? ? 
2 non-polymer syn '(2~{R})-~{N}-[5-[3,5-bis(oxidanyl)phenyl]-4-ethanoyl-1,3-thiazol-2-yl]-2-carbamimidamido-propanamide' 363.392   
2  ?       ? ? ? 
3 non-polymer syn 'SULFATE ION'                                                                                          96.063    
1  ?       ? ? ? 
4 water       nat water                                                                                                  18.015    
46 ?       ? ? ? 
# 
_entity_name_com.entity_id   1 
_entity_name_com.name        'AAA nuclear coregulator cancer-associated protein,ANCCA' 
# 
_entity_poly.entity_id                      1 
_entity_poly.type                           'polypeptide(L)' 
_entity_poly.nstd_linkage                   no 
_entity_poly.nstd_monomer                   no 
_entity_poly.pdbx_seq_one_letter_code       
;SMQEEDTFRELRIFLRNVTHRLAIDKRFRVFTKPVDPDEVPDYVTVIKQPMDLSSVISKIDLHKYLTVKDYLRDIDLICS
NALEYNPDRDPGDRLIRHRACALRDTAYAIIKEELDEDFEQLCEEIQESR
;
_entity_poly.pdbx_seq_one_letter_code_can   
;SMQEEDTFRELRIFLRNVTHRLAIDKRFRVFTKPVDPDEVPDYVTVIKQPMDLSSVISKIDLHKYLTVKDYLRDIDLICS
NALEYNPDRDPGDRLIRHRACALRDTAYAIIKEELDEDFEQLCEEIQESR
;
_entity_poly.pdbx_strand_id                 A 
_entity_poly.pdbx_target_identifier         ? 
# 
loop_
_pdbx_entity_nonpoly.entity_id 
_pdbx_entity_nonpoly.name 
_pdbx_entity_nonpoly.comp_id 
2 '(2~{R})-~{N}-[5-[3,5-bis(oxidanyl)phenyl]-4-ethanoyl-1,3-thiazol-2-yl]-2-carbamimidamido-propanamide' BQ8 
3 'SULFATE ION'                                                                                          SO4 
4 water                                                                                                  HOH 
# 
loop_
_entity_poly_seq.entity_id 
_entity_poly_seq.num 
_entity_poly_seq.mon_id 
_entity_poly_seq.hetero 
1 1   SER n 
1 2   MET n 
1 3   GLN n 
1 4   GLU n 
1 5   GLU n 
1 6   ASP n 
1 7   THR n 
1 8   PHE n 
1 9   ARG n 
1 10  GLU n 
1 11  LEU n 
1 12  ARG n 
1 13  ILE n 
1 14  PHE n 
1 15  LEU n 
1 16  ARG n 
1 17  ASN n 
1 18  VAL n 
1 19  THR n 
1 20  HIS n 
1 21  ARG n 
1 22  LEU n 
1 23  ALA n 
1 24  ILE n 
1 25  ASP n 
1 26  LYS n 
1 27  ARG n 
1 28  PHE n 
1 29  ARG n 
1 30  VAL n 
1 31  PHE n 
1 32  THR n 
1 33  LYS n 
1 34  PRO n 
1 35  VAL n 
1 36  ASP n 
1 37  PRO n 
1 38  ASP n 
1 39  GLU n 
1 40  VAL n 
1 41  PRO n 
1 42  ASP n 
1 43  TYR n 
1 44  VAL n 
1 45  THR n 
1 46  VAL n 
1 47  ILE n 
1 48  LYS n 
1 49  GLN n 
1 50  PRO n 
1 51  MET n 
1 52  ASP n 
1 53  LEU n 
1 54  SER n 
1 55  SER n 
1 56  VAL n 
1 57  ILE n 
1 58  SER n 
1 59  LYS n 
1 60  ILE n 
1 61  ASP n 
1 62  LEU n 
1 63  HIS n 
1 64  LYS n 
1 65  TYR n 
1 66  LEU n 
1 67  THR n 
1 68  VAL n 
1 69  LYS n 
1 70  ASP n 
1 71  TYR n 
1 72  LEU n 
1 73  ARG n 
1 74  ASP n 
1 75  ILE n 
1 76  ASP n 
1 77  LEU n 
1 78  ILE n 
1 79  CYS n 
1 80  SER n 
1 81  ASN n 
1 82  ALA n 
1 83  LEU n 
1 84  GLU n 
1 85  TYR n 
1 86  ASN n 
1 87  PRO n 
1 88  ASP n 
1 89  ARG n 
1 90  ASP n 
1 91  PRO n 
1 92  GLY n 
1 93  ASP n 
1 94  ARG n 
1 95  LEU n 
1 96  ILE n 
1 97  ARG n 
1 98  HIS n 
1 99  ARG n 
1 100 ALA n 
1 101 CYS n 
1 102 ALA n 
1 103 LEU n 
1 104 ARG n 
1 105 ASP n 
1 106 THR n 
1 107 ALA n 
1 108 TYR n 
1 109 ALA n 
1 110 ILE n 
1 111 ILE n 
1 112 LYS n 
1 113 GLU n 
1 114 GLU n 
1 115 LEU n 
1 116 ASP n 
1 117 GLU n 
1 118 ASP n 
1 119 PHE n 
1 120 GLU n 
1 121 GLN n 
1 122 LEU n 
1 123 CYS n 
1 124 GLU n 
1 125 GLU n 
1 126 ILE n 
1 127 GLN n 
1 128 GLU n 
1 129 SER n 
1 130 ARG n 
# 
_entity_src_gen.entity_id                          1 
_entity_src_gen.pdbx_src_id                        1 
_entity_src_gen.pdbx_alt_source_flag               sample 
_entity_src_gen.pdbx_seq_type                      'Biological sequence' 
_entity_src_gen.pdbx_beg_seq_num                   1 
_entity_src_gen.pdbx_end_seq_num                   130 
_entity_src_gen.gene_src_common_name               Human 
_entity_src_gen.gene_src_genus                     ? 
_entity_src_gen.pdbx_gene_src_gene                 'ATAD2, L16, PRO2000' 
_entity_src_gen.gene_src_species                   ? 
_entity_src_gen.gene_src_strain                    ? 
_entity_src_gen.gene_src_tissue                    ? 
_entity_src_gen.gene_src_tissue_fraction           ? 
_entity_src_gen.gene_src_details                   ? 
_entity_src_gen.pdbx_gene_src_fragment             ? 
_entity_src_gen.pdbx_gene_src_scientific_name      'Homo sapiens' 
_entity_src_gen.pdbx_gene_src_ncbi_taxonomy_id     9606 
_entity_src_gen.pdbx_gene_src_variant              ? 
_entity_src_gen.pdbx_gene_src_cell_line            ? 
_entity_src_gen.pdbx_gene_src_atcc                 ? 
_entity_src_gen.pdbx_gene_src_organ                ? 
_entity_src_gen.pdbx_gene_src_organelle            ? 
_entity_src_gen.pdbx_gene_src_cell                 ? 
_entity_src_gen.pdbx_gene_src_cellular_location    ? 
_entity_src_gen.host_org_common_name               ? 
_entity_src_gen.pdbx_host_org_scientific_name      'Escherichia coli' 
_entity_src_gen.pdbx_host_org_ncbi_taxonomy_id     562 
_entity_src_gen.host_org_genus                     ? 
_entity_src_gen.pdbx_host_org_gene                 ? 
_entity_src_gen.pdbx_host_org_organ                ? 
_entity_src_gen.host_org_species                   ? 
_entity_src_gen.pdbx_host_org_tissue               ? 
_entity_src_gen.pdbx_host_org_tissue_fraction      ? 
_entity_src_gen.pdbx_host_org_strain               ? 
_entity_src_gen.pdbx_host_org_variant              ? 
_entity_src_gen.pdbx_host_org_cell_line            ? 
_entity_src_gen.pdbx_host_org_atcc                 ? 
_entity_src_gen.pdbx_host_org_culture_collection   ? 
_entity_src_gen.pdbx_host_org_cell                 ? 
_entity_src_gen.pdbx_host_org_organelle            ? 
_entity_src_gen.pdbx_host_org_cellular_location    ? 
_entity_src_gen.pdbx_host_org_vector_type          ? 
_entity_src_gen.pdbx_host_org_vector               ? 
_entity_src_gen.host_org_details                   ? 
_entity_src_gen.expression_system_id               ? 
_entity_src_gen.plasmid_name                       ? 
_entity_src_gen.plasmid_details                    ? 
_entity_src_gen.pdbx_description                   ? 
# 
loop_
_chem_comp.id 
_chem_comp.type 
_chem_comp.mon_nstd_flag 
_chem_comp.name 
_chem_comp.pdbx_synonyms 
_chem_comp.formula 
_chem_comp.formula_weight 
ALA 'L-peptide linking' y ALANINE                                                                                                ? 
'C3 H7 N O2'      89.093  
ARG 'L-peptide linking' y ARGININE                                                                                               ? 
'C6 H15 N4 O2 1'  175.209 
ASN 'L-peptide linking' y ASPARAGINE                                                                                             ? 
'C4 H8 N2 O3'     132.118 
ASP 'L-peptide linking' y 'ASPARTIC ACID'                                                                                        ? 
'C4 H7 N O4'      133.103 
BQ8 non-polymer         . '(2~{R})-~{N}-[5-[3,5-bis(oxidanyl)phenyl]-4-ethanoyl-1,3-thiazol-2-yl]-2-carbamimidamido-propanamide' ? 
'C15 H17 N5 O4 S' 363.392 
CYS 'L-peptide linking' y CYSTEINE                                                                                               ? 
'C3 H7 N O2 S'    121.158 
GLN 'L-peptide linking' y GLUTAMINE                                                                                              ? 
'C5 H10 N2 O3'    146.144 
GLU 'L-peptide linking' y 'GLUTAMIC ACID'                                                                                        ? 
'C5 H9 N O4'      147.129 
GLY 'peptide linking'   y GLYCINE                                                                                                ? 
'C2 H5 N O2'      75.067  
HIS 'L-peptide linking' y HISTIDINE                                                                                              ? 
'C6 H10 N3 O2 1'  156.162 
HOH non-polymer         . WATER                                                                                                  ? 
'H2 O'            18.015  
ILE 'L-peptide linking' y ISOLEUCINE                                                                                             ? 
'C6 H13 N O2'     131.173 
LEU 'L-peptide linking' y LEUCINE                                                                                                ? 
'C6 H13 N O2'     131.173 
LYS 'L-peptide linking' y LYSINE                                                                                                 ? 
'C6 H15 N2 O2 1'  147.195 
MET 'L-peptide linking' y METHIONINE                                                                                             ? 
'C5 H11 N O2 S'   149.211 
PHE 'L-peptide linking' y PHENYLALANINE                                                                                          ? 
'C9 H11 N O2'     165.189 
PRO 'L-peptide linking' y PROLINE                                                                                                ? 
'C5 H9 N O2'      115.130 
SER 'L-peptide linking' y SERINE                                                                                                 ? 
'C3 H7 N O3'      105.093 
SO4 non-polymer         . 'SULFATE ION'                                                                                          ? 
'O4 S -2'         96.063  
THR 'L-peptide linking' y THREONINE                                                                                              ? 
'C4 H9 N O3'      119.119 
TYR 'L-peptide linking' y TYROSINE                                                                                               ? 
'C9 H11 N O3'     181.189 
VAL 'L-peptide linking' y VALINE                                                                                                 ? 
'C5 H11 N O2'     117.146 
# 
loop_
_pdbx_poly_seq_scheme.asym_id 
_pdbx_poly_seq_scheme.entity_id 
_pdbx_poly_seq_scheme.seq_id 
_pdbx_poly_seq_scheme.mon_id 
_pdbx_poly_seq_scheme.ndb_seq_num 
_pdbx_poly_seq_scheme.pdb_seq_num 
_pdbx_poly_seq_scheme.auth_seq_num 
_pdbx_poly_seq_scheme.pdb_mon_id 
_pdbx_poly_seq_scheme.auth_mon_id 
_pdbx_poly_seq_scheme.pdb_strand_id 
_pdbx_poly_seq_scheme.pdb_ins_code 
_pdbx_poly_seq_scheme.hetero 
A 1 1   SER 1   979  979  SER SER A . n 
A 1 2   MET 2   980  980  MET MET A . n 
A 1 3   GLN 3   981  981  GLN GLN A . n 
A 1 4   GLU 4   982  982  GLU GLU A . n 
A 1 5   GLU 5   983  983  GLU GLU A . n 
A 1 6   ASP 6   984  984  ASP ASP A . n 
A 1 7   THR 7   985  985  THR THR A . n 
A 1 8   PHE 8   986  986  PHE PHE A . n 
A 1 9   ARG 9   987  987  ARG ARG A . n 
A 1 10  GLU 10  988  988  GLU GLU A . n 
A 1 11  LEU 11  989  989  LEU LEU A . n 
A 1 12  ARG 12  990  990  ARG ARG A . n 
A 1 13  ILE 13  991  991  ILE ILE A . n 
A 1 14  PHE 14  992  992  PHE PHE A . n 
A 1 15  LEU 15  993  993  LEU LEU A . n 
A 1 16  ARG 16  994  994  ARG ARG A . n 
A 1 17  ASN 17  995  995  ASN ASN A . n 
A 1 18  VAL 18  996  996  VAL VAL A . n 
A 1 19  THR 19  997  997  THR THR A . n 
A 1 20  HIS 20  998  998  HIS HIS A . n 
A 1 21  ARG 21  999  999  ARG ARG A . n 
A 1 22  LEU 22  1000 1000 LEU LEU A . n 
A 1 23  ALA 23  1001 1001 ALA ALA A . n 
A 1 24  ILE 24  1002 1002 ILE ILE A . n 
A 1 25  ASP 25  1003 1003 ASP ASP A . n 
A 1 26  LYS 26  1004 1004 LYS LYS A . n 
A 1 27  ARG 27  1005 1005 ARG ARG A . n 
A 1 28  PHE 28  1006 1006 PHE PHE A . n 
A 1 29  ARG 29  1007 1007 ARG ARG A . n 
A 1 30  VAL 30  1008 1008 VAL VAL A . n 
A 1 31  PHE 31  1009 1009 PHE PHE A . n 
A 1 32  THR 32  1010 1010 THR THR A . n 
A 1 33  LYS 33  1011 1011 LYS LYS A . n 
A 1 34  PRO 34  1012 1012 PRO PRO A . n 
A 1 35  VAL 35  1013 1013 VAL VAL A . n 
A 1 36  ASP 36  1014 1014 ASP ASP A . n 
A 1 37  PRO 37  1015 1015 PRO PRO A . n 
A 1 38  ASP 38  1016 1016 ASP ASP A . n 
A 1 39  GLU 39  1017 1017 GLU GLU A . n 
A 1 40  VAL 40  1018 1018 VAL VAL A . n 
A 1 41  PRO 41  1019 1019 PRO PRO A . n 
A 1 42  ASP 42  1020 1020 ASP ASP A . n 
A 1 43  TYR 43  1021 1021 TYR TYR A . n 
A 1 44  VAL 44  1022 1022 VAL VAL A . n 
A 1 45  THR 45  1023 1023 THR THR A . n 
A 1 46  VAL 46  1024 1024 VAL VAL A . n 
A 1 47  ILE 47  1025 1025 ILE ILE A . n 
A 1 48  LYS 48  1026 1026 LYS LYS A . n 
A 1 49  GLN 49  1027 1027 GLN GLN A . n 
A 1 50  PRO 50  1028 1028 PRO PRO A . n 
A 1 51  MET 51  1029 1029 MET MET A . n 
A 1 52  ASP 52  1030 1030 ASP ASP A . n 
A 1 53  LEU 53  1031 1031 LEU LEU A . n 
A 1 54  SER 54  1032 1032 SER SER A . n 
A 1 55  SER 55  1033 1033 SER SER A . n 
A 1 56  VAL 56  1034 1034 VAL VAL A . n 
A 1 57  ILE 57  1035 1035 ILE ILE A . n 
A 1 58  SER 58  1036 1036 SER SER A . n 
A 1 59  LYS 59  1037 1037 LYS LYS A . n 
A 1 60  ILE 60  1038 1038 ILE ILE A . n 
A 1 61  ASP 61  1039 1039 ASP ASP A . n 
A 1 62  LEU 62  1040 1040 LEU LEU A . n 
A 1 63  HIS 63  1041 1041 HIS HIS A . n 
A 1 64  LYS 64  1042 1042 LYS LYS A . n 
A 1 65  TYR 65  1043 1043 TYR TYR A . n 
A 1 66  LEU 66  1044 1044 LEU LEU A . n 
A 1 67  THR 67  1045 1045 THR THR A . n 
A 1 68  VAL 68  1046 1046 VAL VAL A . n 
A 1 69  LYS 69  1047 1047 LYS LYS A . n 
A 1 70  ASP 70  1048 1048 ASP ASP A . n 
A 1 71  TYR 71  1049 1049 TYR TYR A . n 
A 1 72  LEU 72  1050 1050 LEU LEU A . n 
A 1 73  ARG 73  1051 1051 ARG ARG A . n 
A 1 74  ASP 74  1052 1052 ASP ASP A . n 
A 1 75  ILE 75  1053 1053 ILE ILE A . n 
A 1 76  ASP 76  1054 1054 ASP ASP A . n 
A 1 77  LEU 77  1055 1055 LEU LEU A . n 
A 1 78  ILE 78  1056 1056 ILE ILE A . n 
A 1 79  CYS 79  1057 1057 CYS CYS A . n 
A 1 80  SER 80  1058 1058 SER SER A . n 
A 1 81  ASN 81  1059 1059 ASN ASN A . n 
A 1 82  ALA 82  1060 1060 ALA ALA A . n 
A 1 83  LEU 83  1061 1061 LEU LEU A . n 
A 1 84  GLU 84  1062 1062 GLU GLU A . n 
A 1 85  TYR 85  1063 1063 TYR TYR A . n 
A 1 86  ASN 86  1064 1064 ASN ASN A . n 
A 1 87  PRO 87  1065 1065 PRO PRO A . n 
A 1 88  ASP 88  1066 1066 ASP ASP A . n 
A 1 89  ARG 89  1067 1067 ARG ARG A . n 
A 1 90  ASP 90  1068 1068 ASP ASP A . n 
A 1 91  PRO 91  1069 1069 PRO PRO A . n 
A 1 92  GLY 92  1070 1070 GLY GLY A . n 
A 1 93  ASP 93  1071 1071 ASP ASP A . n 
A 1 94  ARG 94  1072 1072 ARG ARG A . n 
A 1 95  LEU 95  1073 1073 LEU LEU A . n 
A 1 96  ILE 96  1074 1074 ILE ILE A . n 
A 1 97  ARG 97  1075 1075 ARG ARG A . n 
A 1 98  HIS 98  1076 1076 HIS HIS A . n 
A 1 99  ARG 99  1077 1077 ARG ARG A . n 
A 1 100 ALA 100 1078 1078 ALA ALA A . n 
A 1 101 CYS 101 1079 1079 CYS CYS A . n 
A 1 102 ALA 102 1080 1080 ALA ALA A . n 
A 1 103 LEU 103 1081 1081 LEU LEU A . n 
A 1 104 ARG 104 1082 1082 ARG ARG A . n 
A 1 105 ASP 105 1083 1083 ASP ASP A . n 
A 1 106 THR 106 1084 1084 THR THR A . n 
A 1 107 ALA 107 1085 1085 ALA ALA A . n 
A 1 108 TYR 108 1086 1086 TYR TYR A . n 
A 1 109 ALA 109 1087 1087 ALA ALA A . n 
A 1 110 ILE 110 1088 1088 ILE ILE A . n 
A 1 111 ILE 111 1089 1089 ILE ILE A . n 
A 1 112 LYS 112 1090 1090 LYS LYS A . n 
A 1 113 GLU 113 1091 1091 GLU GLU A . n 
A 1 114 GLU 114 1092 1092 GLU GLU A . n 
A 1 115 LEU 115 1093 1093 LEU LEU A . n 
A 1 116 ASP 116 1094 1094 ASP ASP A . n 
A 1 117 GLU 117 1095 1095 GLU GLU A . n 
A 1 118 ASP 118 1096 1096 ASP ASP A . n 
A 1 119 PHE 119 1097 1097 PHE PHE A . n 
A 1 120 GLU 120 1098 1098 GLU GLU A . n 
A 1 121 GLN 121 1099 1099 GLN GLN A . n 
A 1 122 LEU 122 1100 1100 LEU LEU A . n 
A 1 123 CYS 123 1101 1101 CYS CYS A . n 
A 1 124 GLU 124 1102 1102 GLU GLU A . n 
A 1 125 GLU 125 1103 1103 GLU GLU A . n 
A 1 126 ILE 126 1104 1104 ILE ILE A . n 
A 1 127 GLN 127 1105 1105 GLN GLN A . n 
A 1 128 GLU 128 1106 1106 GLU GLU A . n 
A 1 129 SER 129 1107 1107 SER SER A . n 
A 1 130 ARG 130 1108 1108 ARG ARG A . n 
# 
loop_
_pdbx_nonpoly_scheme.asym_id 
_pdbx_nonpoly_scheme.entity_id 
_pdbx_nonpoly_scheme.mon_id 
_pdbx_nonpoly_scheme.ndb_seq_num 
_pdbx_nonpoly_scheme.pdb_seq_num 
_pdbx_nonpoly_scheme.auth_seq_num 
_pdbx_nonpoly_scheme.pdb_mon_id 
_pdbx_nonpoly_scheme.auth_mon_id 
_pdbx_nonpoly_scheme.pdb_strand_id 
_pdbx_nonpoly_scheme.pdb_ins_code 
B 2 BQ8 1  1201 1  BQ8 DRG A . 
C 2 BQ8 1  1202 2  BQ8 DRG A . 
D 3 SO4 1  1203 1  SO4 SO4 A . 
E 4 HOH 1  1301 23 HOH HOH A . 
E 4 HOH 2  1302 18 HOH HOH A . 
E 4 HOH 3  1303 7  HOH HOH A . 
E 4 HOH 4  1304 26 HOH HOH A . 
E 4 HOH 5  1305 5  HOH HOH A . 
E 4 HOH 6  1306 11 HOH HOH A . 
E 4 HOH 7  1307 32 HOH HOH A . 
E 4 HOH 8  1308 4  HOH HOH A . 
E 4 HOH 9  1309 36 HOH HOH A . 
E 4 HOH 10 1310 17 HOH HOH A . 
E 4 HOH 11 1311 35 HOH HOH A . 
E 4 HOH 12 1312 2  HOH HOH A . 
E 4 HOH 13 1313 30 HOH HOH A . 
E 4 HOH 14 1314 6  HOH HOH A . 
E 4 HOH 15 1315 12 HOH HOH A . 
E 4 HOH 16 1316 27 HOH HOH A . 
E 4 HOH 17 1317 8  HOH HOH A . 
E 4 HOH 18 1318 3  HOH HOH A . 
E 4 HOH 19 1319 34 HOH HOH A . 
E 4 HOH 20 1320 14 HOH HOH A . 
E 4 HOH 21 1321 1  HOH HOH A . 
E 4 HOH 22 1322 9  HOH HOH A . 
E 4 HOH 23 1323 28 HOH HOH A . 
E 4 HOH 24 1324 10 HOH HOH A . 
E 4 HOH 25 1325 38 HOH HOH A . 
E 4 HOH 26 1326 37 HOH HOH A . 
E 4 HOH 27 1327 29 HOH HOH A . 
E 4 HOH 28 1328 21 HOH HOH A . 
E 4 HOH 29 1329 43 HOH HOH A . 
E 4 HOH 30 1330 16 HOH HOH A . 
E 4 HOH 31 1331 19 HOH HOH A . 
E 4 HOH 32 1332 22 HOH HOH A . 
E 4 HOH 33 1333 25 HOH HOH A . 
E 4 HOH 34 1334 13 HOH HOH A . 
E 4 HOH 35 1335 20 HOH HOH A . 
E 4 HOH 36 1336 45 HOH HOH A . 
E 4 HOH 37 1337 44 HOH HOH A . 
E 4 HOH 38 1338 15 HOH HOH A . 
E 4 HOH 39 1339 46 HOH HOH A . 
E 4 HOH 40 1340 24 HOH HOH A . 
E 4 HOH 41 1341 41 HOH HOH A . 
E 4 HOH 42 1342 31 HOH HOH A . 
E 4 HOH 43 1343 39 HOH HOH A . 
E 4 HOH 44 1344 40 HOH HOH A . 
E 4 HOH 45 1345 33 HOH HOH A . 
E 4 HOH 46 1346 42 HOH HOH A . 
# 
loop_
_pdbx_unobs_or_zero_occ_atoms.id 
_pdbx_unobs_or_zero_occ_atoms.PDB_model_num 
_pdbx_unobs_or_zero_occ_atoms.polymer_flag 
_pdbx_unobs_or_zero_occ_atoms.occupancy_flag 
_pdbx_unobs_or_zero_occ_atoms.auth_asym_id 
_pdbx_unobs_or_zero_occ_atoms.auth_comp_id 
_pdbx_unobs_or_zero_occ_atoms.auth_seq_id 
_pdbx_unobs_or_zero_occ_atoms.PDB_ins_code 
_pdbx_unobs_or_zero_occ_atoms.auth_atom_id 
_pdbx_unobs_or_zero_occ_atoms.label_alt_id 
_pdbx_unobs_or_zero_occ_atoms.label_asym_id 
_pdbx_unobs_or_zero_occ_atoms.label_comp_id 
_pdbx_unobs_or_zero_occ_atoms.label_seq_id 
_pdbx_unobs_or_zero_occ_atoms.label_atom_id 
1  1 Y 1 A MET 980  ? CG  ? A MET 2  CG  
2  1 Y 1 A MET 980  ? SD  ? A MET 2  SD  
3  1 Y 1 A MET 980  ? CE  ? A MET 2  CE  
4  1 Y 1 A LYS 1004 ? CG  ? A LYS 26 CG  
5  1 Y 1 A LYS 1004 ? CD  ? A LYS 26 CD  
6  1 Y 1 A LYS 1004 ? CE  ? A LYS 26 CE  
7  1 Y 1 A LYS 1004 ? NZ  ? A LYS 26 NZ  
8  1 Y 1 A ARG 1007 ? NE  ? A ARG 29 NE  
9  1 Y 1 A ARG 1007 ? CZ  ? A ARG 29 CZ  
10 1 Y 1 A ARG 1007 ? NH1 ? A ARG 29 NH1 
11 1 Y 1 A ARG 1007 ? NH2 ? A ARG 29 NH2 
12 1 Y 1 A LYS 1047 ? CG  ? A LYS 69 CG  
13 1 Y 1 A LYS 1047 ? CD  ? A LYS 69 CD  
14 1 Y 1 A LYS 1047 ? CE  ? A LYS 69 CE  
15 1 Y 1 A LYS 1047 ? NZ  ? A LYS 69 NZ  
16 1 N 1 A BQ8 1202 ? N   ? C BQ8 1  N   
17 1 N 1 A BQ8 1202 ? CAP ? C BQ8 1  CAP 
18 1 N 1 A BQ8 1202 ? NAC ? C BQ8 1  NAC 
19 1 N 1 A BQ8 1202 ? NAD ? C BQ8 1  NAD 
# 
loop_
_software.citation_id 
_software.classification 
_software.compiler_name 
_software.compiler_version 
_software.contact_author 
_software.contact_author_email 
_software.date 
_software.description 
_software.dependencies 
_software.hardware 
_software.language 
_software.location 
_software.mods 
_software.name 
_software.os 
_software.os_version 
_software.type 
_software.version 
_software.pdbx_ordinal 
? refinement       ? ? ? ? ? ? ? ? ? ? ? PHENIX ? ? ? '(1.11.1_2575: ???)' 1 
? 'data reduction' ? ? ? ? ? ? ? ? ? ? ? XDS    ? ? ? .                    2 
? phasing          ? ? ? ? ? ? ? ? ? ? ? PHASER ? ? ? .                    3 
# 
_cell.angle_alpha                  90.00 
_cell.angle_alpha_esd              ? 
_cell.angle_beta                   90.00 
_cell.angle_beta_esd               ? 
_cell.angle_gamma                  120.00 
_cell.angle_gamma_esd              ? 
_cell.entry_id                     6EPW 
_cell.details                      ? 
_cell.formula_units_Z              ? 
_cell.length_a                     79.072 
_cell.length_a_esd                 ? 
_cell.length_b                     79.072 
_cell.length_b_esd                 ? 
_cell.length_c                     139.764 
_cell.length_c_esd                 ? 
_cell.volume                       ? 
_cell.volume_esd                   ? 
_cell.Z_PDB                        12 
_cell.reciprocal_angle_alpha       ? 
_cell.reciprocal_angle_beta        ? 
_cell.reciprocal_angle_gamma       ? 
_cell.reciprocal_angle_alpha_esd   ? 
_cell.reciprocal_angle_beta_esd    ? 
_cell.reciprocal_angle_gamma_esd   ? 
_cell.reciprocal_length_a          ? 
_cell.reciprocal_length_b          ? 
_cell.reciprocal_length_c          ? 
_cell.reciprocal_length_a_esd      ? 
_cell.reciprocal_length_b_esd      ? 
_cell.reciprocal_length_c_esd      ? 
_cell.pdbx_unique_axis             ? 
# 
_symmetry.entry_id                         6EPW 
_symmetry.cell_setting                     ? 
_symmetry.Int_Tables_number                179 
_symmetry.space_group_name_Hall            ? 
_symmetry.space_group_name_H-M             'P 65 2 2' 
_symmetry.pdbx_full_space_group_name_H-M   ? 
# 
_exptl.absorpt_coefficient_mu     ? 
_exptl.absorpt_correction_T_max   ? 
_exptl.absorpt_correction_T_min   ? 
_exptl.absorpt_correction_type    ? 
_exptl.absorpt_process_details    ? 
_exptl.entry_id                   6EPW 
_exptl.crystals_number            1 
_exptl.details                    ? 
_exptl.method                     'X-RAY DIFFRACTION' 
_exptl.method_details             ? 
# 
_exptl_crystal.colour                      ? 
_exptl_crystal.density_diffrn              ? 
_exptl_crystal.density_Matthews            4.08 
_exptl_crystal.density_method              ? 
_exptl_crystal.density_percent_sol         69.86 
_exptl_crystal.description                 ? 
_exptl_crystal.F_000                       ? 
_exptl_crystal.id                          1 
_exptl_crystal.preparation                 ? 
_exptl_crystal.size_max                    ? 
_exptl_crystal.size_mid                    ? 
_exptl_crystal.size_min                    ? 
_exptl_crystal.size_rad                    ? 
_exptl_crystal.colour_lustre               ? 
_exptl_crystal.colour_modifier             ? 
_exptl_crystal.colour_primary              ? 
_exptl_crystal.density_meas                ? 
_exptl_crystal.density_meas_esd            ? 
_exptl_crystal.density_meas_gt             ? 
_exptl_crystal.density_meas_lt             ? 
_exptl_crystal.density_meas_temp           ? 
_exptl_crystal.density_meas_temp_esd       ? 
_exptl_crystal.density_meas_temp_gt        ? 
_exptl_crystal.density_meas_temp_lt        ? 
_exptl_crystal.pdbx_crystal_image_url      ? 
_exptl_crystal.pdbx_crystal_image_format   ? 
_exptl_crystal.pdbx_mosaicity              ? 
_exptl_crystal.pdbx_mosaicity_esd          ? 
# 
_exptl_crystal_grow.apparatus       ? 
_exptl_crystal_grow.atmosphere      ? 
_exptl_crystal_grow.crystal_id      1 
_exptl_crystal_grow.details         ? 
_exptl_crystal_grow.method          'VAPOR DIFFUSION, HANGING DROP' 
_exptl_crystal_grow.method_ref      ? 
_exptl_crystal_grow.pH              ? 
_exptl_crystal_grow.pressure        ? 
_exptl_crystal_grow.pressure_esd    ? 
_exptl_crystal_grow.seeding         ? 
_exptl_crystal_grow.seeding_ref     ? 
_exptl_crystal_grow.temp            277 
_exptl_crystal_grow.temp_details    ? 
_exptl_crystal_grow.temp_esd        ? 
_exptl_crystal_grow.time            ? 
_exptl_crystal_grow.pdbx_details    '2M ammonium sulfate, 0.1M Bis-Tris pH 5.5' 
_exptl_crystal_grow.pdbx_pH_range   ? 
# 
_diffrn.ambient_environment    ? 
_diffrn.ambient_temp           100 
_diffrn.ambient_temp_details   ? 
_diffrn.ambient_temp_esd       ? 
_diffrn.crystal_id             1 
_diffrn.crystal_support        ? 
_diffrn.crystal_treatment      ? 
_diffrn.details                ? 
_diffrn.id                     1 
_diffrn.ambient_pressure       ? 
_diffrn.ambient_pressure_esd   ? 
_diffrn.ambient_pressure_gt    ? 
_diffrn.ambient_pressure_lt    ? 
_diffrn.ambient_temp_gt        ? 
_diffrn.ambient_temp_lt        ? 
# 
_diffrn_detector.details                      ? 
_diffrn_detector.detector                     PIXEL 
_diffrn_detector.diffrn_id                    1 
_diffrn_detector.type                         'DECTRIS EIGER X 16M' 
_diffrn_detector.area_resol_mean              ? 
_diffrn_detector.dtime                        ? 
_diffrn_detector.pdbx_frames_total            ? 
_diffrn_detector.pdbx_collection_time_total   ? 
_diffrn_detector.pdbx_collection_date         2017-07-25 
# 
_diffrn_radiation.collimation                      ? 
_diffrn_radiation.diffrn_id                        1 
_diffrn_radiation.filter_edge                      ? 
_diffrn_radiation.inhomogeneity                    ? 
_diffrn_radiation.monochromator                    ? 
_diffrn_radiation.polarisn_norm                    ? 
_diffrn_radiation.polarisn_ratio                   ? 
_diffrn_radiation.probe                            ? 
_diffrn_radiation.type                             ? 
_diffrn_radiation.xray_symbol                      ? 
_diffrn_radiation.wavelength_id                    1 
_diffrn_radiation.pdbx_monochromatic_or_laue_m_l   M 
_diffrn_radiation.pdbx_wavelength_list             ? 
_diffrn_radiation.pdbx_wavelength                  ? 
_diffrn_radiation.pdbx_diffrn_protocol             'SINGLE WAVELENGTH' 
_diffrn_radiation.pdbx_analyzer                    ? 
_diffrn_radiation.pdbx_scattering_type             x-ray 
# 
_diffrn_radiation_wavelength.id           1 
_diffrn_radiation_wavelength.wavelength   0.999870 
_diffrn_radiation_wavelength.wt           1.0 
# 
_diffrn_source.current                     ? 
_diffrn_source.details                     ? 
_diffrn_source.diffrn_id                   1 
_diffrn_source.power                       ? 
_diffrn_source.size                        ? 
_diffrn_source.source                      SYNCHROTRON 
_diffrn_source.target                      ? 
_diffrn_source.type                        'SLS BEAMLINE X06SA' 
_diffrn_source.voltage                     ? 
_diffrn_source.take-off_angle              ? 
_diffrn_source.pdbx_wavelength_list        0.999870 
_diffrn_source.pdbx_wavelength             ? 
_diffrn_source.pdbx_synchrotron_beamline   X06SA 
_diffrn_source.pdbx_synchrotron_site       SLS 
# 
_reflns.B_iso_Wilson_estimate            ? 
_reflns.entry_id                         6EPW 
_reflns.data_reduction_details           ? 
_reflns.data_reduction_method            ? 
_reflns.d_resolution_high                1.92 
_reflns.d_resolution_low                 48.910 
_reflns.details                          ? 
_reflns.limit_h_max                      ? 
_reflns.limit_h_min                      ? 
_reflns.limit_k_max                      ? 
_reflns.limit_k_min                      ? 
_reflns.limit_l_max                      ? 
_reflns.limit_l_min                      ? 
_reflns.number_all                       ? 
_reflns.number_obs                       37062 
_reflns.observed_criterion               ? 
_reflns.observed_criterion_F_max         ? 
_reflns.observed_criterion_F_min         ? 
_reflns.observed_criterion_I_max         ? 
_reflns.observed_criterion_I_min         ? 
_reflns.observed_criterion_sigma_F       ? 
_reflns.observed_criterion_sigma_I       ? 
_reflns.percent_possible_obs             99.7 
_reflns.R_free_details                   ? 
_reflns.Rmerge_F_all                     ? 
_reflns.Rmerge_F_obs                     ? 
_reflns.Friedel_coverage                 ? 
_reflns.number_gt                        ? 
_reflns.threshold_expression             ? 
_reflns.pdbx_redundancy                  6.87 
_reflns.pdbx_Rmerge_I_obs                ? 
_reflns.pdbx_Rmerge_I_all                ? 
_reflns.pdbx_Rsym_value                  ? 
_reflns.pdbx_netI_over_av_sigmaI         ? 
_reflns.pdbx_netI_over_sigmaI            23.91 
_reflns.pdbx_res_netI_over_av_sigmaI_2   ? 
_reflns.pdbx_res_netI_over_sigmaI_2      ? 
_reflns.pdbx_chi_squared                 ? 
_reflns.pdbx_scaling_rejects             ? 
_reflns.pdbx_d_res_high_opt              ? 
_reflns.pdbx_d_res_low_opt               ? 
_reflns.pdbx_d_res_opt_method            ? 
_reflns.phase_calculation_details        ? 
_reflns.pdbx_Rrim_I_all                  0.046 
_reflns.pdbx_Rpim_I_all                  ? 
_reflns.pdbx_d_opt                       ? 
_reflns.pdbx_number_measured_all         ? 
_reflns.pdbx_diffrn_id                   1 
_reflns.pdbx_ordinal                     1 
_reflns.pdbx_CC_half                     1 
_reflns.pdbx_R_split                     ? 
# 
_reflns_shell.d_res_high                  1.92 
_reflns_shell.d_res_low                   2.04 
_reflns_shell.meanI_over_sigI_all         ? 
_reflns_shell.meanI_over_sigI_obs         2.03 
_reflns_shell.number_measured_all         ? 
_reflns_shell.number_measured_obs         ? 
_reflns_shell.number_possible             ? 
_reflns_shell.number_unique_all           ? 
_reflns_shell.number_unique_obs           5875 
_reflns_shell.percent_possible_all        98.3 
_reflns_shell.percent_possible_obs        ? 
_reflns_shell.Rmerge_F_all                ? 
_reflns_shell.Rmerge_F_obs                ? 
_reflns_shell.Rmerge_I_all                ? 
_reflns_shell.Rmerge_I_obs                ? 
_reflns_shell.meanI_over_sigI_gt          ? 
_reflns_shell.meanI_over_uI_all           ? 
_reflns_shell.meanI_over_uI_gt            ? 
_reflns_shell.number_measured_gt          ? 
_reflns_shell.number_unique_gt            ? 
_reflns_shell.percent_possible_gt         ? 
_reflns_shell.Rmerge_F_gt                 ? 
_reflns_shell.Rmerge_I_gt                 ? 
_reflns_shell.pdbx_redundancy             5.88 
_reflns_shell.pdbx_Rsym_value             ? 
_reflns_shell.pdbx_chi_squared            ? 
_reflns_shell.pdbx_netI_over_sigmaI_all   ? 
_reflns_shell.pdbx_netI_over_sigmaI_obs   ? 
_reflns_shell.pdbx_Rrim_I_all             0.849 
_reflns_shell.pdbx_Rpim_I_all             ? 
_reflns_shell.pdbx_rejects                ? 
_reflns_shell.pdbx_ordinal                1 
_reflns_shell.pdbx_diffrn_id              1 
_reflns_shell.pdbx_CC_half                0.832 
_reflns_shell.pdbx_R_split                ? 
# 
_refine.aniso_B[1][1]                            ? 
_refine.aniso_B[1][2]                            ? 
_refine.aniso_B[1][3]                            ? 
_refine.aniso_B[2][2]                            ? 
_refine.aniso_B[2][3]                            ? 
_refine.aniso_B[3][3]                            ? 
_refine.B_iso_max                                ? 
_refine.B_iso_mean                               ? 
_refine.B_iso_min                                ? 
_refine.correlation_coeff_Fo_to_Fc               ? 
_refine.correlation_coeff_Fo_to_Fc_free          ? 
_refine.details                                  ? 
_refine.diff_density_max                         ? 
_refine.diff_density_max_esd                     ? 
_refine.diff_density_min                         ? 
_refine.diff_density_min_esd                     ? 
_refine.diff_density_rms                         ? 
_refine.diff_density_rms_esd                     ? 
_refine.entry_id                                 6EPW 
_refine.pdbx_refine_id                           'X-RAY DIFFRACTION' 
_refine.ls_abs_structure_details                 ? 
_refine.ls_abs_structure_Flack                   ? 
_refine.ls_abs_structure_Flack_esd               ? 
_refine.ls_abs_structure_Rogers                  ? 
_refine.ls_abs_structure_Rogers_esd              ? 
_refine.ls_d_res_high                            1.924 
_refine.ls_d_res_low                             48.910 
_refine.ls_extinction_coef                       ? 
_refine.ls_extinction_coef_esd                   ? 
_refine.ls_extinction_expression                 ? 
_refine.ls_extinction_method                     ? 
_refine.ls_goodness_of_fit_all                   ? 
_refine.ls_goodness_of_fit_all_esd               ? 
_refine.ls_goodness_of_fit_obs                   ? 
_refine.ls_goodness_of_fit_obs_esd               ? 
_refine.ls_hydrogen_treatment                    ? 
_refine.ls_matrix_type                           ? 
_refine.ls_number_constraints                    ? 
_refine.ls_number_parameters                     ? 
_refine.ls_number_reflns_all                     ? 
_refine.ls_number_reflns_obs                     36990 
_refine.ls_number_reflns_R_free                  1862 
_refine.ls_number_reflns_R_work                  ? 
_refine.ls_number_restraints                     ? 
_refine.ls_percent_reflns_obs                    99.67 
_refine.ls_percent_reflns_R_free                 5.03 
_refine.ls_R_factor_all                          ? 
_refine.ls_R_factor_obs                          0.2238 
_refine.ls_R_factor_R_free                       0.2429 
_refine.ls_R_factor_R_free_error                 ? 
_refine.ls_R_factor_R_free_error_details         ? 
_refine.ls_R_factor_R_work                       0.2227 
_refine.ls_R_Fsqd_factor_obs                     ? 
_refine.ls_R_I_factor_obs                        ? 
_refine.ls_redundancy_reflns_all                 ? 
_refine.ls_redundancy_reflns_obs                 ? 
_refine.ls_restrained_S_all                      ? 
_refine.ls_restrained_S_obs                      ? 
_refine.ls_shift_over_esd_max                    ? 
_refine.ls_shift_over_esd_mean                   ? 
_refine.ls_structure_factor_coef                 ? 
_refine.ls_weighting_details                     ? 
_refine.ls_weighting_scheme                      ? 
_refine.ls_wR_factor_all                         ? 
_refine.ls_wR_factor_obs                         ? 
_refine.ls_wR_factor_R_free                      ? 
_refine.ls_wR_factor_R_work                      ? 
_refine.occupancy_max                            ? 
_refine.occupancy_min                            ? 
_refine.solvent_model_details                    ? 
_refine.solvent_model_param_bsol                 ? 
_refine.solvent_model_param_ksol                 ? 
_refine.ls_R_factor_gt                           ? 
_refine.ls_goodness_of_fit_gt                    ? 
_refine.ls_goodness_of_fit_ref                   ? 
_refine.ls_shift_over_su_max                     ? 
_refine.ls_shift_over_su_max_lt                  ? 
_refine.ls_shift_over_su_mean                    ? 
_refine.ls_shift_over_su_mean_lt                 ? 
_refine.pdbx_ls_sigma_I                          ? 
_refine.pdbx_ls_sigma_F                          1.37 
_refine.pdbx_ls_sigma_Fsqd                       ? 
_refine.pdbx_data_cutoff_high_absF               ? 
_refine.pdbx_data_cutoff_high_rms_absF           ? 
_refine.pdbx_data_cutoff_low_absF                ? 
_refine.pdbx_isotropic_thermal_model             ? 
_refine.pdbx_ls_cross_valid_method               'FREE R-VALUE' 
_refine.pdbx_method_to_determine_struct          'MOLECULAR REPLACEMENT' 
_refine.pdbx_starting_model                      ? 
_refine.pdbx_stereochemistry_target_values       ? 
_refine.pdbx_R_Free_selection_details            ? 
_refine.pdbx_stereochem_target_val_spec_case     ? 
_refine.pdbx_overall_ESU_R                       ? 
_refine.pdbx_overall_ESU_R_Free                  ? 
_refine.pdbx_solvent_vdw_probe_radii             1.11 
_refine.pdbx_solvent_ion_probe_radii             ? 
_refine.pdbx_solvent_shrinkage_radii             0.90 
_refine.pdbx_real_space_R                        ? 
_refine.pdbx_density_correlation                 ? 
_refine.pdbx_pd_number_of_powder_patterns        ? 
_refine.pdbx_pd_number_of_points                 ? 
_refine.pdbx_pd_meas_number_of_points            ? 
_refine.pdbx_pd_proc_ls_prof_R_factor            ? 
_refine.pdbx_pd_proc_ls_prof_wR_factor           ? 
_refine.pdbx_pd_Marquardt_correlation_coeff      ? 
_refine.pdbx_pd_Fsqrd_R_factor                   ? 
_refine.pdbx_pd_ls_matrix_band_width             ? 
_refine.pdbx_overall_phase_error                 25.08 
_refine.pdbx_overall_SU_R_free_Cruickshank_DPI   ? 
_refine.pdbx_overall_SU_R_free_Blow_DPI          ? 
_refine.pdbx_overall_SU_R_Blow_DPI               ? 
_refine.pdbx_TLS_residual_ADP_flag               ? 
_refine.pdbx_diffrn_id                           1 
_refine.overall_SU_B                             ? 
_refine.overall_SU_ML                            0.22 
_refine.overall_SU_R_Cruickshank_DPI             ? 
_refine.overall_SU_R_free                        ? 
_refine.overall_FOM_free_R_set                   ? 
_refine.overall_FOM_work_R_set                   ? 
_refine.pdbx_average_fsc_overall                 ? 
_refine.pdbx_average_fsc_work                    ? 
_refine.pdbx_average_fsc_free                    ? 
# 
_refine_hist.pdbx_refine_id                   'X-RAY DIFFRACTION' 
_refine_hist.cycle_id                         LAST 
_refine_hist.pdbx_number_atoms_protein        1069 
_refine_hist.pdbx_number_atoms_nucleic_acid   0 
_refine_hist.pdbx_number_atoms_ligand         51 
_refine_hist.number_atoms_solvent             46 
_refine_hist.number_atoms_total               1166 
_refine_hist.d_res_high                       1.924 
_refine_hist.d_res_low                        48.910 
# 
loop_
_refine_ls_restr.pdbx_refine_id 
_refine_ls_restr.criterion 
_refine_ls_restr.dev_ideal 
_refine_ls_restr.dev_ideal_target 
_refine_ls_restr.number 
_refine_ls_restr.rejects 
_refine_ls_restr.type 
_refine_ls_restr.weight 
_refine_ls_restr.pdbx_restraint_function 
'X-RAY DIFFRACTION' ? 0.009 ? 1149 ? f_bond_d           ? ? 
'X-RAY DIFFRACTION' ? 1.597 ? 1561 ? f_angle_d          ? ? 
'X-RAY DIFFRACTION' ? 9.983 ? 992  ? f_dihedral_angle_d ? ? 
'X-RAY DIFFRACTION' ? 0.044 ? 170  ? f_chiral_restr     ? ? 
'X-RAY DIFFRACTION' ? 0.005 ? 206  ? f_plane_restr      ? ? 
# 
loop_
_refine_ls_shell.pdbx_refine_id 
_refine_ls_shell.d_res_high 
_refine_ls_shell.d_res_low 
_refine_ls_shell.number_reflns_all 
_refine_ls_shell.number_reflns_obs 
_refine_ls_shell.number_reflns_R_free 
_refine_ls_shell.number_reflns_R_work 
_refine_ls_shell.percent_reflns_obs 
_refine_ls_shell.percent_reflns_R_free 
_refine_ls_shell.R_factor_all 
_refine_ls_shell.R_factor_obs 
_refine_ls_shell.R_factor_R_free 
_refine_ls_shell.R_factor_R_free_error 
_refine_ls_shell.R_factor_R_work 
_refine_ls_shell.redundancy_reflns_all 
_refine_ls_shell.redundancy_reflns_obs 
_refine_ls_shell.wR_factor_all 
_refine_ls_shell.wR_factor_obs 
_refine_ls_shell.wR_factor_R_free 
_refine_ls_shell.wR_factor_R_work 
_refine_ls_shell.pdbx_total_number_of_bins_used 
_refine_ls_shell.pdbx_phase_error 
_refine_ls_shell.pdbx_fsc_work 
_refine_ls_shell.pdbx_fsc_free 
'X-RAY DIFFRACTION' 1.9238 1.9758  . . 138 2604 96.00  . . . 0.3147 . 0.3099 . . . . . . . . . . 
'X-RAY DIFFRACTION' 1.9758 2.0340  . . 141 2724 100.00 . . . 0.2988 . 0.2736 . . . . . . . . . . 
'X-RAY DIFFRACTION' 2.0340 2.0996  . . 141 2679 100.00 . . . 0.2394 . 0.2562 . . . . . . . . . . 
'X-RAY DIFFRACTION' 2.0996 2.1747  . . 141 2732 100.00 . . . 0.2905 . 0.2453 . . . . . . . . . . 
'X-RAY DIFFRACTION' 2.1747 2.2617  . . 146 2706 100.00 . . . 0.2863 . 0.2327 . . . . . . . . . . 
'X-RAY DIFFRACTION' 2.2617 2.3647  . . 139 2692 100.00 . . . 0.2511 . 0.2379 . . . . . . . . . . 
'X-RAY DIFFRACTION' 2.3647 2.4893  . . 146 2741 100.00 . . . 0.2727 . 0.2431 . . . . . . . . . . 
'X-RAY DIFFRACTION' 2.4893 2.6453  . . 144 2711 100.00 . . . 0.3003 . 0.2434 . . . . . . . . . . 
'X-RAY DIFFRACTION' 2.6453 2.8495  . . 148 2676 100.00 . . . 0.2709 . 0.2484 . . . . . . . . . . 
'X-RAY DIFFRACTION' 2.8495 3.1362  . . 145 2723 100.00 . . . 0.2637 . 0.2392 . . . . . . . . . . 
'X-RAY DIFFRACTION' 3.1362 3.5899  . . 146 2719 100.00 . . . 0.2252 . 0.2262 . . . . . . . . . . 
'X-RAY DIFFRACTION' 3.5899 4.5224  . . 145 2692 100.00 . . . 0.2283 . 0.1914 . . . . . . . . . . 
'X-RAY DIFFRACTION' 4.5224 48.9260 . . 142 2729 100.00 . . . 0.2031 . 0.2031 . . . . . . . . . . 
# 
_struct.entry_id                     6EPW 
_struct.title                        'The ATAD2 bromodomain in complex with compound UZH-DU32' 
_struct.pdbx_model_details           ? 
_struct.pdbx_formula_weight          ? 
_struct.pdbx_formula_weight_method   ? 
_struct.pdbx_model_type_details      ? 
_struct.pdbx_CASP_flag               N 
# 
_struct_keywords.entry_id        6EPW 
_struct_keywords.text            'Bromodomain, ATAD2, inhibitor, complex, CYTOSOLIC PROTEIN' 
_struct_keywords.pdbx_keywords   'CYTOSOLIC PROTEIN' 
# 
loop_
_struct_asym.id 
_struct_asym.pdbx_blank_PDB_chainid_flag 
_struct_asym.pdbx_modified 
_struct_asym.entity_id 
_struct_asym.details 
A N N 1 ? 
B N N 2 ? 
C N N 2 ? 
D N N 3 ? 
E N N 4 ? 
# 
_struct_ref.id                         1 
_struct_ref.db_name                    UNP 
_struct_ref.db_code                    ATAD2_HUMAN 
_struct_ref.pdbx_db_accession          Q6PL18 
_struct_ref.pdbx_db_isoform            ? 
_struct_ref.entity_id                  1 
_struct_ref.pdbx_seq_one_letter_code   
;QEEDTFRELRIFLRNVTHRLAIDKRFRVFTKPVDPDEVPDYVTVIKQPMDLSSVISKIDLHKYLTVKDYLRDIDLICSNA
LEYNPDRDPGDRLIRHRACALRDTAYAIIKEELDEDFEQLCEEIQESR
;
_struct_ref.pdbx_align_begin           981 
# 
_struct_ref_seq.align_id                      1 
_struct_ref_seq.ref_id                        1 
_struct_ref_seq.pdbx_PDB_id_code              6EPW 
_struct_ref_seq.pdbx_strand_id                A 
_struct_ref_seq.seq_align_beg                 3 
_struct_ref_seq.pdbx_seq_align_beg_ins_code   ? 
_struct_ref_seq.seq_align_end                 130 
_struct_ref_seq.pdbx_seq_align_end_ins_code   ? 
_struct_ref_seq.pdbx_db_accession             Q6PL18 
_struct_ref_seq.db_align_beg                  981 
_struct_ref_seq.pdbx_db_align_beg_ins_code    ? 
_struct_ref_seq.db_align_end                  1108 
_struct_ref_seq.pdbx_db_align_end_ins_code    ? 
_struct_ref_seq.pdbx_auth_seq_align_beg       981 
_struct_ref_seq.pdbx_auth_seq_align_end       1108 
# 
loop_
_struct_ref_seq_dif.align_id 
_struct_ref_seq_dif.pdbx_pdb_id_code 
_struct_ref_seq_dif.mon_id 
_struct_ref_seq_dif.pdbx_pdb_strand_id 
_struct_ref_seq_dif.seq_num 
_struct_ref_seq_dif.pdbx_pdb_ins_code 
_struct_ref_seq_dif.pdbx_seq_db_name 
_struct_ref_seq_dif.pdbx_seq_db_accession_code 
_struct_ref_seq_dif.db_mon_id 
_struct_ref_seq_dif.pdbx_seq_db_seq_num 
_struct_ref_seq_dif.details 
_struct_ref_seq_dif.pdbx_auth_seq_num 
_struct_ref_seq_dif.pdbx_ordinal 
1 6EPW SER A 1 ? UNP Q6PL18 ? ? 'expression tag' 979 1 
1 6EPW MET A 2 ? UNP Q6PL18 ? ? 'expression tag' 980 2 
# 
_pdbx_struct_assembly.id                   1 
_pdbx_struct_assembly.details              author_and_software_defined_assembly 
_pdbx_struct_assembly.method_details       PISA 
_pdbx_struct_assembly.oligomeric_details   monomeric 
_pdbx_struct_assembly.oligomeric_count     1 
# 
loop_
_pdbx_struct_assembly_prop.biol_id 
_pdbx_struct_assembly_prop.type 
_pdbx_struct_assembly_prop.value 
_pdbx_struct_assembly_prop.details 
1 'ABSA (A^2)' 190  ? 
1 MORE         -14  ? 
1 'SSA (A^2)'  7950 ? 
# 
_pdbx_struct_assembly_gen.assembly_id       1 
_pdbx_struct_assembly_gen.oper_expression   1 
_pdbx_struct_assembly_gen.asym_id_list      A,B,C,D,E 
# 
_pdbx_struct_assembly_auth_evidence.id                     1 
_pdbx_struct_assembly_auth_evidence.assembly_id            1 
_pdbx_struct_assembly_auth_evidence.experimental_support   'gel filtration' 
_pdbx_struct_assembly_auth_evidence.details                ? 
# 
_pdbx_struct_oper_list.id                   1 
_pdbx_struct_oper_list.type                 'identity operation' 
_pdbx_struct_oper_list.name                 1_555 
_pdbx_struct_oper_list.symmetry_operation   x,y,z 
_pdbx_struct_oper_list.matrix[1][1]         1.0000000000 
_pdbx_struct_oper_list.matrix[1][2]         0.0000000000 
_pdbx_struct_oper_list.matrix[1][3]         0.0000000000 
_pdbx_struct_oper_list.vector[1]            0.0000000000 
_pdbx_struct_oper_list.matrix[2][1]         0.0000000000 
_pdbx_struct_oper_list.matrix[2][2]         1.0000000000 
_pdbx_struct_oper_list.matrix[2][3]         0.0000000000 
_pdbx_struct_oper_list.vector[2]            0.0000000000 
_pdbx_struct_oper_list.matrix[3][1]         0.0000000000 
_pdbx_struct_oper_list.matrix[3][2]         0.0000000000 
_pdbx_struct_oper_list.matrix[3][3]         1.0000000000 
_pdbx_struct_oper_list.vector[3]            0.0000000000 
# 
loop_
_struct_conf.conf_type_id 
_struct_conf.id 
_struct_conf.pdbx_PDB_helix_id 
_struct_conf.beg_label_comp_id 
_struct_conf.beg_label_asym_id 
_struct_conf.beg_label_seq_id 
_struct_conf.pdbx_beg_PDB_ins_code 
_struct_conf.end_label_comp_id 
_struct_conf.end_label_asym_id 
_struct_conf.end_label_seq_id 
_struct_conf.pdbx_end_PDB_ins_code 
_struct_conf.beg_auth_comp_id 
_struct_conf.beg_auth_asym_id 
_struct_conf.beg_auth_seq_id 
_struct_conf.end_auth_comp_id 
_struct_conf.end_auth_asym_id 
_struct_conf.end_auth_seq_id 
_struct_conf.pdbx_PDB_helix_class 
_struct_conf.details 
_struct_conf.pdbx_PDB_helix_length 
HELX_P HELX_P1 AA1 SER A 1   ? ILE A 24  ? SER A 979  ILE A 1002 1 ? 24 
HELX_P HELX_P2 AA2 ASP A 25  ? THR A 32  ? ASP A 1003 THR A 1010 5 ? 8  
HELX_P HELX_P3 AA3 ASP A 42  ? ILE A 47  ? ASP A 1020 ILE A 1025 1 ? 6  
HELX_P HELX_P4 AA4 ASP A 52  ? LEU A 62  ? ASP A 1030 LEU A 1040 1 ? 11 
HELX_P HELX_P5 AA5 THR A 67  ? ASN A 86  ? THR A 1045 ASN A 1064 1 ? 20 
HELX_P HELX_P6 AA6 ASP A 90  ? LEU A 115 ? ASP A 1068 LEU A 1093 1 ? 26 
HELX_P HELX_P7 AA7 ASP A 116 ? SER A 129 ? ASP A 1094 SER A 1107 1 ? 14 
# 
_struct_conf_type.id          HELX_P 
_struct_conf_type.criteria    ? 
_struct_conf_type.reference   ? 
# 
loop_
_struct_site.id 
_struct_site.pdbx_evidence_code 
_struct_site.pdbx_auth_asym_id 
_struct_site.pdbx_auth_comp_id 
_struct_site.pdbx_auth_seq_id 
_struct_site.pdbx_auth_ins_code 
_struct_site.pdbx_num_residues 
_struct_site.details 
AC1 Software A BQ8 1201 ? 9  'binding site for residue BQ8 A 1201' 
AC2 Software A BQ8 1202 ? 10 'binding site for residue BQ8 A 1202' 
AC3 Software A SO4 1203 ? 4  'binding site for residue SO4 A 1203' 
# 
loop_
_struct_site_gen.id 
_struct_site_gen.site_id 
_struct_site_gen.pdbx_num_res 
_struct_site_gen.label_comp_id 
_struct_site_gen.label_asym_id 
_struct_site_gen.label_seq_id 
_struct_site_gen.pdbx_auth_ins_code 
_struct_site_gen.auth_comp_id 
_struct_site_gen.auth_asym_id 
_struct_site_gen.auth_seq_id 
_struct_site_gen.label_atom_id 
_struct_site_gen.label_alt_id 
_struct_site_gen.symmetry 
_struct_site_gen.details 
1  AC1 9  VAL A 30 ? VAL A 1008 . ? 1_555  ? 
2  AC1 9  VAL A 35 ? VAL A 1013 . ? 1_555  ? 
3  AC1 9  TYR A 85 ? TYR A 1063 . ? 1_555  ? 
4  AC1 9  ASN A 86 ? ASN A 1064 . ? 1_555  ? 
5  AC1 9  GLY A 92 ? GLY A 1070 . ? 1_555  ? 
6  AC1 9  ASP A 93 ? ASP A 1071 . ? 1_555  ? 
7  AC1 9  HOH E .  ? HOH A 1303 . ? 1_555  ? 
8  AC1 9  HOH E .  ? HOH A 1317 . ? 1_555  ? 
9  AC1 9  HOH E .  ? HOH A 1329 . ? 1_555  ? 
10 AC2 10 PRO A 34 ? PRO A 1012 . ? 1_555  ? 
11 AC2 10 VAL A 35 ? VAL A 1013 . ? 1_555  ? 
12 AC2 10 ASP A 36 ? ASP A 1014 . ? 10_447 ? 
13 AC2 10 PRO A 37 ? PRO A 1015 . ? 1_555  ? 
14 AC2 10 TYR A 43 ? TYR A 1021 . ? 1_555  ? 
15 AC2 10 ILE A 47 ? ILE A 1025 . ? 1_555  ? 
16 AC2 10 PRO A 50 ? PRO A 1028 . ? 1_555  ? 
17 AC2 10 HOH E .  ? HOH A 1301 . ? 10_447 ? 
18 AC2 10 HOH E .  ? HOH A 1301 . ? 1_555  ? 
19 AC2 10 HOH E .  ? HOH A 1302 . ? 1_555  ? 
20 AC3 4  ARG A 9  ? ARG A 987  . ? 1_555  ? 
21 AC3 4  ARG A 12 ? ARG A 990  . ? 1_555  ? 
22 AC3 4  ARG A 16 ? ARG A 994  . ? 1_555  ? 
23 AC3 4  ARG A 89 ? ARG A 1067 . ? 6_444  ? 
# 
_pdbx_entry_details.entry_id                   6EPW 
_pdbx_entry_details.compound_details           ? 
_pdbx_entry_details.source_details             ? 
_pdbx_entry_details.nonpolymer_details         ? 
_pdbx_entry_details.sequence_details           ? 
_pdbx_entry_details.has_ligand_of_interest     ? 
_pdbx_entry_details.has_protein_modification   N 
# 
loop_
_pdbx_validate_symm_contact.id 
_pdbx_validate_symm_contact.PDB_model_num 
_pdbx_validate_symm_contact.auth_atom_id_1 
_pdbx_validate_symm_contact.auth_asym_id_1 
_pdbx_validate_symm_contact.auth_comp_id_1 
_pdbx_validate_symm_contact.auth_seq_id_1 
_pdbx_validate_symm_contact.PDB_ins_code_1 
_pdbx_validate_symm_contact.label_alt_id_1 
_pdbx_validate_symm_contact.site_symmetry_1 
_pdbx_validate_symm_contact.auth_atom_id_2 
_pdbx_validate_symm_contact.auth_asym_id_2 
_pdbx_validate_symm_contact.auth_comp_id_2 
_pdbx_validate_symm_contact.auth_seq_id_2 
_pdbx_validate_symm_contact.PDB_ins_code_2 
_pdbx_validate_symm_contact.label_alt_id_2 
_pdbx_validate_symm_contact.site_symmetry_2 
_pdbx_validate_symm_contact.dist 
1 1 NH1 A ARG 1067 ? ? 1_555 O2  A SO4 1203 ? ? 5_655  1.30 
2 1 CAA A BQ8 1202 ? ? 1_555 CAQ A BQ8 1202 ? ? 10_447 1.55 
# 
loop_
_pdbx_struct_special_symmetry.id 
_pdbx_struct_special_symmetry.PDB_model_num 
_pdbx_struct_special_symmetry.auth_asym_id 
_pdbx_struct_special_symmetry.auth_comp_id 
_pdbx_struct_special_symmetry.auth_seq_id 
_pdbx_struct_special_symmetry.PDB_ins_code 
_pdbx_struct_special_symmetry.label_asym_id 
_pdbx_struct_special_symmetry.label_comp_id 
_pdbx_struct_special_symmetry.label_seq_id 
1 1 A BQ8 1202 ? C BQ8 . 
2 1 A HOH 1344 ? E HOH . 
# 
loop_
_chem_comp_atom.comp_id 
_chem_comp_atom.atom_id 
_chem_comp_atom.type_symbol 
_chem_comp_atom.pdbx_aromatic_flag 
_chem_comp_atom.pdbx_stereo_config 
_chem_comp_atom.pdbx_ordinal 
ALA N    N N N 1   
ALA CA   C N S 2   
ALA C    C N N 3   
ALA O    O N N 4   
ALA CB   C N N 5   
ALA OXT  O N N 6   
ALA H    H N N 7   
ALA H2   H N N 8   
ALA HA   H N N 9   
ALA HB1  H N N 10  
ALA HB2  H N N 11  
ALA HB3  H N N 12  
ALA HXT  H N N 13  
ARG N    N N N 14  
ARG CA   C N S 15  
ARG C    C N N 16  
ARG O    O N N 17  
ARG CB   C N N 18  
ARG CG   C N N 19  
ARG CD   C N N 20  
ARG NE   N N N 21  
ARG CZ   C N N 22  
ARG NH1  N N N 23  
ARG NH2  N N N 24  
ARG OXT  O N N 25  
ARG H    H N N 26  
ARG H2   H N N 27  
ARG HA   H N N 28  
ARG HB2  H N N 29  
ARG HB3  H N N 30  
ARG HG2  H N N 31  
ARG HG3  H N N 32  
ARG HD2  H N N 33  
ARG HD3  H N N 34  
ARG HE   H N N 35  
ARG HH11 H N N 36  
ARG HH12 H N N 37  
ARG HH21 H N N 38  
ARG HH22 H N N 39  
ARG HXT  H N N 40  
ASN N    N N N 41  
ASN CA   C N S 42  
ASN C    C N N 43  
ASN O    O N N 44  
ASN CB   C N N 45  
ASN CG   C N N 46  
ASN OD1  O N N 47  
ASN ND2  N N N 48  
ASN OXT  O N N 49  
ASN H    H N N 50  
ASN H2   H N N 51  
ASN HA   H N N 52  
ASN HB2  H N N 53  
ASN HB3  H N N 54  
ASN HD21 H N N 55  
ASN HD22 H N N 56  
ASN HXT  H N N 57  
ASP N    N N N 58  
ASP CA   C N S 59  
ASP C    C N N 60  
ASP O    O N N 61  
ASP CB   C N N 62  
ASP CG   C N N 63  
ASP OD1  O N N 64  
ASP OD2  O N N 65  
ASP OXT  O N N 66  
ASP H    H N N 67  
ASP H2   H N N 68  
ASP HA   H N N 69  
ASP HB2  H N N 70  
ASP HB3  H N N 71  
ASP HD2  H N N 72  
ASP HXT  H N N 73  
BQ8 N    N N N 74  
BQ8 CA   C N R 75  
BQ8 C    C N N 76  
BQ8 O    O N N 77  
BQ8 CB   C N N 78  
BQ8 CAA  C N N 79  
BQ8 CAI  C Y N 80  
BQ8 CAJ  C Y N 81  
BQ8 CAK  C Y N 82  
BQ8 CAP  C N N 83  
BQ8 CAQ  C N N 84  
BQ8 CAS  C Y N 85  
BQ8 CAT  C Y N 86  
BQ8 CAU  C Y N 87  
BQ8 CAV  C Y N 88  
BQ8 CAW  C Y N 89  
BQ8 CAX  C Y N 90  
BQ8 NAC  N N N 91  
BQ8 NAD  N N N 92  
BQ8 NAL  N Y N 93  
BQ8 NAM  N N N 94  
BQ8 OAE  O N N 95  
BQ8 OAG  O N N 96  
BQ8 OAH  O N N 97  
BQ8 SAO  S Y N 98  
BQ8 H1   H N N 99  
BQ8 H2   H N N 100 
BQ8 H3   H N N 101 
BQ8 H4   H N N 102 
BQ8 H5   H N N 103 
BQ8 H6   H N N 104 
BQ8 H7   H N N 105 
BQ8 H8   H N N 106 
BQ8 H9   H N N 107 
BQ8 H10  H N N 108 
BQ8 H11  H N N 109 
BQ8 H12  H N N 110 
BQ8 H13  H N N 111 
BQ8 H14  H N N 112 
BQ8 H15  H N N 113 
BQ8 H16  H N N 114 
BQ8 H17  H N N 115 
CYS N    N N N 116 
CYS CA   C N R 117 
CYS C    C N N 118 
CYS O    O N N 119 
CYS CB   C N N 120 
CYS SG   S N N 121 
CYS OXT  O N N 122 
CYS H    H N N 123 
CYS H2   H N N 124 
CYS HA   H N N 125 
CYS HB2  H N N 126 
CYS HB3  H N N 127 
CYS HG   H N N 128 
CYS HXT  H N N 129 
GLN N    N N N 130 
GLN CA   C N S 131 
GLN C    C N N 132 
GLN O    O N N 133 
GLN CB   C N N 134 
GLN CG   C N N 135 
GLN CD   C N N 136 
GLN OE1  O N N 137 
GLN NE2  N N N 138 
GLN OXT  O N N 139 
GLN H    H N N 140 
GLN H2   H N N 141 
GLN HA   H N N 142 
GLN HB2  H N N 143 
GLN HB3  H N N 144 
GLN HG2  H N N 145 
GLN HG3  H N N 146 
GLN HE21 H N N 147 
GLN HE22 H N N 148 
GLN HXT  H N N 149 
GLU N    N N N 150 
GLU CA   C N S 151 
GLU C    C N N 152 
GLU O    O N N 153 
GLU CB   C N N 154 
GLU CG   C N N 155 
GLU CD   C N N 156 
GLU OE1  O N N 157 
GLU OE2  O N N 158 
GLU OXT  O N N 159 
GLU H    H N N 160 
GLU H2   H N N 161 
GLU HA   H N N 162 
GLU HB2  H N N 163 
GLU HB3  H N N 164 
GLU HG2  H N N 165 
GLU HG3  H N N 166 
GLU HE2  H N N 167 
GLU HXT  H N N 168 
GLY N    N N N 169 
GLY CA   C N N 170 
GLY C    C N N 171 
GLY O    O N N 172 
GLY OXT  O N N 173 
GLY H    H N N 174 
GLY H2   H N N 175 
GLY HA2  H N N 176 
GLY HA3  H N N 177 
GLY HXT  H N N 178 
HIS N    N N N 179 
HIS CA   C N S 180 
HIS C    C N N 181 
HIS O    O N N 182 
HIS CB   C N N 183 
HIS CG   C Y N 184 
HIS ND1  N Y N 185 
HIS CD2  C Y N 186 
HIS CE1  C Y N 187 
HIS NE2  N Y N 188 
HIS OXT  O N N 189 
HIS H    H N N 190 
HIS H2   H N N 191 
HIS HA   H N N 192 
HIS HB2  H N N 193 
HIS HB3  H N N 194 
HIS HD1  H N N 195 
HIS HD2  H N N 196 
HIS HE1  H N N 197 
HIS HE2  H N N 198 
HIS HXT  H N N 199 
HOH O    O N N 200 
HOH H1   H N N 201 
HOH H2   H N N 202 
ILE N    N N N 203 
ILE CA   C N S 204 
ILE C    C N N 205 
ILE O    O N N 206 
ILE CB   C N S 207 
ILE CG1  C N N 208 
ILE CG2  C N N 209 
ILE CD1  C N N 210 
ILE OXT  O N N 211 
ILE H    H N N 212 
ILE H2   H N N 213 
ILE HA   H N N 214 
ILE HB   H N N 215 
ILE HG12 H N N 216 
ILE HG13 H N N 217 
ILE HG21 H N N 218 
ILE HG22 H N N 219 
ILE HG23 H N N 220 
ILE HD11 H N N 221 
ILE HD12 H N N 222 
ILE HD13 H N N 223 
ILE HXT  H N N 224 
LEU N    N N N 225 
LEU CA   C N S 226 
LEU C    C N N 227 
LEU O    O N N 228 
LEU CB   C N N 229 
LEU CG   C N N 230 
LEU CD1  C N N 231 
LEU CD2  C N N 232 
LEU OXT  O N N 233 
LEU H    H N N 234 
LEU H2   H N N 235 
LEU HA   H N N 236 
LEU HB2  H N N 237 
LEU HB3  H N N 238 
LEU HG   H N N 239 
LEU HD11 H N N 240 
LEU HD12 H N N 241 
LEU HD13 H N N 242 
LEU HD21 H N N 243 
LEU HD22 H N N 244 
LEU HD23 H N N 245 
LEU HXT  H N N 246 
LYS N    N N N 247 
LYS CA   C N S 248 
LYS C    C N N 249 
LYS O    O N N 250 
LYS CB   C N N 251 
LYS CG   C N N 252 
LYS CD   C N N 253 
LYS CE   C N N 254 
LYS NZ   N N N 255 
LYS OXT  O N N 256 
LYS H    H N N 257 
LYS H2   H N N 258 
LYS HA   H N N 259 
LYS HB2  H N N 260 
LYS HB3  H N N 261 
LYS HG2  H N N 262 
LYS HG3  H N N 263 
LYS HD2  H N N 264 
LYS HD3  H N N 265 
LYS HE2  H N N 266 
LYS HE3  H N N 267 
LYS HZ1  H N N 268 
LYS HZ2  H N N 269 
LYS HZ3  H N N 270 
LYS HXT  H N N 271 
MET N    N N N 272 
MET CA   C N S 273 
MET C    C N N 274 
MET O    O N N 275 
MET CB   C N N 276 
MET CG   C N N 277 
MET SD   S N N 278 
MET CE   C N N 279 
MET OXT  O N N 280 
MET H    H N N 281 
MET H2   H N N 282 
MET HA   H N N 283 
MET HB2  H N N 284 
MET HB3  H N N 285 
MET HG2  H N N 286 
MET HG3  H N N 287 
MET HE1  H N N 288 
MET HE2  H N N 289 
MET HE3  H N N 290 
MET HXT  H N N 291 
PHE N    N N N 292 
PHE CA   C N S 293 
PHE C    C N N 294 
PHE O    O N N 295 
PHE CB   C N N 296 
PHE CG   C Y N 297 
PHE CD1  C Y N 298 
PHE CD2  C Y N 299 
PHE CE1  C Y N 300 
PHE CE2  C Y N 301 
PHE CZ   C Y N 302 
PHE OXT  O N N 303 
PHE H    H N N 304 
PHE H2   H N N 305 
PHE HA   H N N 306 
PHE HB2  H N N 307 
PHE HB3  H N N 308 
PHE HD1  H N N 309 
PHE HD2  H N N 310 
PHE HE1  H N N 311 
PHE HE2  H N N 312 
PHE HZ   H N N 313 
PHE HXT  H N N 314 
PRO N    N N N 315 
PRO CA   C N S 316 
PRO C    C N N 317 
PRO O    O N N 318 
PRO CB   C N N 319 
PRO CG   C N N 320 
PRO CD   C N N 321 
PRO OXT  O N N 322 
PRO H    H N N 323 
PRO HA   H N N 324 
PRO HB2  H N N 325 
PRO HB3  H N N 326 
PRO HG2  H N N 327 
PRO HG3  H N N 328 
PRO HD2  H N N 329 
PRO HD3  H N N 330 
PRO HXT  H N N 331 
SER N    N N N 332 
SER CA   C N S 333 
SER C    C N N 334 
SER O    O N N 335 
SER CB   C N N 336 
SER OG   O N N 337 
SER OXT  O N N 338 
SER H    H N N 339 
SER H2   H N N 340 
SER HA   H N N 341 
SER HB2  H N N 342 
SER HB3  H N N 343 
SER HG   H N N 344 
SER HXT  H N N 345 
SO4 S    S N N 346 
SO4 O1   O N N 347 
SO4 O2   O N N 348 
SO4 O3   O N N 349 
SO4 O4   O N N 350 
THR N    N N N 351 
THR CA   C N S 352 
THR C    C N N 353 
THR O    O N N 354 
THR CB   C N R 355 
THR OG1  O N N 356 
THR CG2  C N N 357 
THR OXT  O N N 358 
THR H    H N N 359 
THR H2   H N N 360 
THR HA   H N N 361 
THR HB   H N N 362 
THR HG1  H N N 363 
THR HG21 H N N 364 
THR HG22 H N N 365 
THR HG23 H N N 366 
THR HXT  H N N 367 
TYR N    N N N 368 
TYR CA   C N S 369 
TYR C    C N N 370 
TYR O    O N N 371 
TYR CB   C N N 372 
TYR CG   C Y N 373 
TYR CD1  C Y N 374 
TYR CD2  C Y N 375 
TYR CE1  C Y N 376 
TYR CE2  C Y N 377 
TYR CZ   C Y N 378 
TYR OH   O N N 379 
TYR OXT  O N N 380 
TYR H    H N N 381 
TYR H2   H N N 382 
TYR HA   H N N 383 
TYR HB2  H N N 384 
TYR HB3  H N N 385 
TYR HD1  H N N 386 
TYR HD2  H N N 387 
TYR HE1  H N N 388 
TYR HE2  H N N 389 
TYR HH   H N N 390 
TYR HXT  H N N 391 
VAL N    N N N 392 
VAL CA   C N S 393 
VAL C    C N N 394 
VAL O    O N N 395 
VAL CB   C N N 396 
VAL CG1  C N N 397 
VAL CG2  C N N 398 
VAL OXT  O N N 399 
VAL H    H N N 400 
VAL H2   H N N 401 
VAL HA   H N N 402 
VAL HB   H N N 403 
VAL HG11 H N N 404 
VAL HG12 H N N 405 
VAL HG13 H N N 406 
VAL HG21 H N N 407 
VAL HG22 H N N 408 
VAL HG23 H N N 409 
VAL HXT  H N N 410 
# 
loop_
_chem_comp_bond.comp_id 
_chem_comp_bond.atom_id_1 
_chem_comp_bond.atom_id_2 
_chem_comp_bond.value_order 
_chem_comp_bond.pdbx_aromatic_flag 
_chem_comp_bond.pdbx_stereo_config 
_chem_comp_bond.pdbx_ordinal 
ALA N   CA   sing N N 1   
ALA N   H    sing N N 2   
ALA N   H2   sing N N 3   
ALA CA  C    sing N N 4   
ALA CA  CB   sing N N 5   
ALA CA  HA   sing N N 6   
ALA C   O    doub N N 7   
ALA C   OXT  sing N N 8   
ALA CB  HB1  sing N N 9   
ALA CB  HB2  sing N N 10  
ALA CB  HB3  sing N N 11  
ALA OXT HXT  sing N N 12  
ARG N   CA   sing N N 13  
ARG N   H    sing N N 14  
ARG N   H2   sing N N 15  
ARG CA  C    sing N N 16  
ARG CA  CB   sing N N 17  
ARG CA  HA   sing N N 18  
ARG C   O    doub N N 19  
ARG C   OXT  sing N N 20  
ARG CB  CG   sing N N 21  
ARG CB  HB2  sing N N 22  
ARG CB  HB3  sing N N 23  
ARG CG  CD   sing N N 24  
ARG CG  HG2  sing N N 25  
ARG CG  HG3  sing N N 26  
ARG CD  NE   sing N N 27  
ARG CD  HD2  sing N N 28  
ARG CD  HD3  sing N N 29  
ARG NE  CZ   sing N N 30  
ARG NE  HE   sing N N 31  
ARG CZ  NH1  sing N N 32  
ARG CZ  NH2  doub N N 33  
ARG NH1 HH11 sing N N 34  
ARG NH1 HH12 sing N N 35  
ARG NH2 HH21 sing N N 36  
ARG NH2 HH22 sing N N 37  
ARG OXT HXT  sing N N 38  
ASN N   CA   sing N N 39  
ASN N   H    sing N N 40  
ASN N   H2   sing N N 41  
ASN CA  C    sing N N 42  
ASN CA  CB   sing N N 43  
ASN CA  HA   sing N N 44  
ASN C   O    doub N N 45  
ASN C   OXT  sing N N 46  
ASN CB  CG   sing N N 47  
ASN CB  HB2  sing N N 48  
ASN CB  HB3  sing N N 49  
ASN CG  OD1  doub N N 50  
ASN CG  ND2  sing N N 51  
ASN ND2 HD21 sing N N 52  
ASN ND2 HD22 sing N N 53  
ASN OXT HXT  sing N N 54  
ASP N   CA   sing N N 55  
ASP N   H    sing N N 56  
ASP N   H2   sing N N 57  
ASP CA  C    sing N N 58  
ASP CA  CB   sing N N 59  
ASP CA  HA   sing N N 60  
ASP C   O    doub N N 61  
ASP C   OXT  sing N N 62  
ASP CB  CG   sing N N 63  
ASP CB  HB2  sing N N 64  
ASP CB  HB3  sing N N 65  
ASP CG  OD1  doub N N 66  
ASP CG  OD2  sing N N 67  
ASP OD2 HD2  sing N N 68  
ASP OXT HXT  sing N N 69  
BQ8 OAH CAT  sing N N 70  
BQ8 CAT CAI  doub Y N 71  
BQ8 CAT CAK  sing Y N 72  
BQ8 CAI CAS  sing Y N 73  
BQ8 CAK CAU  doub Y N 74  
BQ8 CAS OAG  sing N N 75  
BQ8 CAS CAJ  doub Y N 76  
BQ8 CAU CAJ  sing Y N 77  
BQ8 CAU CAX  sing N N 78  
BQ8 CAA CAQ  sing N N 79  
BQ8 CAX CAW  doub Y N 80  
BQ8 CAX SAO  sing Y N 81  
BQ8 CAQ CAW  sing N N 82  
BQ8 CAQ OAE  doub N N 83  
BQ8 CAW NAL  sing Y N 84  
BQ8 SAO CAV  sing Y N 85  
BQ8 NAL CAV  doub Y N 86  
BQ8 CAV NAM  sing N N 87  
BQ8 O   C    doub N N 88  
BQ8 NAM C    sing N N 89  
BQ8 CB  CA   sing N N 90  
BQ8 C   CA   sing N N 91  
BQ8 CA  N    sing N N 92  
BQ8 N   CAP  sing N N 93  
BQ8 CAP NAD  doub N N 94  
BQ8 CAP NAC  sing N N 95  
BQ8 N   H1   sing N N 96  
BQ8 CA  H2   sing N N 97  
BQ8 CB  H3   sing N N 98  
BQ8 CB  H4   sing N N 99  
BQ8 CB  H5   sing N N 100 
BQ8 CAA H6   sing N N 101 
BQ8 CAA H7   sing N N 102 
BQ8 CAA H8   sing N N 103 
BQ8 CAI H9   sing N N 104 
BQ8 CAJ H10  sing N N 105 
BQ8 CAK H11  sing N N 106 
BQ8 NAC H12  sing N N 107 
BQ8 NAC H13  sing N N 108 
BQ8 NAD H14  sing N N 109 
BQ8 NAM H15  sing N N 110 
BQ8 OAG H16  sing N N 111 
BQ8 OAH H17  sing N N 112 
CYS N   CA   sing N N 113 
CYS N   H    sing N N 114 
CYS N   H2   sing N N 115 
CYS CA  C    sing N N 116 
CYS CA  CB   sing N N 117 
CYS CA  HA   sing N N 118 
CYS C   O    doub N N 119 
CYS C   OXT  sing N N 120 
CYS CB  SG   sing N N 121 
CYS CB  HB2  sing N N 122 
CYS CB  HB3  sing N N 123 
CYS SG  HG   sing N N 124 
CYS OXT HXT  sing N N 125 
GLN N   CA   sing N N 126 
GLN N   H    sing N N 127 
GLN N   H2   sing N N 128 
GLN CA  C    sing N N 129 
GLN CA  CB   sing N N 130 
GLN CA  HA   sing N N 131 
GLN C   O    doub N N 132 
GLN C   OXT  sing N N 133 
GLN CB  CG   sing N N 134 
GLN CB  HB2  sing N N 135 
GLN CB  HB3  sing N N 136 
GLN CG  CD   sing N N 137 
GLN CG  HG2  sing N N 138 
GLN CG  HG3  sing N N 139 
GLN CD  OE1  doub N N 140 
GLN CD  NE2  sing N N 141 
GLN NE2 HE21 sing N N 142 
GLN NE2 HE22 sing N N 143 
GLN OXT HXT  sing N N 144 
GLU N   CA   sing N N 145 
GLU N   H    sing N N 146 
GLU N   H2   sing N N 147 
GLU CA  C    sing N N 148 
GLU CA  CB   sing N N 149 
GLU CA  HA   sing N N 150 
GLU C   O    doub N N 151 
GLU C   OXT  sing N N 152 
GLU CB  CG   sing N N 153 
GLU CB  HB2  sing N N 154 
GLU CB  HB3  sing N N 155 
GLU CG  CD   sing N N 156 
GLU CG  HG2  sing N N 157 
GLU CG  HG3  sing N N 158 
GLU CD  OE1  doub N N 159 
GLU CD  OE2  sing N N 160 
GLU OE2 HE2  sing N N 161 
GLU OXT HXT  sing N N 162 
GLY N   CA   sing N N 163 
GLY N   H    sing N N 164 
GLY N   H2   sing N N 165 
GLY CA  C    sing N N 166 
GLY CA  HA2  sing N N 167 
GLY CA  HA3  sing N N 168 
GLY C   O    doub N N 169 
GLY C   OXT  sing N N 170 
GLY OXT HXT  sing N N 171 
HIS N   CA   sing N N 172 
HIS N   H    sing N N 173 
HIS N   H2   sing N N 174 
HIS CA  C    sing N N 175 
HIS CA  CB   sing N N 176 
HIS CA  HA   sing N N 177 
HIS C   O    doub N N 178 
HIS C   OXT  sing N N 179 
HIS CB  CG   sing N N 180 
HIS CB  HB2  sing N N 181 
HIS CB  HB3  sing N N 182 
HIS CG  ND1  sing Y N 183 
HIS CG  CD2  doub Y N 184 
HIS ND1 CE1  doub Y N 185 
HIS ND1 HD1  sing N N 186 
HIS CD2 NE2  sing Y N 187 
HIS CD2 HD2  sing N N 188 
HIS CE1 NE2  sing Y N 189 
HIS CE1 HE1  sing N N 190 
HIS NE2 HE2  sing N N 191 
HIS OXT HXT  sing N N 192 
HOH O   H1   sing N N 193 
HOH O   H2   sing N N 194 
ILE N   CA   sing N N 195 
ILE N   H    sing N N 196 
ILE N   H2   sing N N 197 
ILE CA  C    sing N N 198 
ILE CA  CB   sing N N 199 
ILE CA  HA   sing N N 200 
ILE C   O    doub N N 201 
ILE C   OXT  sing N N 202 
ILE CB  CG1  sing N N 203 
ILE CB  CG2  sing N N 204 
ILE CB  HB   sing N N 205 
ILE CG1 CD1  sing N N 206 
ILE CG1 HG12 sing N N 207 
ILE CG1 HG13 sing N N 208 
ILE CG2 HG21 sing N N 209 
ILE CG2 HG22 sing N N 210 
ILE CG2 HG23 sing N N 211 
ILE CD1 HD11 sing N N 212 
ILE CD1 HD12 sing N N 213 
ILE CD1 HD13 sing N N 214 
ILE OXT HXT  sing N N 215 
LEU N   CA   sing N N 216 
LEU N   H    sing N N 217 
LEU N   H2   sing N N 218 
LEU CA  C    sing N N 219 
LEU CA  CB   sing N N 220 
LEU CA  HA   sing N N 221 
LEU C   O    doub N N 222 
LEU C   OXT  sing N N 223 
LEU CB  CG   sing N N 224 
LEU CB  HB2  sing N N 225 
LEU CB  HB3  sing N N 226 
LEU CG  CD1  sing N N 227 
LEU CG  CD2  sing N N 228 
LEU CG  HG   sing N N 229 
LEU CD1 HD11 sing N N 230 
LEU CD1 HD12 sing N N 231 
LEU CD1 HD13 sing N N 232 
LEU CD2 HD21 sing N N 233 
LEU CD2 HD22 sing N N 234 
LEU CD2 HD23 sing N N 235 
LEU OXT HXT  sing N N 236 
LYS N   CA   sing N N 237 
LYS N   H    sing N N 238 
LYS N   H2   sing N N 239 
LYS CA  C    sing N N 240 
LYS CA  CB   sing N N 241 
LYS CA  HA   sing N N 242 
LYS C   O    doub N N 243 
LYS C   OXT  sing N N 244 
LYS CB  CG   sing N N 245 
LYS CB  HB2  sing N N 246 
LYS CB  HB3  sing N N 247 
LYS CG  CD   sing N N 248 
LYS CG  HG2  sing N N 249 
LYS CG  HG3  sing N N 250 
LYS CD  CE   sing N N 251 
LYS CD  HD2  sing N N 252 
LYS CD  HD3  sing N N 253 
LYS CE  NZ   sing N N 254 
LYS CE  HE2  sing N N 255 
LYS CE  HE3  sing N N 256 
LYS NZ  HZ1  sing N N 257 
LYS NZ  HZ2  sing N N 258 
LYS NZ  HZ3  sing N N 259 
LYS OXT HXT  sing N N 260 
MET N   CA   sing N N 261 
MET N   H    sing N N 262 
MET N   H2   sing N N 263 
MET CA  C    sing N N 264 
MET CA  CB   sing N N 265 
MET CA  HA   sing N N 266 
MET C   O    doub N N 267 
MET C   OXT  sing N N 268 
MET CB  CG   sing N N 269 
MET CB  HB2  sing N N 270 
MET CB  HB3  sing N N 271 
MET CG  SD   sing N N 272 
MET CG  HG2  sing N N 273 
MET CG  HG3  sing N N 274 
MET SD  CE   sing N N 275 
MET CE  HE1  sing N N 276 
MET CE  HE2  sing N N 277 
MET CE  HE3  sing N N 278 
MET OXT HXT  sing N N 279 
PHE N   CA   sing N N 280 
PHE N   H    sing N N 281 
PHE N   H2   sing N N 282 
PHE CA  C    sing N N 283 
PHE CA  CB   sing N N 284 
PHE CA  HA   sing N N 285 
PHE C   O    doub N N 286 
PHE C   OXT  sing N N 287 
PHE CB  CG   sing N N 288 
PHE CB  HB2  sing N N 289 
PHE CB  HB3  sing N N 290 
PHE CG  CD1  doub Y N 291 
PHE CG  CD2  sing Y N 292 
PHE CD1 CE1  sing Y N 293 
PHE CD1 HD1  sing N N 294 
PHE CD2 CE2  doub Y N 295 
PHE CD2 HD2  sing N N 296 
PHE CE1 CZ   doub Y N 297 
PHE CE1 HE1  sing N N 298 
PHE CE2 CZ   sing Y N 299 
PHE CE2 HE2  sing N N 300 
PHE CZ  HZ   sing N N 301 
PHE OXT HXT  sing N N 302 
PRO N   CA   sing N N 303 
PRO N   CD   sing N N 304 
PRO N   H    sing N N 305 
PRO CA  C    sing N N 306 
PRO CA  CB   sing N N 307 
PRO CA  HA   sing N N 308 
PRO C   O    doub N N 309 
PRO C   OXT  sing N N 310 
PRO CB  CG   sing N N 311 
PRO CB  HB2  sing N N 312 
PRO CB  HB3  sing N N 313 
PRO CG  CD   sing N N 314 
PRO CG  HG2  sing N N 315 
PRO CG  HG3  sing N N 316 
PRO CD  HD2  sing N N 317 
PRO CD  HD3  sing N N 318 
PRO OXT HXT  sing N N 319 
SER N   CA   sing N N 320 
SER N   H    sing N N 321 
SER N   H2   sing N N 322 
SER CA  C    sing N N 323 
SER CA  CB   sing N N 324 
SER CA  HA   sing N N 325 
SER C   O    doub N N 326 
SER C   OXT  sing N N 327 
SER CB  OG   sing N N 328 
SER CB  HB2  sing N N 329 
SER CB  HB3  sing N N 330 
SER OG  HG   sing N N 331 
SER OXT HXT  sing N N 332 
SO4 S   O1   doub N N 333 
SO4 S   O2   doub N N 334 
SO4 S   O3   sing N N 335 
SO4 S   O4   sing N N 336 
THR N   CA   sing N N 337 
THR N   H    sing N N 338 
THR N   H2   sing N N 339 
THR CA  C    sing N N 340 
THR CA  CB   sing N N 341 
THR CA  HA   sing N N 342 
THR C   O    doub N N 343 
THR C   OXT  sing N N 344 
THR CB  OG1  sing N N 345 
THR CB  CG2  sing N N 346 
THR CB  HB   sing N N 347 
THR OG1 HG1  sing N N 348 
THR CG2 HG21 sing N N 349 
THR CG2 HG22 sing N N 350 
THR CG2 HG23 sing N N 351 
THR OXT HXT  sing N N 352 
TYR N   CA   sing N N 353 
TYR N   H    sing N N 354 
TYR N   H2   sing N N 355 
TYR CA  C    sing N N 356 
TYR CA  CB   sing N N 357 
TYR CA  HA   sing N N 358 
TYR C   O    doub N N 359 
TYR C   OXT  sing N N 360 
TYR CB  CG   sing N N 361 
TYR CB  HB2  sing N N 362 
TYR CB  HB3  sing N N 363 
TYR CG  CD1  doub Y N 364 
TYR CG  CD2  sing Y N 365 
TYR CD1 CE1  sing Y N 366 
TYR CD1 HD1  sing N N 367 
TYR CD2 CE2  doub Y N 368 
TYR CD2 HD2  sing N N 369 
TYR CE1 CZ   doub Y N 370 
TYR CE1 HE1  sing N N 371 
TYR CE2 CZ   sing Y N 372 
TYR CE2 HE2  sing N N 373 
TYR CZ  OH   sing N N 374 
TYR OH  HH   sing N N 375 
TYR OXT HXT  sing N N 376 
VAL N   CA   sing N N 377 
VAL N   H    sing N N 378 
VAL N   H2   sing N N 379 
VAL CA  C    sing N N 380 
VAL CA  CB   sing N N 381 
VAL CA  HA   sing N N 382 
VAL C   O    doub N N 383 
VAL C   OXT  sing N N 384 
VAL CB  CG1  sing N N 385 
VAL CB  CG2  sing N N 386 
VAL CB  HB   sing N N 387 
VAL CG1 HG11 sing N N 388 
VAL CG1 HG12 sing N N 389 
VAL CG1 HG13 sing N N 390 
VAL CG2 HG21 sing N N 391 
VAL CG2 HG22 sing N N 392 
VAL CG2 HG23 sing N N 393 
VAL OXT HXT  sing N N 394 
# 
_atom_sites.entry_id                    6EPW 
_atom_sites.fract_transf_matrix[1][1]   -0.00246028 
_atom_sites.fract_transf_matrix[1][2]   -0.00326850 
_atom_sites.fract_transf_matrix[1][3]   -0.01401891 
_atom_sites.fract_transf_matrix[2][1]   -0.00008241 
_atom_sites.fract_transf_matrix[2][2]   0.01058507 
_atom_sites.fract_transf_matrix[2][3]   -0.01005968 
_atom_sites.fract_transf_matrix[3][1]   0.00702278 
_atom_sites.fract_transf_matrix[3][2]   -0.00091409 
_atom_sites.fract_transf_matrix[3][3]   -0.00101936 
_atom_sites.fract_transf_vector[1]      -0.145213 
_atom_sites.fract_transf_vector[2]      -0.602969 
_atom_sites.fract_transf_vector[3]      1.026228 
# 
loop_
_atom_type.symbol 
C 
N 
O 
S 
# 
loop_
_atom_site.group_PDB 
_atom_site.id 
_atom_site.type_symbol 
_atom_site.label_atom_id 
_atom_site.label_alt_id 
_atom_site.label_comp_id 
_atom_site.label_asym_id 
_atom_site.label_entity_id 
_atom_site.label_seq_id 
_atom_site.pdbx_PDB_ins_code 
_atom_site.Cartn_x 
_atom_site.Cartn_y 
_atom_site.Cartn_z 
_atom_site.occupancy 
_atom_site.B_iso_or_equiv 
_atom_site.pdbx_formal_charge 
_atom_site.auth_seq_id 
_atom_site.auth_comp_id 
_atom_site.auth_asym_id 
_atom_site.auth_atom_id 
_atom_site.pdbx_PDB_model_num 
ATOM   1    N N   . SER A 1 1   ? -1.814  15.141  21.690  1.00 86.07 ? 979  SER A N   1 
ATOM   2    C CA  . SER A 1 1   ? -2.928  15.452  22.583  1.00 89.57 ? 979  SER A CA  1 
ATOM   3    C C   . SER A 1 1   ? -4.138  14.581  22.264  1.00 86.10 ? 979  SER A C   1 
ATOM   4    O O   . SER A 1 1   ? -4.020  13.576  21.556  1.00 84.36 ? 979  SER A O   1 
ATOM   5    C CB  . SER A 1 1   ? -3.310  16.934  22.483  1.00 88.92 ? 979  SER A CB  1 
ATOM   6    O OG  . SER A 1 1   ? -4.018  17.203  21.282  1.00 87.98 ? 979  SER A OG  1 
ATOM   7    N N   . MET A 1 2   ? -5.300  14.971  22.799  1.00 87.44 ? 980  MET A N   1 
ATOM   8    C CA  . MET A 1 2   ? -6.540  14.262  22.498  1.00 84.15 ? 980  MET A CA  1 
ATOM   9    C C   . MET A 1 2   ? -7.031  14.580  21.092  1.00 80.65 ? 980  MET A C   1 
ATOM   10   O O   . MET A 1 2   ? -7.438  13.673  20.356  1.00 74.21 ? 980  MET A O   1 
ATOM   11   C CB  . MET A 1 2   ? -7.615  14.609  23.530  1.00 86.17 ? 980  MET A CB  1 
ATOM   12   N N   . GLN A 1 3   ? -6.995  15.860  20.705  1.00 80.48 ? 981  GLN A N   1 
ATOM   13   C CA  . GLN A 1 3   ? -7.384  16.239  19.349  1.00 79.48 ? 981  GLN A CA  1 
ATOM   14   C C   . GLN A 1 3   ? -6.517  15.552  18.300  1.00 73.67 ? 981  GLN A C   1 
ATOM   15   O O   . GLN A 1 3   ? -6.994  15.253  17.197  1.00 69.23 ? 981  GLN A O   1 
ATOM   16   C CB  . GLN A 1 3   ? -7.304  17.760  19.183  1.00 79.33 ? 981  GLN A CB  1 
ATOM   17   C CG  . GLN A 1 3   ? -7.908  18.556  20.333  1.00 84.50 ? 981  GLN A CG  1 
ATOM   18   C CD  . GLN A 1 3   ? -6.850  19.165  21.236  1.00 87.80 ? 981  GLN A CD  1 
ATOM   19   O OE1 . GLN A 1 3   ? -6.260  18.479  22.074  1.00 88.84 ? 981  GLN A OE1 1 
ATOM   20   N NE2 . GLN A 1 3   ? -6.601  20.462  21.067  1.00 86.32 ? 981  GLN A NE2 1 
ATOM   21   N N   . GLU A 1 4   ? -5.252  15.278  18.630  1.00 68.98 ? 982  GLU A N   1 
ATOM   22   C CA  . GLU A 1 4   ? -4.300  14.765  17.650  1.00 70.27 ? 982  GLU A CA  1 
ATOM   23   C C   . GLU A 1 4   ? -4.410  13.255  17.476  1.00 63.84 ? 982  GLU A C   1 
ATOM   24   O O   . GLU A 1 4   ? -4.442  12.757  16.345  1.00 58.79 ? 982  GLU A O   1 
ATOM   25   C CB  . GLU A 1 4   ? -2.881  15.155  18.052  1.00 69.16 ? 982  GLU A CB  1 
ATOM   26   C CG  . GLU A 1 4   ? -2.603  16.620  17.823  1.00 73.19 ? 982  GLU A CG  1 
ATOM   27   C CD  . GLU A 1 4   ? -1.172  16.985  18.128  1.00 74.50 ? 982  GLU A CD  1 
ATOM   28   O OE1 . GLU A 1 4   ? -0.467  16.147  18.739  1.00 75.55 ? 982  GLU A OE1 1 
ATOM   29   O OE2 . GLU A 1 4   ? -0.758  18.103  17.752  1.00 69.20 ? 982  GLU A OE2 1 
ATOM   30   N N   . GLU A 1 5   ? -4.456  12.502  18.578  1.00 63.54 ? 983  GLU A N   1 
ATOM   31   C CA  . GLU A 1 5   ? -4.706  11.076  18.442  1.00 61.32 ? 983  GLU A CA  1 
ATOM   32   C C   . GLU A 1 5   ? -6.091  10.807  17.872  1.00 56.98 ? 983  GLU A C   1 
ATOM   33   O O   . GLU A 1 5   ? -6.312  9.747   17.273  1.00 51.65 ? 983  GLU A O   1 
ATOM   34   C CB  . GLU A 1 5   ? -4.521  10.373  19.784  1.00 67.19 ? 983  GLU A CB  1 
ATOM   35   C CG  . GLU A 1 5   ? -3.057  10.103  20.131  1.00 72.56 ? 983  GLU A CG  1 
ATOM   36   C CD  . GLU A 1 5   ? -2.505  8.820   19.503  1.00 79.59 ? 983  GLU A CD  1 
ATOM   37   O OE1 . GLU A 1 5   ? -2.807  8.524   18.324  1.00 74.99 ? 983  GLU A OE1 1 
ATOM   38   O OE2 . GLU A 1 5   ? -1.760  8.097   20.199  1.00 87.47 ? 983  GLU A OE2 1 
ATOM   39   N N   . ASP A 1 6   ? -7.022  11.752  18.021  1.00 54.87 ? 984  ASP A N   1 
ATOM   40   C CA  . ASP A 1 6   ? -8.309  11.624  17.346  1.00 58.44 ? 984  ASP A CA  1 
ATOM   41   C C   . ASP A 1 6   ? -8.158  11.828  15.847  1.00 49.94 ? 984  ASP A C   1 
ATOM   42   O O   . ASP A 1 6   ? -8.860  11.188  15.053  1.00 49.04 ? 984  ASP A O   1 
ATOM   43   C CB  . ASP A 1 6   ? -9.316  12.627  17.911  1.00 59.70 ? 984  ASP A CB  1 
ATOM   44   C CG  . ASP A 1 6   ? -10.096 12.075  19.089  1.00 67.82 ? 984  ASP A CG  1 
ATOM   45   O OD1 . ASP A 1 6   ? -10.150 10.832  19.250  1.00 70.96 ? 984  ASP A OD1 1 
ATOM   46   O OD2 . ASP A 1 6   ? -10.652 12.891  19.854  1.00 73.83 ? 984  ASP A OD2 1 
ATOM   47   N N   . THR A 1 7   ? -7.270  12.739  15.446  1.00 48.53 ? 985  THR A N   1 
ATOM   48   C CA  . THR A 1 7   ? -6.997  12.927  14.025  1.00 51.22 ? 985  THR A CA  1 
ATOM   49   C C   . THR A 1 7   ? -6.368  11.669  13.436  1.00 44.12 ? 985  THR A C   1 
ATOM   50   O O   . THR A 1 7   ? -6.780  11.198  12.371  1.00 42.92 ? 985  THR A O   1 
ATOM   51   C CB  . THR A 1 7   ? -6.090  14.144  13.818  1.00 49.53 ? 985  THR A CB  1 
ATOM   52   O OG1 . THR A 1 7   ? -6.757  15.321  14.284  1.00 52.15 ? 985  THR A OG1 1 
ATOM   53   C CG2 . THR A 1 7   ? -5.756  14.327  12.347  1.00 42.97 ? 985  THR A CG2 1 
ATOM   54   N N   . PHE A 1 8   ? -5.395  11.089  14.144  1.00 45.17 ? 986  PHE A N   1 
ATOM   55   C CA  . PHE A 1 8   ? -4.719  9.897   13.631  1.00 43.96 ? 986  PHE A CA  1 
ATOM   56   C C   . PHE A 1 8   ? -5.656  8.697   13.602  1.00 43.23 ? 986  PHE A C   1 
ATOM   57   O O   . PHE A 1 8   ? -5.607  7.887   12.666  1.00 41.73 ? 986  PHE A O   1 
ATOM   58   C CB  . PHE A 1 8   ? -3.473  9.607   14.464  1.00 45.30 ? 986  PHE A CB  1 
ATOM   59   C CG  . PHE A 1 8   ? -2.367  10.600  14.254  1.00 48.52 ? 986  PHE A CG  1 
ATOM   60   C CD1 . PHE A 1 8   ? -2.143  11.150  12.997  1.00 46.55 ? 986  PHE A CD1 1 
ATOM   61   C CD2 . PHE A 1 8   ? -1.568  11.006  15.311  1.00 48.75 ? 986  PHE A CD2 1 
ATOM   62   C CE1 . PHE A 1 8   ? -1.124  12.073  12.790  1.00 45.87 ? 986  PHE A CE1 1 
ATOM   63   C CE2 . PHE A 1 8   ? -0.550  11.928  15.116  1.00 53.32 ? 986  PHE A CE2 1 
ATOM   64   C CZ  . PHE A 1 8   ? -0.328  12.464  13.851  1.00 47.60 ? 986  PHE A CZ  1 
ATOM   65   N N   . ARG A 1 9   ? -6.535  8.571   14.600  1.00 41.45 ? 987  ARG A N   1 
ATOM   66   C CA  . ARG A 1 9   ? -7.499  7.477   14.581  1.00 40.55 ? 987  ARG A CA  1 
ATOM   67   C C   . ARG A 1 9   ? -8.415  7.580   13.371  1.00 40.43 ? 987  ARG A C   1 
ATOM   68   O O   . ARG A 1 9   ? -8.762  6.565   12.753  1.00 41.76 ? 987  ARG A O   1 
ATOM   69   C CB  . ARG A 1 9   ? -8.323  7.455   15.871  1.00 47.23 ? 987  ARG A CB  1 
ATOM   70   C CG  . ARG A 1 9   ? -9.468  6.445   15.827  1.00 53.41 ? 987  ARG A CG  1 
ATOM   71   C CD  . ARG A 1 9   ? -9.969  6.006   17.212  1.00 56.38 ? 987  ARG A CD  1 
ATOM   72   N NE  . ARG A 1 9   ? -10.701 4.738   17.118  1.00 63.03 ? 987  ARG A NE  1 
ATOM   73   C CZ  . ARG A 1 9   ? -12.025 4.600   17.236  1.00 63.48 ? 987  ARG A CZ  1 
ATOM   74   N NH1 . ARG A 1 9   ? -12.802 5.657   17.478  1.00 56.30 ? 987  ARG A NH1 1 
ATOM   75   N NH2 . ARG A 1 9   ? -12.575 3.393   17.123  1.00 53.94 ? 987  ARG A NH2 1 
ATOM   76   N N   . GLU A 1 10  ? -8.832  8.800   13.024  1.00 38.65 ? 988  GLU A N   1 
ATOM   77   C CA  . GLU A 1 10  ? -9.650  8.974   11.831  1.00 33.81 ? 988  GLU A CA  1 
ATOM   78   C C   . GLU A 1 10  ? -8.883  8.584   10.568  1.00 34.04 ? 988  GLU A C   1 
ATOM   79   O O   . GLU A 1 10  ? -9.458  8.002   9.638   1.00 35.66 ? 988  GLU A O   1 
ATOM   80   C CB  . GLU A 1 10  ? -10.123 10.416  11.722  1.00 35.38 ? 988  GLU A CB  1 
ATOM   81   C CG  . GLU A 1 10  ? -10.897 10.649  10.456  1.00 40.45 ? 988  GLU A CG  1 
ATOM   82   C CD  . GLU A 1 10  ? -11.557 12.006  10.424  1.00 47.99 ? 988  GLU A CD  1 
ATOM   83   O OE1 . GLU A 1 10  ? -12.066 12.389  9.348   1.00 51.84 ? 988  GLU A OE1 1 
ATOM   84   O OE2 . GLU A 1 10  ? -11.550 12.688  11.473  1.00 45.89 ? 988  GLU A OE2 1 
ATOM   85   N N   . LEU A 1 11  ? -7.607  8.950   10.496  1.00 33.74 ? 989  LEU A N   1 
ATOM   86   C CA  . LEU A 1 11  ? -6.774  8.509   9.372   1.00 36.79 ? 989  LEU A CA  1 
ATOM   87   C C   . LEU A 1 11  ? -6.714  6.983   9.295   1.00 36.59 ? 989  LEU A C   1 
ATOM   88   O O   . LEU A 1 11  ? -6.924  6.396   8.227   1.00 34.03 ? 989  LEU A O   1 
ATOM   89   C CB  . LEU A 1 11  ? -5.374  9.097   9.496   1.00 38.28 ? 989  LEU A CB  1 
ATOM   90   C CG  . LEU A 1 11  ? -4.405  8.660   8.383   1.00 34.54 ? 989  LEU A CG  1 
ATOM   91   C CD1 . LEU A 1 11  ? -4.933  9.169   7.043   1.00 36.13 ? 989  LEU A CD1 1 
ATOM   92   C CD2 . LEU A 1 11  ? -3.006  9.161   8.644   1.00 38.72 ? 989  LEU A CD2 1 
ATOM   93   N N   . ARG A 1 12  ? -6.443  6.320   10.426  1.00 34.85 ? 990  ARG A N   1 
ATOM   94   C CA  . ARG A 1 12  ? -6.376  4.860   10.425  1.00 37.21 ? 990  ARG A CA  1 
ATOM   95   C C   . ARG A 1 12  ? -7.672  4.240   9.927   1.00 38.30 ? 990  ARG A C   1 
ATOM   96   O O   . ARG A 1 12  ? -7.643  3.307   9.113   1.00 38.39 ? 990  ARG A O   1 
ATOM   97   C CB  . ARG A 1 12  ? -6.042  4.336   11.824  1.00 39.60 ? 990  ARG A CB  1 
ATOM   98   C CG  . ARG A 1 12  ? -4.670  4.705   12.295  1.00 38.40 ? 990  ARG A CG  1 
ATOM   99   C CD  . ARG A 1 12  ? -4.281  3.893   13.536  1.00 44.24 ? 990  ARG A CD  1 
ATOM   100  N NE  . ARG A 1 12  ? -5.212  4.099   14.645  1.00 46.66 ? 990  ARG A NE  1 
ATOM   101  C CZ  . ARG A 1 12  ? -5.078  5.056   15.558  1.00 48.40 ? 990  ARG A CZ  1 
ATOM   102  N NH1 . ARG A 1 12  ? -4.050  5.893   15.493  1.00 43.60 ? 990  ARG A NH1 1 
ATOM   103  N NH2 . ARG A 1 12  ? -5.979  5.168   16.533  1.00 48.36 ? 990  ARG A NH2 1 
ATOM   104  N N   . ILE A 1 13  ? -8.822  4.736   10.402  1.00 37.08 ? 991  ILE A N   1 
ATOM   105  C CA  . ILE A 1 13  ? -10.105 4.187   9.975   1.00 34.36 ? 991  ILE A CA  1 
ATOM   106  C C   . ILE A 1 13  ? -10.279 4.361   8.471   1.00 35.99 ? 991  ILE A C   1 
ATOM   107  O O   . ILE A 1 13  ? -10.787 3.469   7.773   1.00 35.36 ? 991  ILE A O   1 
ATOM   108  C CB  . ILE A 1 13  ? -11.261 4.847   10.749  1.00 39.34 ? 991  ILE A CB  1 
ATOM   109  C CG1 . ILE A 1 13  ? -11.278 4.382   12.201  1.00 42.50 ? 991  ILE A CG1 1 
ATOM   110  C CG2 . ILE A 1 13  ? -12.593 4.535   10.105  1.00 36.91 ? 991  ILE A CG2 1 
ATOM   111  C CD1 . ILE A 1 13  ? -12.356 5.073   13.007  1.00 39.05 ? 991  ILE A CD1 1 
ATOM   112  N N   . PHE A 1 14  ? -9.852  5.513   7.949   1.00 31.90 ? 992  PHE A N   1 
ATOM   113  C CA  . PHE A 1 14  ? -9.967  5.749   6.518   1.00 32.90 ? 992  PHE A CA  1 
ATOM   114  C C   . PHE A 1 14  ? -9.033  4.817   5.751   1.00 30.17 ? 992  PHE A C   1 
ATOM   115  O O   . PHE A 1 14  ? -9.427  4.220   4.742   1.00 33.48 ? 992  PHE A O   1 
ATOM   116  C CB  . PHE A 1 14  ? -9.655  7.214   6.212   1.00 31.64 ? 992  PHE A CB  1 
ATOM   117  C CG  . PHE A 1 14  ? -9.558  7.518   4.741   1.00 35.85 ? 992  PHE A CG  1 
ATOM   118  C CD1 . PHE A 1 14  ? -10.705 7.681   3.980   1.00 35.14 ? 992  PHE A CD1 1 
ATOM   119  C CD2 . PHE A 1 14  ? -8.320  7.616   4.121   1.00 38.71 ? 992  PHE A CD2 1 
ATOM   120  C CE1 . PHE A 1 14  ? -10.631 7.955   2.625   1.00 35.11 ? 992  PHE A CE1 1 
ATOM   121  C CE2 . PHE A 1 14  ? -8.230  7.884   2.753   1.00 35.54 ? 992  PHE A CE2 1 
ATOM   122  C CZ  . PHE A 1 14  ? -9.377  8.053   2.007   1.00 38.13 ? 992  PHE A CZ  1 
ATOM   123  N N   . LEU A 1 15  ? -7.818  4.644   6.243   1.00 31.34 ? 993  LEU A N   1 
ATOM   124  C CA  . LEU A 1 15  ? -6.860  3.815   5.506   1.00 33.10 ? 993  LEU A CA  1 
ATOM   125  C C   . LEU A 1 15  ? -7.245  2.346   5.539   1.00 32.49 ? 993  LEU A C   1 
ATOM   126  O O   . LEU A 1 15  ? -7.018  1.627   4.556   1.00 32.99 ? 993  LEU A O   1 
ATOM   127  C CB  . LEU A 1 15  ? -5.467  4.010   6.071   1.00 30.13 ? 993  LEU A CB  1 
ATOM   128  C CG  . LEU A 1 15  ? -4.877  5.396   5.878   1.00 33.18 ? 993  LEU A CG  1 
ATOM   129  C CD1 . LEU A 1 15  ? -3.535  5.446   6.571   1.00 34.70 ? 993  LEU A CD1 1 
ATOM   130  C CD2 . LEU A 1 15  ? -4.727  5.713   4.407   1.00 35.37 ? 993  LEU A CD2 1 
ATOM   131  N N   . ARG A 1 16  ? -7.832  1.879   6.646   1.00 33.90 ? 994  ARG A N   1 
ATOM   132  C CA  . ARG A 1 16  ? -8.354  0.512   6.693   1.00 35.06 ? 994  ARG A CA  1 
ATOM   133  C C   . ARG A 1 16  ? -9.399  0.284   5.612   1.00 38.31 ? 994  ARG A C   1 
ATOM   134  O O   . ARG A 1 16  ? -9.356  -0.727  4.899   1.00 33.85 ? 994  ARG A O   1 
ATOM   135  C CB  . ARG A 1 16  ? -8.962  0.208   8.071   1.00 40.04 ? 994  ARG A CB  1 
ATOM   136  C CG  . ARG A 1 16  ? -8.084  -0.555  8.981   1.00 43.63 ? 994  ARG A CG  1 
ATOM   137  C CD  . ARG A 1 16  ? -8.773  -0.873  10.319  1.00 43.54 ? 994  ARG A CD  1 
ATOM   138  N NE  . ARG A 1 16  ? -7.817  -0.620  11.385  1.00 42.92 ? 994  ARG A NE  1 
ATOM   139  C CZ  . ARG A 1 16  ? -7.918  0.381   12.246  1.00 47.61 ? 994  ARG A CZ  1 
ATOM   140  N NH1 . ARG A 1 16  ? -8.967  1.202   12.188  1.00 45.08 ? 994  ARG A NH1 1 
ATOM   141  N NH2 . ARG A 1 16  ? -6.974  0.554   13.161  1.00 43.85 ? 994  ARG A NH2 1 
ATOM   142  N N   . ASN A 1 17  ? -10.370 1.205   5.497   1.00 33.14 ? 995  ASN A N   1 
ATOM   143  C CA  . ASN A 1 17  ? -11.443 1.057   4.514   1.00 32.40 ? 995  ASN A CA  1 
ATOM   144  C C   . ASN A 1 17  ? -10.883 1.020   3.098   1.00 30.68 ? 995  ASN A C   1 
ATOM   145  O O   . ASN A 1 17  ? -11.309 0.200   2.278   1.00 32.37 ? 995  ASN A O   1 
ATOM   146  C CB  . ASN A 1 17  ? -12.481 2.198   4.683   1.00 33.45 ? 995  ASN A CB  1 
ATOM   147  C CG  . ASN A 1 17  ? -13.536 2.276   3.521   1.00 47.51 ? 995  ASN A CG  1 
ATOM   148  O OD1 . ASN A 1 17  ? -13.395 3.082   2.581   1.00 39.53 ? 995  ASN A OD1 1 
ATOM   149  N ND2 . ASN A 1 17  ? -14.630 1.498   3.635   1.00 45.40 ? 995  ASN A ND2 1 
ATOM   150  N N   . VAL A 1 18  ? -9.940  1.916   2.787   1.00 26.68 ? 996  VAL A N   1 
ATOM   151  C CA  . VAL A 1 18  ? -9.340  1.940   1.448   1.00 31.52 ? 996  VAL A CA  1 
ATOM   152  C C   . VAL A 1 18  ? -8.606  0.626   1.175   1.00 32.18 ? 996  VAL A C   1 
ATOM   153  O O   . VAL A 1 18  ? -8.758  0.007   0.112   1.00 30.40 ? 996  VAL A O   1 
ATOM   154  C CB  . VAL A 1 18  ? -8.394  3.148   1.309   1.00 32.16 ? 996  VAL A CB  1 
ATOM   155  C CG1 . VAL A 1 18  ? -7.605  3.066   -0.004  1.00 35.10 ? 996  VAL A CG1 1 
ATOM   156  C CG2 . VAL A 1 18  ? -9.190  4.471   1.386   1.00 34.74 ? 996  VAL A CG2 1 
ATOM   157  N N   . THR A 1 19  ? -7.829  0.168   2.150   1.00 30.65 ? 997  THR A N   1 
ATOM   158  C CA  . THR A 1 19  ? -7.056  -1.061  1.964   1.00 31.93 ? 997  THR A CA  1 
ATOM   159  C C   . THR A 1 19  ? -7.969  -2.255  1.750   1.00 32.64 ? 997  THR A C   1 
ATOM   160  O O   . THR A 1 19  ? -7.722  -3.089  0.868   1.00 32.94 ? 997  THR A O   1 
ATOM   161  C CB  . THR A 1 19  ? -6.140  -1.288  3.161   1.00 30.40 ? 997  THR A CB  1 
ATOM   162  O OG1 . THR A 1 19  ? -5.337  -0.128  3.372   1.00 31.68 ? 997  THR A OG1 1 
ATOM   163  C CG2 . THR A 1 19  ? -5.209  -2.478  2.881   1.00 30.44 ? 997  THR A CG2 1 
ATOM   164  N N   . HIS A 1 20  ? -9.062  -2.328  2.516   1.00 31.98 ? 998  HIS A N   1 
ATOM   165  C CA  . HIS A 1 20  ? -10.035 -3.394  2.323   1.00 32.08 ? 998  HIS A CA  1 
ATOM   166  C C   . HIS A 1 20  ? -10.623 -3.356  0.920   1.00 33.59 ? 998  HIS A C   1 
ATOM   167  O O   . HIS A 1 20  ? -10.791 -4.401  0.278   1.00 33.91 ? 998  HIS A O   1 
ATOM   168  C CB  . HIS A 1 20  ? -11.138 -3.273  3.377   1.00 39.80 ? 998  HIS A CB  1 
ATOM   169  C CG  . HIS A 1 20  ? -12.166 -4.357  3.300   1.00 40.18 ? 998  HIS A CG  1 
ATOM   170  N ND1 . HIS A 1 20  ? -13.486 -4.114  2.994   1.00 48.83 ? 998  HIS A ND1 1 
ATOM   171  C CD2 . HIS A 1 20  ? -12.062 -5.694  3.484   1.00 41.34 ? 998  HIS A CD2 1 
ATOM   172  C CE1 . HIS A 1 20  ? -14.154 -5.255  2.991   1.00 45.96 ? 998  HIS A CE1 1 
ATOM   173  N NE2 . HIS A 1 20  ? -13.311 -6.230  3.282   1.00 44.21 ? 998  HIS A NE2 1 
ATOM   174  N N   . ARG A 1 21  ? -10.954 -2.161  0.424   1.00 29.32 ? 999  ARG A N   1 
ATOM   175  C CA  . ARG A 1 21  ? -11.500 -2.060  -0.924  1.00 35.30 ? 999  ARG A CA  1 
ATOM   176  C C   . ARG A 1 21  ? -10.496 -2.541  -1.962  1.00 32.14 ? 999  ARG A C   1 
ATOM   177  O O   . ARG A 1 21  ? -10.869 -3.187  -2.948  1.00 30.51 ? 999  ARG A O   1 
ATOM   178  C CB  . ARG A 1 21  ? -11.920 -0.621  -1.210  1.00 29.68 ? 999  ARG A CB  1 
ATOM   179  C CG  . ARG A 1 21  ? -13.300 -0.302  -0.602  1.00 31.96 ? 999  ARG A CG  1 
ATOM   180  C CD  . ARG A 1 21  ? -13.431 1.173   -0.251  1.00 36.71 ? 999  ARG A CD  1 
ATOM   181  N NE  . ARG A 1 21  ? -13.618 1.966   -1.453  1.00 30.38 ? 999  ARG A NE  1 
ATOM   182  C CZ  . ARG A 1 21  ? -13.538 3.294   -1.496  1.00 36.14 ? 999  ARG A CZ  1 
ATOM   183  N NH1 . ARG A 1 21  ? -13.285 3.983   -0.397  1.00 32.90 ? 999  ARG A NH1 1 
ATOM   184  N NH2 . ARG A 1 21  ? -13.725 3.932   -2.641  1.00 36.31 ? 999  ARG A NH2 1 
ATOM   185  N N   . LEU A 1 22  ? -9.219  -2.229  -1.763  1.00 28.45 ? 1000 LEU A N   1 
ATOM   186  C CA  . LEU A 1 22  ? -8.194  -2.773  -2.656  1.00 30.84 ? 1000 LEU A CA  1 
ATOM   187  C C   . LEU A 1 22  ? -8.120  -4.291  -2.539  1.00 33.12 ? 1000 LEU A C   1 
ATOM   188  O O   . LEU A 1 22  ? -8.052  -5.001  -3.551  1.00 34.74 ? 1000 LEU A O   1 
ATOM   189  C CB  . LEU A 1 22  ? -6.834  -2.150  -2.333  1.00 29.99 ? 1000 LEU A CB  1 
ATOM   190  C CG  . LEU A 1 22  ? -6.721  -0.631  -2.438  1.00 34.93 ? 1000 LEU A CG  1 
ATOM   191  C CD1 . LEU A 1 22  ? -5.280  -0.215  -2.091  1.00 30.62 ? 1000 LEU A CD1 1 
ATOM   192  C CD2 . LEU A 1 22  ? -7.111  -0.178  -3.846  1.00 37.67 ? 1000 LEU A CD2 1 
ATOM   193  N N   . ALA A 1 23  ? -8.162  -4.809  -1.312  1.00 29.63 ? 1001 ALA A N   1 
ATOM   194  C CA  . ALA A 1 23  ? -7.920  -6.229  -1.088  1.00 31.41 ? 1001 ALA A CA  1 
ATOM   195  C C   . ALA A 1 23  ? -9.051  -7.101  -1.611  1.00 34.67 ? 1001 ALA A C   1 
ATOM   196  O O   . ALA A 1 23  ? -8.819  -8.271  -1.919  1.00 31.00 ? 1001 ALA A O   1 
ATOM   197  C CB  . ALA A 1 23  ? -7.703  -6.502  0.404   1.00 33.99 ? 1001 ALA A CB  1 
ATOM   198  N N   . ILE A 1 24  ? -10.280 -6.578  -1.696  1.00 35.43 ? 1002 ILE A N   1 
ATOM   199  C CA  . ILE A 1 24  ? -11.377 -7.403  -2.199  1.00 35.02 ? 1002 ILE A CA  1 
ATOM   200  C C   . ILE A 1 24  ? -11.499 -7.355  -3.714  1.00 37.25 ? 1002 ILE A C   1 
ATOM   201  O O   . ILE A 1 24  ? -12.313 -8.103  -4.285  1.00 37.41 ? 1002 ILE A O   1 
ATOM   202  C CB  . ILE A 1 24  ? -12.725 -7.015  -1.558  1.00 36.72 ? 1002 ILE A CB  1 
ATOM   203  C CG1 . ILE A 1 24  ? -13.095 -5.573  -1.885  1.00 33.51 ? 1002 ILE A CG1 1 
ATOM   204  C CG2 . ILE A 1 24  ? -12.670 -7.192  -0.050  1.00 40.07 ? 1002 ILE A CG2 1 
ATOM   205  C CD1 . ILE A 1 24  ? -14.496 -5.200  -1.393  1.00 44.42 ? 1002 ILE A CD1 1 
ATOM   206  N N   . ASP A 1 25  ? -10.720 -6.509  -4.383  1.00 30.95 ? 1003 ASP A N   1 
ATOM   207  C CA  . ASP A 1 25  ? -10.745 -6.417  -5.837  1.00 35.10 ? 1003 ASP A CA  1 
ATOM   208  C C   . ASP A 1 25  ? -10.028 -7.615  -6.445  1.00 41.33 ? 1003 ASP A C   1 
ATOM   209  O O   . ASP A 1 25  ? -8.869  -7.883  -6.114  1.00 36.99 ? 1003 ASP A O   1 
ATOM   210  C CB  . ASP A 1 25  ? -10.075 -5.114  -6.264  1.00 37.50 ? 1003 ASP A CB  1 
ATOM   211  C CG  . ASP A 1 25  ? -10.221 -4.813  -7.745  1.00 41.77 ? 1003 ASP A CG  1 
ATOM   212  O OD1 . ASP A 1 25  ? -10.059 -5.733  -8.588  1.00 43.43 ? 1003 ASP A OD1 1 
ATOM   213  O OD2 . ASP A 1 25  ? -10.469 -3.624  -8.060  1.00 42.74 ? 1003 ASP A OD2 1 
ATOM   214  N N   . LYS A 1 26  ? -10.697 -8.317  -7.369  1.00 36.94 ? 1004 LYS A N   1 
ATOM   215  C CA  . LYS A 1 26  ? -10.141 -9.569  -7.888  1.00 39.50 ? 1004 LYS A CA  1 
ATOM   216  C C   . LYS A 1 26  ? -8.814  -9.361  -8.609  1.00 39.55 ? 1004 LYS A C   1 
ATOM   217  O O   . LYS A 1 26  ? -7.992  -10.287 -8.677  1.00 40.27 ? 1004 LYS A O   1 
ATOM   218  C CB  . LYS A 1 26  ? -11.146 -10.251 -8.825  1.00 39.63 ? 1004 LYS A CB  1 
ATOM   219  N N   . ARG A 1 27  ? -8.593  -8.173  -9.173  1.00 36.85 ? 1005 ARG A N   1 
ATOM   220  C CA  . ARG A 1 27  ? -7.344  -7.918  -9.878  1.00 37.91 ? 1005 ARG A CA  1 
ATOM   221  C C   . ARG A 1 27  ? -6.146  -7.953  -8.941  1.00 38.87 ? 1005 ARG A C   1 
ATOM   222  O O   . ARG A 1 27  ? -5.027  -8.229  -9.381  1.00 35.39 ? 1005 ARG A O   1 
ATOM   223  C CB  . ARG A 1 27  ? -7.387  -6.557  -10.564 1.00 38.41 ? 1005 ARG A CB  1 
ATOM   224  C CG  . ARG A 1 27  ? -8.299  -6.497  -11.762 1.00 44.06 ? 1005 ARG A CG  1 
ATOM   225  C CD  . ARG A 1 27  ? -8.428  -5.070  -12.229 1.00 41.98 ? 1005 ARG A CD  1 
ATOM   226  N NE  . ARG A 1 27  ? -9.000  -4.224  -11.192 1.00 39.05 ? 1005 ARG A NE  1 
ATOM   227  C CZ  . ARG A 1 27  ? -9.007  -2.897  -11.229 1.00 45.72 ? 1005 ARG A CZ  1 
ATOM   228  N NH1 . ARG A 1 27  ? -8.470  -2.253  -12.263 1.00 41.41 ? 1005 ARG A NH1 1 
ATOM   229  N NH2 . ARG A 1 27  ? -9.567  -2.220  -10.232 1.00 44.45 ? 1005 ARG A NH2 1 
ATOM   230  N N   . PHE A 1 28  ? -6.346  -7.653  -7.658  1.00 36.58 ? 1006 PHE A N   1 
ATOM   231  C CA  . PHE A 1 28  ? -5.223  -7.416  -6.760  1.00 37.42 ? 1006 PHE A CA  1 
ATOM   232  C C   . PHE A 1 28  ? -4.967  -8.589  -5.830  1.00 34.94 ? 1006 PHE A C   1 
ATOM   233  O O   . PHE A 1 28  ? -4.203  -8.456  -4.862  1.00 32.17 ? 1006 PHE A O   1 
ATOM   234  C CB  . PHE A 1 28  ? -5.462  -6.126  -5.978  1.00 30.24 ? 1006 PHE A CB  1 
ATOM   235  C CG  . PHE A 1 28  ? -5.775  -4.952  -6.861  1.00 32.02 ? 1006 PHE A CG  1 
ATOM   236  C CD1 . PHE A 1 28  ? -5.144  -4.804  -8.091  1.00 32.64 ? 1006 PHE A CD1 1 
ATOM   237  C CD2 . PHE A 1 28  ? -6.710  -4.001  -6.472  1.00 32.89 ? 1006 PHE A CD2 1 
ATOM   238  C CE1 . PHE A 1 28  ? -5.445  -3.725  -8.920  1.00 33.74 ? 1006 PHE A CE1 1 
ATOM   239  C CE2 . PHE A 1 28  ? -7.015  -2.916  -7.301  1.00 35.83 ? 1006 PHE A CE2 1 
ATOM   240  C CZ  . PHE A 1 28  ? -6.381  -2.780  -8.516  1.00 32.66 ? 1006 PHE A CZ  1 
ATOM   241  N N   . ARG A 1 29  ? -5.561  -9.752  -6.127  1.00 32.07 ? 1007 ARG A N   1 
ATOM   242  C CA  . ARG A 1 29  ? -5.421  -10.903 -5.240  1.00 34.14 ? 1007 ARG A CA  1 
ATOM   243  C C   . ARG A 1 29  ? -3.956  -11.257 -5.003  1.00 31.03 ? 1007 ARG A C   1 
ATOM   244  O O   . ARG A 1 29  ? -3.580  -11.633 -3.887  1.00 37.79 ? 1007 ARG A O   1 
ATOM   245  C CB  . ARG A 1 29  ? -6.169  -12.100 -5.819  1.00 37.59 ? 1007 ARG A CB  1 
ATOM   246  C CG  . ARG A 1 29  ? -6.069  -13.360 -4.988  1.00 43.76 ? 1007 ARG A CG  1 
ATOM   247  C CD  . ARG A 1 29  ? -6.403  -14.587 -5.831  1.00 54.01 ? 1007 ARG A CD  1 
ATOM   248  N N   . VAL A 1 30  ? -3.114  -11.141 -6.032  1.00 31.54 ? 1008 VAL A N   1 
ATOM   249  C CA  . VAL A 1 30  ? -1.707  -11.520 -5.877  1.00 36.77 ? 1008 VAL A CA  1 
ATOM   250  C C   . VAL A 1 30  ? -0.978  -10.641 -4.872  1.00 37.90 ? 1008 VAL A C   1 
ATOM   251  O O   . VAL A 1 30  ? 0.094   -11.024 -4.381  1.00 36.37 ? 1008 VAL A O   1 
ATOM   252  C CB  . VAL A 1 30  ? -0.969  -11.476 -7.230  1.00 34.59 ? 1008 VAL A CB  1 
ATOM   253  C CG1 . VAL A 1 30  ? -1.539  -12.532 -8.186  1.00 40.07 ? 1008 VAL A CG1 1 
ATOM   254  C CG2 . VAL A 1 30  ? -1.037  -10.071 -7.840  1.00 34.04 ? 1008 VAL A CG2 1 
ATOM   255  N N   . PHE A 1 31  ? -1.511  -9.455  -4.571  1.00 32.24 ? 1009 PHE A N   1 
ATOM   256  C CA  . PHE A 1 31  ? -0.875  -8.522  -3.646  1.00 33.44 ? 1009 PHE A CA  1 
ATOM   257  C C   . PHE A 1 31  ? -1.454  -8.583  -2.234  1.00 33.27 ? 1009 PHE A C   1 
ATOM   258  O O   . PHE A 1 31  ? -1.081  -7.762  -1.384  1.00 32.74 ? 1009 PHE A O   1 
ATOM   259  C CB  . PHE A 1 31  ? -0.989  -7.092  -4.182  1.00 33.58 ? 1009 PHE A CB  1 
ATOM   260  C CG  . PHE A 1 31  ? -0.554  -6.939  -5.616  1.00 37.06 ? 1009 PHE A CG  1 
ATOM   261  C CD1 . PHE A 1 31  ? 0.739   -7.270  -6.005  1.00 30.91 ? 1009 PHE A CD1 1 
ATOM   262  C CD2 . PHE A 1 31  ? -1.451  -6.483  -6.580  1.00 35.27 ? 1009 PHE A CD2 1 
ATOM   263  C CE1 . PHE A 1 31  ? 1.136   -7.144  -7.320  1.00 34.82 ? 1009 PHE A CE1 1 
ATOM   264  C CE2 . PHE A 1 31  ? -1.057  -6.341  -7.910  1.00 36.45 ? 1009 PHE A CE2 1 
ATOM   265  C CZ  . PHE A 1 31  ? 0.248   -6.684  -8.280  1.00 34.25 ? 1009 PHE A CZ  1 
ATOM   266  N N   . THR A 1 32  ? -2.334  -9.533  -1.948  1.00 32.03 ? 1010 THR A N   1 
ATOM   267  C CA  . THR A 1 32  ? -3.028  -9.517  -0.668  1.00 35.37 ? 1010 THR A CA  1 
ATOM   268  C C   . THR A 1 32  ? -2.246  -10.165 0.464   1.00 40.57 ? 1010 THR A C   1 
ATOM   269  O O   . THR A 1 32  ? -2.488  -9.829  1.630   1.00 34.99 ? 1010 THR A O   1 
ATOM   270  C CB  . THR A 1 32  ? -4.385  -10.199 -0.807  1.00 38.01 ? 1010 THR A CB  1 
ATOM   271  O OG1 . THR A 1 32  ? -4.211  -11.515 -1.343  1.00 36.79 ? 1010 THR A OG1 1 
ATOM   272  C CG2 . THR A 1 32  ? -5.245  -9.401  -1.770  1.00 36.39 ? 1010 THR A CG2 1 
ATOM   273  N N   . LYS A 1 33  ? -1.306  -11.055 0.165   1.00 34.70 ? 1011 LYS A N   1 
ATOM   274  C CA  . LYS A 1 33  ? -0.598  -11.766 1.219   1.00 38.01 ? 1011 LYS A CA  1 
ATOM   275  C C   . LYS A 1 33  ? 0.905   -11.755 0.963   1.00 33.72 ? 1011 LYS A C   1 
ATOM   276  O O   . LYS A 1 33  ? 1.354   -11.587 -0.180  1.00 33.72 ? 1011 LYS A O   1 
ATOM   277  C CB  . LYS A 1 33  ? -1.084  -13.220 1.331   1.00 36.07 ? 1011 LYS A CB  1 
ATOM   278  C CG  . LYS A 1 33  ? -2.456  -13.381 1.977   1.00 47.13 ? 1011 LYS A CG  1 
ATOM   279  C CD  . LYS A 1 33  ? -3.326  -14.335 1.151   1.00 56.78 ? 1011 LYS A CD  1 
ATOM   280  C CE  . LYS A 1 33  ? -4.820  -14.001 1.255   1.00 63.37 ? 1011 LYS A CE  1 
ATOM   281  N NZ  . LYS A 1 33  ? -5.528  -13.964 -0.074  1.00 62.75 ? 1011 LYS A NZ  1 
ATOM   282  N N   . PRO A 1 34  ? 1.703   -11.898 2.021   1.00 37.24 ? 1012 PRO A N   1 
ATOM   283  C CA  . PRO A 1 34  ? 3.161   -11.965 1.846   1.00 39.22 ? 1012 PRO A CA  1 
ATOM   284  C C   . PRO A 1 34  ? 3.551   -13.111 0.925   1.00 40.47 ? 1012 PRO A C   1 
ATOM   285  O O   . PRO A 1 34  ? 2.911   -14.161 0.909   1.00 38.70 ? 1012 PRO A O   1 
ATOM   286  C CB  . PRO A 1 34  ? 3.683   -12.189 3.270   1.00 39.28 ? 1012 PRO A CB  1 
ATOM   287  C CG  . PRO A 1 34  ? 2.599   -11.659 4.179   1.00 43.44 ? 1012 PRO A CG  1 
ATOM   288  C CD  . PRO A 1 34  ? 1.297   -11.906 3.441   1.00 37.99 ? 1012 PRO A CD  1 
ATOM   289  N N   . VAL A 1 35  ? 4.633   -12.910 0.170   1.00 46.56 ? 1013 VAL A N   1 
ATOM   290  C CA  . VAL A 1 35  ? 5.097   -13.943 -0.754  1.00 45.37 ? 1013 VAL A CA  1 
ATOM   291  C C   . VAL A 1 35  ? 5.547   -15.178 0.019   1.00 46.92 ? 1013 VAL A C   1 
ATOM   292  O O   . VAL A 1 35  ? 6.120   -15.080 1.112   1.00 44.91 ? 1013 VAL A O   1 
ATOM   293  C CB  . VAL A 1 35  ? 6.221   -13.388 -1.646  1.00 45.73 ? 1013 VAL A CB  1 
ATOM   294  C CG1 . VAL A 1 35  ? 6.985   -14.493 -2.290  1.00 45.38 ? 1013 VAL A CG1 1 
ATOM   295  C CG2 . VAL A 1 35  ? 5.640   -12.480 -2.710  1.00 49.55 ? 1013 VAL A CG2 1 
ATOM   296  N N   . ASP A 1 36  ? 5.258   -16.356 -0.540  1.00 45.65 ? 1014 ASP A N   1 
ATOM   297  C CA  . ASP A 1 36  ? 5.706   -17.627 0.012   1.00 60.03 ? 1014 ASP A CA  1 
ATOM   298  C C   . ASP A 1 36  ? 6.959   -18.055 -0.737  1.00 62.79 ? 1014 ASP A C   1 
ATOM   299  O O   . ASP A 1 36  ? 6.867   -18.408 -1.923  1.00 61.45 ? 1014 ASP A O   1 
ATOM   300  C CB  . ASP A 1 36  ? 4.615   -18.693 -0.117  1.00 61.48 ? 1014 ASP A CB  1 
ATOM   301  C CG  . ASP A 1 36  ? 5.027   -20.032 0.480   1.00 73.44 ? 1014 ASP A CG  1 
ATOM   302  O OD1 . ASP A 1 36  ? 6.053   -20.094 1.194   1.00 74.98 ? 1014 ASP A OD1 1 
ATOM   303  O OD2 . ASP A 1 36  ? 4.323   -21.033 0.225   1.00 82.13 ? 1014 ASP A OD2 1 
ATOM   304  N N   . PRO A 1 37  ? 8.140   -18.026 -0.112  1.00 60.74 ? 1015 PRO A N   1 
ATOM   305  C CA  . PRO A 1 37  ? 9.363   -18.406 -0.838  1.00 62.47 ? 1015 PRO A CA  1 
ATOM   306  C C   . PRO A 1 37  ? 9.320   -19.820 -1.382  1.00 63.90 ? 1015 PRO A C   1 
ATOM   307  O O   . PRO A 1 37  ? 9.927   -20.085 -2.426  1.00 67.84 ? 1015 PRO A O   1 
ATOM   308  C CB  . PRO A 1 37  ? 10.465  -18.235 0.216   1.00 63.52 ? 1015 PRO A CB  1 
ATOM   309  C CG  . PRO A 1 37  ? 9.887   -17.313 1.227   1.00 56.86 ? 1015 PRO A CG  1 
ATOM   310  C CD  . PRO A 1 37  ? 8.421   -17.595 1.264   1.00 56.80 ? 1015 PRO A CD  1 
ATOM   311  N N   . ASP A 1 38  ? 8.619   -20.733 -0.700  1.00 70.44 ? 1016 ASP A N   1 
ATOM   312  C CA  . ASP A 1 38  ? 8.321   -22.050 -1.258  1.00 74.30 ? 1016 ASP A CA  1 
ATOM   313  C C   . ASP A 1 38  ? 7.849   -21.936 -2.707  1.00 76.57 ? 1016 ASP A C   1 
ATOM   314  O O   . ASP A 1 38  ? 8.185   -22.776 -3.548  1.00 75.53 ? 1016 ASP A O   1 
ATOM   315  C CB  . ASP A 1 38  ? 7.251   -22.757 -0.405  1.00 78.30 ? 1016 ASP A CB  1 
ATOM   316  C CG  . ASP A 1 38  ? 7.656   -22.922 1.069   1.00 85.83 ? 1016 ASP A CG  1 
ATOM   317  O OD1 . ASP A 1 38  ? 8.862   -23.109 1.343   1.00 83.95 ? 1016 ASP A OD1 1 
ATOM   318  O OD2 . ASP A 1 38  ? 6.762   -22.867 1.955   1.00 88.13 ? 1016 ASP A OD2 1 
ATOM   319  N N   . GLU A 1 39  ? 7.092   -20.881 -3.022  1.00 72.07 ? 1017 GLU A N   1 
ATOM   320  C CA  . GLU A 1 39  ? 6.455   -20.750 -4.326  1.00 68.92 ? 1017 GLU A CA  1 
ATOM   321  C C   . GLU A 1 39  ? 7.253   -19.917 -5.322  1.00 70.56 ? 1017 GLU A C   1 
ATOM   322  O O   . GLU A 1 39  ? 7.125   -20.139 -6.531  1.00 74.36 ? 1017 GLU A O   1 
ATOM   323  C CB  . GLU A 1 39  ? 5.060   -20.149 -4.165  1.00 72.90 ? 1017 GLU A CB  1 
ATOM   324  C CG  . GLU A 1 39  ? 4.158   -20.947 -3.249  1.00 74.92 ? 1017 GLU A CG  1 
ATOM   325  C CD  . GLU A 1 39  ? 2.961   -21.520 -3.977  1.00 95.86 ? 1017 GLU A CD  1 
ATOM   326  O OE1 . GLU A 1 39  ? 1.816   -21.185 -3.599  1.00 99.16 ? 1017 GLU A OE1 1 
ATOM   327  O OE2 . GLU A 1 39  ? 3.168   -22.299 -4.933  1.00 96.41 ? 1017 GLU A OE2 1 
ATOM   328  N N   . VAL A 1 40  ? 8.054   -18.958 -4.869  1.00 60.93 ? 1018 VAL A N   1 
ATOM   329  C CA  . VAL A 1 40  ? 8.983   -18.268 -5.767  1.00 63.09 ? 1018 VAL A CA  1 
ATOM   330  C C   . VAL A 1 40  ? 10.324  -18.084 -5.065  1.00 65.09 ? 1018 VAL A C   1 
ATOM   331  O O   . VAL A 1 40  ? 10.584  -17.009 -4.507  1.00 59.03 ? 1018 VAL A O   1 
ATOM   332  C CB  . VAL A 1 40  ? 8.418   -16.920 -6.243  1.00 60.44 ? 1018 VAL A CB  1 
ATOM   333  C CG1 . VAL A 1 40  ? 7.462   -17.124 -7.394  1.00 64.34 ? 1018 VAL A CG1 1 
ATOM   334  C CG2 . VAL A 1 40  ? 7.711   -16.224 -5.116  1.00 52.35 ? 1018 VAL A CG2 1 
ATOM   335  N N   . PRO A 1 41  ? 11.217  -19.080 -5.088  1.00 70.14 ? 1019 PRO A N   1 
ATOM   336  C CA  . PRO A 1 41  ? 12.407  -19.007 -4.221  1.00 68.28 ? 1019 PRO A CA  1 
ATOM   337  C C   . PRO A 1 41  ? 13.354  -17.881 -4.583  1.00 63.39 ? 1019 PRO A C   1 
ATOM   338  O O   . PRO A 1 41  ? 14.073  -17.392 -3.702  1.00 67.63 ? 1019 PRO A O   1 
ATOM   339  C CB  . PRO A 1 41  ? 13.067  -20.383 -4.404  1.00 74.96 ? 1019 PRO A CB  1 
ATOM   340  C CG  . PRO A 1 41  ? 12.021  -21.246 -5.072  1.00 72.98 ? 1019 PRO A CG  1 
ATOM   341  C CD  . PRO A 1 41  ? 11.191  -20.314 -5.890  1.00 69.63 ? 1019 PRO A CD  1 
ATOM   342  N N   . ASP A 1 42  ? 13.381  -17.451 -5.845  1.00 49.72 ? 1020 ASP A N   1 
ATOM   343  C CA  . ASP A 1 42  ? 14.250  -16.348 -6.233  1.00 48.00 ? 1020 ASP A CA  1 
ATOM   344  C C   . ASP A 1 42  ? 13.723  -14.982 -5.794  1.00 47.59 ? 1020 ASP A C   1 
ATOM   345  O O   . ASP A 1 42  ? 14.437  -13.981 -5.940  1.00 45.83 ? 1020 ASP A O   1 
ATOM   346  C CB  . ASP A 1 42  ? 14.438  -16.363 -7.743  1.00 49.22 ? 1020 ASP A CB  1 
ATOM   347  C CG  . ASP A 1 42  ? 13.128  -16.228 -8.478  1.00 55.77 ? 1020 ASP A CG  1 
ATOM   348  O OD1 . ASP A 1 42  ? 12.131  -16.818 -8.007  1.00 53.25 ? 1020 ASP A OD1 1 
ATOM   349  O OD2 . ASP A 1 42  ? 13.101  -15.540 -9.521  1.00 60.08 ? 1020 ASP A OD2 1 
ATOM   350  N N   . TYR A 1 43  ? 12.503  -14.921 -5.255  1.00 45.14 ? 1021 TYR A N   1 
ATOM   351  C CA  . TYR A 1 43  ? 11.915  -13.647 -4.851  1.00 41.03 ? 1021 TYR A CA  1 
ATOM   352  C C   . TYR A 1 43  ? 12.720  -12.995 -3.733  1.00 39.44 ? 1021 TYR A C   1 
ATOM   353  O O   . TYR A 1 43  ? 12.997  -11.788 -3.765  1.00 35.28 ? 1021 TYR A O   1 
ATOM   354  C CB  . TYR A 1 43  ? 10.463  -13.871 -4.409  1.00 37.15 ? 1021 TYR A CB  1 
ATOM   355  C CG  . TYR A 1 43  ? 9.669   -12.599 -4.253  1.00 39.58 ? 1021 TYR A CG  1 
ATOM   356  C CD1 . TYR A 1 43  ? 8.989   -12.057 -5.332  1.00 38.43 ? 1021 TYR A CD1 1 
ATOM   357  C CD2 . TYR A 1 43  ? 9.584   -11.945 -3.026  1.00 35.89 ? 1021 TYR A CD2 1 
ATOM   358  C CE1 . TYR A 1 43  ? 8.254   -10.901 -5.209  1.00 36.07 ? 1021 TYR A CE1 1 
ATOM   359  C CE2 . TYR A 1 43  ? 8.841   -10.764 -2.889  1.00 36.98 ? 1021 TYR A CE2 1 
ATOM   360  C CZ  . TYR A 1 43  ? 8.178   -10.251 -3.994  1.00 44.49 ? 1021 TYR A CZ  1 
ATOM   361  O OH  . TYR A 1 43  ? 7.419   -9.095  -3.911  1.00 36.11 ? 1021 TYR A OH  1 
ATOM   362  N N   . VAL A 1 44  ? 13.115  -13.786 -2.737  1.00 43.98 ? 1022 VAL A N   1 
ATOM   363  C CA  . VAL A 1 44  ? 13.816  -13.235 -1.581  1.00 41.64 ? 1022 VAL A CA  1 
ATOM   364  C C   . VAL A 1 44  ? 15.116  -12.566 -2.010  1.00 44.28 ? 1022 VAL A C   1 
ATOM   365  O O   . VAL A 1 44  ? 15.470  -11.492 -1.511  1.00 45.39 ? 1022 VAL A O   1 
ATOM   366  C CB  . VAL A 1 44  ? 14.040  -14.343 -0.538  1.00 48.74 ? 1022 VAL A CB  1 
ATOM   367  C CG1 . VAL A 1 44  ? 14.528  -13.752 0.771   1.00 56.78 ? 1022 VAL A CG1 1 
ATOM   368  C CG2 . VAL A 1 44  ? 12.737  -15.112 -0.326  1.00 48.25 ? 1022 VAL A CG2 1 
ATOM   369  N N   . THR A 1 45  ? 15.824  -13.167 -2.973  1.00 41.16 ? 1023 THR A N   1 
ATOM   370  C CA  . THR A 1 45  ? 17.055  -12.580 -3.492  1.00 43.26 ? 1023 THR A CA  1 
ATOM   371  C C   . THR A 1 45  ? 16.807  -11.223 -4.131  1.00 46.08 ? 1023 THR A C   1 
ATOM   372  O O   . THR A 1 45  ? 17.603  -10.290 -3.968  1.00 45.71 ? 1023 THR A O   1 
ATOM   373  C CB  . THR A 1 45  ? 17.674  -13.514 -4.531  1.00 49.27 ? 1023 THR A CB  1 
ATOM   374  O OG1 . THR A 1 45  ? 17.653  -14.860 -4.044  1.00 57.79 ? 1023 THR A OG1 1 
ATOM   375  C CG2 . THR A 1 45  ? 19.097  -13.095 -4.842  1.00 56.27 ? 1023 THR A CG2 1 
ATOM   376  N N   . VAL A 1 46  ? 15.721  -11.099 -4.886  1.00 42.28 ? 1024 VAL A N   1 
ATOM   377  C CA  . VAL A 1 46  ? 15.510  -9.914  -5.703  1.00 40.87 ? 1024 VAL A CA  1 
ATOM   378  C C   . VAL A 1 46  ? 14.866  -8.788  -4.904  1.00 39.04 ? 1024 VAL A C   1 
ATOM   379  O O   . VAL A 1 46  ? 15.231  -7.622  -5.066  1.00 37.91 ? 1024 VAL A O   1 
ATOM   380  C CB  . VAL A 1 46  ? 14.660  -10.297 -6.937  1.00 45.62 ? 1024 VAL A CB  1 
ATOM   381  C CG1 . VAL A 1 46  ? 14.302  -9.067  -7.747  1.00 42.20 ? 1024 VAL A CG1 1 
ATOM   382  C CG2 . VAL A 1 46  ? 15.414  -11.325 -7.808  1.00 42.28 ? 1024 VAL A CG2 1 
ATOM   383  N N   . ILE A 1 47  ? 13.900  -9.113  -4.046  1.00 35.01 ? 1025 ILE A N   1 
ATOM   384  C CA  . ILE A 1 47  ? 13.047  -8.116  -3.408  1.00 32.86 ? 1025 ILE A CA  1 
ATOM   385  C C   . ILE A 1 47  ? 13.541  -7.933  -1.976  1.00 32.72 ? 1025 ILE A C   1 
ATOM   386  O O   . ILE A 1 47  ? 13.276  -8.770  -1.108  1.00 34.01 ? 1025 ILE A O   1 
ATOM   387  C CB  . ILE A 1 47  ? 11.572  -8.534  -3.443  1.00 32.33 ? 1025 ILE A CB  1 
ATOM   388  C CG1 . ILE A 1 47  ? 11.090  -8.622  -4.893  1.00 29.58 ? 1025 ILE A CG1 1 
ATOM   389  C CG2 . ILE A 1 47  ? 10.721  -7.547  -2.636  1.00 32.85 ? 1025 ILE A CG2 1 
ATOM   390  C CD1 . ILE A 1 47  ? 11.380  -7.379  -5.683  1.00 33.08 ? 1025 ILE A CD1 1 
ATOM   391  N N   . LYS A 1 48  ? 14.259  -6.834  -1.727  1.00 36.23 ? 1026 LYS A N   1 
ATOM   392  C CA  . LYS A 1 48  ? 14.862  -6.624  -0.406  1.00 34.25 ? 1026 LYS A CA  1 
ATOM   393  C C   . LYS A 1 48  ? 13.846  -6.163  0.640   1.00 39.43 ? 1026 LYS A C   1 
ATOM   394  O O   . LYS A 1 48  ? 14.008  -6.461  1.830   1.00 37.20 ? 1026 LYS A O   1 
ATOM   395  C CB  . LYS A 1 48  ? 15.993  -5.595  -0.492  1.00 40.07 ? 1026 LYS A CB  1 
ATOM   396  C CG  . LYS A 1 48  ? 17.091  -5.925  -1.510  1.00 40.81 ? 1026 LYS A CG  1 
ATOM   397  C CD  . LYS A 1 48  ? 17.571  -7.351  -1.378  1.00 43.30 ? 1026 LYS A CD  1 
ATOM   398  C CE  . LYS A 1 48  ? 18.718  -7.641  -2.365  1.00 48.65 ? 1026 LYS A CE  1 
ATOM   399  N NZ  . LYS A 1 48  ? 19.320  -8.998  -2.129  1.00 48.51 ? 1026 LYS A NZ  1 
ATOM   400  N N   . GLN A 1 49  ? 12.793  -5.457  0.221   1.00 34.25 ? 1027 GLN A N   1 
ATOM   401  C CA  . GLN A 1 49  ? 11.836  -4.833  1.137   1.00 36.35 ? 1027 GLN A CA  1 
ATOM   402  C C   . GLN A 1 49  ? 10.434  -5.259  0.712   1.00 32.91 ? 1027 GLN A C   1 
ATOM   403  O O   . GLN A 1 49  ? 9.727   -4.500  0.039   1.00 34.05 ? 1027 GLN A O   1 
ATOM   404  C CB  . GLN A 1 49  ? 11.993  -3.311  1.115   1.00 38.18 ? 1027 GLN A CB  1 
ATOM   405  C CG  . GLN A 1 49  ? 11.536  -2.611  2.382   1.00 44.35 ? 1027 GLN A CG  1 
ATOM   406  C CD  . GLN A 1 49  ? 11.627  -1.092  2.275   1.00 45.55 ? 1027 GLN A CD  1 
ATOM   407  O OE1 . GLN A 1 49  ? 12.205  -0.543  1.319   1.00 45.04 ? 1027 GLN A OE1 1 
ATOM   408  N NE2 . GLN A 1 49  ? 11.047  -0.404  3.253   1.00 47.88 ? 1027 GLN A NE2 1 
ATOM   409  N N   . PRO A 1 50  ? 10.019  -6.474  1.074   1.00 33.62 ? 1028 PRO A N   1 
ATOM   410  C CA  . PRO A 1 50  ? 8.722   -6.992  0.606   1.00 30.96 ? 1028 PRO A CA  1 
ATOM   411  C C   . PRO A 1 50  ? 7.558   -6.257  1.247   1.00 34.91 ? 1028 PRO A C   1 
ATOM   412  O O   . PRO A 1 50  ? 7.645   -5.787  2.382   1.00 28.67 ? 1028 PRO A O   1 
ATOM   413  C CB  . PRO A 1 50  ? 8.748   -8.452  1.056   1.00 32.86 ? 1028 PRO A CB  1 
ATOM   414  C CG  . PRO A 1 50  ? 9.702   -8.460  2.216   1.00 39.05 ? 1028 PRO A CG  1 
ATOM   415  C CD  . PRO A 1 50  ? 10.770  -7.477  1.841   1.00 33.34 ? 1028 PRO A CD  1 
ATOM   416  N N   . MET A 1 51  ? 6.447   -6.179  0.514   1.00 30.97 ? 1029 MET A N   1 
ATOM   417  C CA  . MET A 1 51  ? 5.261   -5.512  1.061   1.00 33.76 ? 1029 MET A CA  1 
ATOM   418  C C   . MET A 1 51  ? 4.013   -6.086  0.395   1.00 33.14 ? 1029 MET A C   1 
ATOM   419  O O   . MET A 1 51  ? 4.048   -6.491  -0.770  1.00 30.08 ? 1029 MET A O   1 
ATOM   420  C CB  . MET A 1 51  ? 5.346   -3.982  0.871   1.00 30.00 ? 1029 MET A CB  1 
ATOM   421  C CG  . MET A 1 51  ? 4.211   -3.147  1.523   1.00 31.47 ? 1029 MET A CG  1 
ATOM   422  S SD  . MET A 1 51  ? 4.065   -3.421  3.300   1.00 36.88 ? 1029 MET A SD  1 
ATOM   423  C CE  . MET A 1 51  ? 5.704   -2.928  3.874   1.00 36.94 ? 1029 MET A CE  1 
ATOM   424  N N   . ASP A 1 52  ? 2.915   -6.135  1.154   1.00 29.03 ? 1030 ASP A N   1 
ATOM   425  C CA  . ASP A 1 52  ? 1.651   -6.663  0.658   1.00 30.93 ? 1030 ASP A CA  1 
ATOM   426  C C   . ASP A 1 52  ? 0.518   -6.024  1.448   1.00 32.16 ? 1030 ASP A C   1 
ATOM   427  O O   . ASP A 1 52  ? 0.739   -5.381  2.476   1.00 29.46 ? 1030 ASP A O   1 
ATOM   428  C CB  . ASP A 1 52  ? 1.557   -8.170  0.815   1.00 31.28 ? 1030 ASP A CB  1 
ATOM   429  C CG  . ASP A 1 52  ? 1.546   -8.584  2.268   1.00 40.86 ? 1030 ASP A CG  1 
ATOM   430  O OD1 . ASP A 1 52  ? 2.641   -8.649  2.886   1.00 43.06 ? 1030 ASP A OD1 1 
ATOM   431  O OD2 . ASP A 1 52  ? 0.442   -8.809  2.812   1.00 41.93 ? 1030 ASP A OD2 1 
ATOM   432  N N   . LEU A 1 53  ? -0.711  -6.257  0.983   1.00 29.25 ? 1031 LEU A N   1 
ATOM   433  C CA  . LEU A 1 53  ? -1.841  -5.539  1.573   1.00 30.75 ? 1031 LEU A CA  1 
ATOM   434  C C   . LEU A 1 53  ? -2.136  -5.998  3.005   1.00 35.85 ? 1031 LEU A C   1 
ATOM   435  O O   . LEU A 1 53  ? -2.550  -5.176  3.834   1.00 37.33 ? 1031 LEU A O   1 
ATOM   436  C CB  . LEU A 1 53  ? -3.075  -5.680  0.677   1.00 31.89 ? 1031 LEU A CB  1 
ATOM   437  C CG  . LEU A 1 53  ? -3.041  -4.970  -0.685  1.00 30.74 ? 1031 LEU A CG  1 
ATOM   438  C CD1 . LEU A 1 53  ? -4.296  -5.289  -1.526  1.00 31.77 ? 1031 LEU A CD1 1 
ATOM   439  C CD2 . LEU A 1 53  ? -2.878  -3.459  -0.566  1.00 32.40 ? 1031 LEU A CD2 1 
ATOM   440  N N   . SER A 1 54  ? -1.929  -7.281  3.339   1.00 34.59 ? 1032 SER A N   1 
ATOM   441  C CA  . SER A 1 54  ? -2.117  -7.691  4.734   1.00 35.45 ? 1032 SER A CA  1 
ATOM   442  C C   . SER A 1 54  ? -1.100  -7.004  5.642   1.00 38.40 ? 1032 SER A C   1 
ATOM   443  O O   . SER A 1 54  ? -1.422  -6.612  6.774   1.00 38.88 ? 1032 SER A O   1 
ATOM   444  C CB  A SER A 1 54  ? -2.023  -9.214  4.866   0.43 38.60 ? 1032 SER A CB  1 
ATOM   445  C CB  B SER A 1 54  ? -2.001  -9.213  4.880   0.57 38.39 ? 1032 SER A CB  1 
ATOM   446  O OG  A SER A 1 54  ? -0.712  -9.681  4.596   0.43 39.39 ? 1032 SER A OG  1 
ATOM   447  O OG  B SER A 1 54  ? -2.817  -9.910  3.954   0.57 42.63 ? 1032 SER A OG  1 
ATOM   448  N N   . SER A 1 55  ? 0.128   -6.837  5.159   1.00 35.70 ? 1033 SER A N   1 
ATOM   449  C CA  . SER A 1 55  ? 1.141   -6.143  5.949   1.00 36.72 ? 1033 SER A CA  1 
ATOM   450  C C   . SER A 1 55  ? 0.843   -4.651  6.062   1.00 38.81 ? 1033 SER A C   1 
ATOM   451  O O   . SER A 1 55  ? 1.184   -4.029  7.074   1.00 36.60 ? 1033 SER A O   1 
ATOM   452  C CB  . SER A 1 55  ? 2.522   -6.373  5.342   1.00 35.47 ? 1033 SER A CB  1 
ATOM   453  O OG  . SER A 1 55  ? 2.773   -7.772  5.301   1.00 40.72 ? 1033 SER A OG  1 
ATOM   454  N N   . VAL A 1 56  ? 0.219   -4.061  5.041   1.00 33.22 ? 1034 VAL A N   1 
ATOM   455  C CA  . VAL A 1 56  ? -0.226  -2.674  5.154   1.00 35.42 ? 1034 VAL A CA  1 
ATOM   456  C C   . VAL A 1 56  ? -1.250  -2.543  6.279   1.00 34.31 ? 1034 VAL A C   1 
ATOM   457  O O   . VAL A 1 56  ? -1.153  -1.649  7.125   1.00 38.26 ? 1034 VAL A O   1 
ATOM   458  C CB  . VAL A 1 56  ? -0.792  -2.173  3.813   1.00 34.36 ? 1034 VAL A CB  1 
ATOM   459  C CG1 . VAL A 1 56  ? -1.555  -0.865  4.014   1.00 34.88 ? 1034 VAL A CG1 1 
ATOM   460  C CG2 . VAL A 1 56  ? 0.317   -1.973  2.802   1.00 30.50 ? 1034 VAL A CG2 1 
ATOM   461  N N   . ILE A 1 57  ? -2.226  -3.451  6.322   1.00 32.76 ? 1035 ILE A N   1 
ATOM   462  C CA  . ILE A 1 57  ? -3.206  -3.428  7.409   1.00 37.14 ? 1035 ILE A CA  1 
ATOM   463  C C   . ILE A 1 57  ? -2.507  -3.511  8.763   1.00 43.43 ? 1035 ILE A C   1 
ATOM   464  O O   . ILE A 1 57  ? -2.817  -2.759  9.692   1.00 44.16 ? 1035 ILE A O   1 
ATOM   465  C CB  . ILE A 1 57  ? -4.229  -4.559  7.234   1.00 39.71 ? 1035 ILE A CB  1 
ATOM   466  C CG1 . ILE A 1 57  ? -5.165  -4.238  6.078   1.00 45.59 ? 1035 ILE A CG1 1 
ATOM   467  C CG2 . ILE A 1 57  ? -5.034  -4.759  8.524   1.00 45.41 ? 1035 ILE A CG2 1 
ATOM   468  C CD1 . ILE A 1 57  ? -6.192  -3.167  6.433   1.00 41.00 ? 1035 ILE A CD1 1 
ATOM   469  N N   . SER A 1 58  ? -1.537  -4.416  8.887   1.00 42.94 ? 1036 SER A N   1 
ATOM   470  C CA  . SER A 1 58  ? -0.822  -4.563  10.152  1.00 39.71 ? 1036 SER A CA  1 
ATOM   471  C C   . SER A 1 58  ? -0.122  -3.275  10.550  1.00 39.29 ? 1036 SER A C   1 
ATOM   472  O O   . SER A 1 58  ? -0.112  -2.902  11.730  1.00 41.51 ? 1036 SER A O   1 
ATOM   473  C CB  . SER A 1 58  ? 0.188   -5.707  10.040  1.00 48.20 ? 1036 SER A CB  1 
ATOM   474  O OG  . SER A 1 58  ? -0.503  -6.921  9.813   1.00 51.49 ? 1036 SER A OG  1 
ATOM   475  N N   . LYS A 1 59  ? 0.468   -2.574  9.584   1.00 34.10 ? 1037 LYS A N   1 
ATOM   476  C CA  . LYS A 1 59  ? 1.147   -1.331  9.912   1.00 35.18 ? 1037 LYS A CA  1 
ATOM   477  C C   . LYS A 1 59  ? 0.146   -0.238  10.284  1.00 37.88 ? 1037 LYS A C   1 
ATOM   478  O O   . LYS A 1 59  ? 0.430   0.587   11.156  1.00 41.51 ? 1037 LYS A O   1 
ATOM   479  C CB  . LYS A 1 59  ? 2.045   -0.899  8.759   1.00 37.89 ? 1037 LYS A CB  1 
ATOM   480  C CG  . LYS A 1 59  ? 3.282   -1.798  8.592   1.00 40.95 ? 1037 LYS A CG  1 
ATOM   481  C CD  . LYS A 1 59  ? 4.148   -1.369  7.418   1.00 41.10 ? 1037 LYS A CD  1 
ATOM   482  C CE  . LYS A 1 59  ? 4.853   -0.052  7.671   1.00 38.43 ? 1037 LYS A CE  1 
ATOM   483  N NZ  . LYS A 1 59  ? 5.848   0.271   6.616   1.00 41.89 ? 1037 LYS A NZ  1 
ATOM   484  N N   . ILE A 1 60  ? -1.024  -0.205  9.639   1.00 37.37 ? 1038 ILE A N   1 
ATOM   485  C CA  . ILE A 1 60  ? -2.056  0.752   10.066  1.00 39.42 ? 1038 ILE A CA  1 
ATOM   486  C C   . ILE A 1 60  ? -2.376  0.550   11.545  1.00 42.01 ? 1038 ILE A C   1 
ATOM   487  O O   . ILE A 1 60  ? -2.345  1.495   12.348  1.00 42.98 ? 1038 ILE A O   1 
ATOM   488  C CB  . ILE A 1 60  ? -3.329  0.615   9.213   1.00 35.82 ? 1038 ILE A CB  1 
ATOM   489  C CG1 . ILE A 1 60  ? -3.112  1.055   7.770   1.00 33.92 ? 1038 ILE A CG1 1 
ATOM   490  C CG2 . ILE A 1 60  ? -4.463  1.479   9.804   1.00 37.64 ? 1038 ILE A CG2 1 
ATOM   491  C CD1 . ILE A 1 60  ? -4.329  0.712   6.878   1.00 36.20 ? 1038 ILE A CD1 1 
ATOM   492  N N   . ASP A 1 61  ? -2.685  -0.694  11.922  1.00 38.99 ? 1039 ASP A N   1 
ATOM   493  C CA  . ASP A 1 61  ? -3.062  -1.012  13.291  1.00 43.88 ? 1039 ASP A CA  1 
ATOM   494  C C   . ASP A 1 61  ? -1.919  -0.764  14.264  1.00 43.87 ? 1039 ASP A C   1 
ATOM   495  O O   . ASP A 1 61  ? -2.175  -0.519  15.446  1.00 52.11 ? 1039 ASP A O   1 
ATOM   496  C CB  . ASP A 1 61  ? -3.525  -2.476  13.399  1.00 36.21 ? 1039 ASP A CB  1 
ATOM   497  C CG  . ASP A 1 61  ? -4.796  -2.759  12.634  1.00 52.43 ? 1039 ASP A CG  1 
ATOM   498  O OD1 . ASP A 1 61  ? -5.497  -1.808  12.224  1.00 52.08 ? 1039 ASP A OD1 1 
ATOM   499  O OD2 . ASP A 1 61  ? -5.108  -3.954  12.445  1.00 47.66 ? 1039 ASP A OD2 1 
ATOM   500  N N   . LEU A 1 62  ? -0.669  -0.806  13.799  1.00 43.53 ? 1040 LEU A N   1 
ATOM   501  C CA  . LEU A 1 62  ? 0.492   -0.513  14.630  1.00 44.10 ? 1040 LEU A CA  1 
ATOM   502  C C   . LEU A 1 62  ? 0.829   0.971   14.678  1.00 45.75 ? 1040 LEU A C   1 
ATOM   503  O O   . LEU A 1 62  ? 1.912   1.330   15.151  1.00 44.17 ? 1040 LEU A O   1 
ATOM   504  C CB  . LEU A 1 62  ? 1.716   -1.311  14.151  1.00 44.25 ? 1040 LEU A CB  1 
ATOM   505  C CG  . LEU A 1 62  ? 1.692   -2.812  14.460  1.00 43.52 ? 1040 LEU A CG  1 
ATOM   506  C CD1 . LEU A 1 62  ? 2.588   -3.591  13.528  1.00 44.05 ? 1040 LEU A CD1 1 
ATOM   507  C CD2 . LEU A 1 62  ? 2.094   -3.077  15.910  1.00 46.64 ? 1040 LEU A CD2 1 
ATOM   508  N N   . HIS A 1 63  ? -0.066  1.839   14.205  1.00 44.74 ? 1041 HIS A N   1 
ATOM   509  C CA  . HIS A 1 63  ? 0.144   3.289   14.222  1.00 45.33 ? 1041 HIS A CA  1 
ATOM   510  C C   . HIS A 1 63  ? 1.375   3.703   13.416  1.00 44.49 ? 1041 HIS A C   1 
ATOM   511  O O   . HIS A 1 63  ? 2.045   4.685   13.741  1.00 46.12 ? 1041 HIS A O   1 
ATOM   512  C CB  . HIS A 1 63  ? 0.247   3.831   15.659  1.00 45.81 ? 1041 HIS A CB  1 
ATOM   513  C CG  . HIS A 1 63  ? -1.020  3.727   16.454  1.00 46.53 ? 1041 HIS A CG  1 
ATOM   514  N ND1 . HIS A 1 63  ? -1.929  2.701   16.293  1.00 50.58 ? 1041 HIS A ND1 1 
ATOM   515  C CD2 . HIS A 1 63  ? -1.520  4.520   17.434  1.00 47.29 ? 1041 HIS A CD2 1 
ATOM   516  C CE1 . HIS A 1 63  ? -2.933  2.866   17.137  1.00 48.37 ? 1041 HIS A CE1 1 
ATOM   517  N NE2 . HIS A 1 63  ? -2.707  3.960   17.841  1.00 50.72 ? 1041 HIS A NE2 1 
ATOM   518  N N   . LYS A 1 64  ? 1.693   2.979   12.340  1.00 41.93 ? 1042 LYS A N   1 
ATOM   519  C CA  . LYS A 1 64  ? 2.896   3.311   11.589  1.00 40.89 ? 1042 LYS A CA  1 
ATOM   520  C C   . LYS A 1 64  ? 2.686   4.396   10.543  1.00 41.77 ? 1042 LYS A C   1 
ATOM   521  O O   . LYS A 1 64  ? 3.671   4.956   10.048  1.00 39.96 ? 1042 LYS A O   1 
ATOM   522  C CB  . LYS A 1 64  ? 3.456   2.051   10.915  1.00 43.96 ? 1042 LYS A CB  1 
ATOM   523  C CG  . LYS A 1 64  ? 3.897   0.987   11.901  1.00 46.52 ? 1042 LYS A CG  1 
ATOM   524  C CD  . LYS A 1 64  ? 5.063   1.476   12.734  1.00 52.61 ? 1042 LYS A CD  1 
ATOM   525  C CE  . LYS A 1 64  ? 5.722   0.318   13.467  1.00 61.10 ? 1042 LYS A CE  1 
ATOM   526  N NZ  . LYS A 1 64  ? 7.098   0.716   13.898  1.00 67.46 ? 1042 LYS A NZ  1 
ATOM   527  N N   . TYR A 1 65  ? 1.440   4.705   10.179  1.00 39.30 ? 1043 TYR A N   1 
ATOM   528  C CA  . TYR A 1 65  ? 1.160   5.716   9.167   1.00 41.55 ? 1043 TYR A CA  1 
ATOM   529  C C   . TYR A 1 65  ? 0.535   6.921   9.865   1.00 41.70 ? 1043 TYR A C   1 
ATOM   530  O O   . TYR A 1 65  ? -0.563  6.818   10.419  1.00 44.76 ? 1043 TYR A O   1 
ATOM   531  C CB  . TYR A 1 65  ? 0.229   5.169   8.086   1.00 41.01 ? 1043 TYR A CB  1 
ATOM   532  C CG  . TYR A 1 65  ? 0.703   3.894   7.379   1.00 37.16 ? 1043 TYR A CG  1 
ATOM   533  C CD1 . TYR A 1 65  ? 1.972   3.799   6.809   1.00 41.73 ? 1043 TYR A CD1 1 
ATOM   534  C CD2 . TYR A 1 65  ? -0.139  2.798   7.289   1.00 40.77 ? 1043 TYR A CD2 1 
ATOM   535  C CE1 . TYR A 1 65  ? 2.383   2.621   6.149   1.00 36.02 ? 1043 TYR A CE1 1 
ATOM   536  C CE2 . TYR A 1 65  ? 0.252   1.634   6.645   1.00 42.70 ? 1043 TYR A CE2 1 
ATOM   537  C CZ  . TYR A 1 65  ? 1.506   1.552   6.076   1.00 36.74 ? 1043 TYR A CZ  1 
ATOM   538  O OH  . TYR A 1 65  ? 1.848   0.372   5.442   1.00 36.29 ? 1043 TYR A OH  1 
ATOM   539  N N   . LEU A 1 66  ? 1.239   8.048   9.846   1.00 42.79 ? 1044 LEU A N   1 
ATOM   540  C CA  . LEU A 1 66  ? 0.727   9.300   10.390  1.00 47.19 ? 1044 LEU A CA  1 
ATOM   541  C C   . LEU A 1 66  ? 0.204   10.239  9.315   1.00 43.45 ? 1044 LEU A C   1 
ATOM   542  O O   . LEU A 1 66  ? -0.458  11.226  9.646   1.00 42.83 ? 1044 LEU A O   1 
ATOM   543  C CB  . LEU A 1 66  ? 1.821   10.027  11.189  1.00 47.66 ? 1044 LEU A CB  1 
ATOM   544  C CG  . LEU A 1 66  ? 2.386   9.242   12.371  1.00 49.81 ? 1044 LEU A CG  1 
ATOM   545  C CD1 . LEU A 1 66  ? 3.257   10.141  13.226  1.00 54.75 ? 1044 LEU A CD1 1 
ATOM   546  C CD2 . LEU A 1 66  ? 1.246   8.634   13.170  1.00 45.33 ? 1044 LEU A CD2 1 
ATOM   547  N N   . THR A 1 67  ? 0.519   9.975   8.049   1.00 40.10 ? 1045 THR A N   1 
ATOM   548  C CA  . THR A 1 67  ? 0.089   10.796  6.928   1.00 37.82 ? 1045 THR A CA  1 
ATOM   549  C C   . THR A 1 67  ? -0.276  9.866   5.780   1.00 40.38 ? 1045 THR A C   1 
ATOM   550  O O   . THR A 1 67  ? 0.176   8.715   5.727   1.00 36.50 ? 1045 THR A O   1 
ATOM   551  C CB  . THR A 1 67  ? 1.185   11.764  6.455   1.00 43.07 ? 1045 THR A CB  1 
ATOM   552  O OG1 . THR A 1 67  ? 2.204   11.021  5.777   1.00 42.64 ? 1045 THR A OG1 1 
ATOM   553  C CG2 . THR A 1 67  ? 1.823   12.529  7.635   1.00 41.57 ? 1045 THR A CG2 1 
ATOM   554  N N   . VAL A 1 68  ? -1.078  10.377  4.840   1.00 37.65 ? 1046 VAL A N   1 
ATOM   555  C CA  . VAL A 1 68  ? -1.418  9.554   3.685   1.00 37.62 ? 1046 VAL A CA  1 
ATOM   556  C C   . VAL A 1 68  ? -0.188  9.328   2.822   1.00 37.94 ? 1046 VAL A C   1 
ATOM   557  O O   . VAL A 1 68  ? -0.096  8.312   2.122   1.00 35.82 ? 1046 VAL A O   1 
ATOM   558  C CB  . VAL A 1 68  ? -2.566  10.165  2.864   1.00 42.41 ? 1046 VAL A CB  1 
ATOM   559  C CG1 . VAL A 1 68  ? -2.043  11.178  1.881   1.00 38.90 ? 1046 VAL A CG1 1 
ATOM   560  C CG2 . VAL A 1 68  ? -3.304  9.077   2.128   1.00 42.35 ? 1046 VAL A CG2 1 
ATOM   561  N N   . LYS A 1 69  ? 0.780   10.247  2.866   1.00 35.01 ? 1047 LYS A N   1 
ATOM   562  C CA  . LYS A 1 69  ? 2.009   10.056  2.100   1.00 37.35 ? 1047 LYS A CA  1 
ATOM   563  C C   . LYS A 1 69  ? 2.789   8.848   2.608   1.00 41.33 ? 1047 LYS A C   1 
ATOM   564  O O   . LYS A 1 69  ? 3.392   8.113   1.816   1.00 38.89 ? 1047 LYS A O   1 
ATOM   565  C CB  . LYS A 1 69  ? 2.861   11.320  2.149   1.00 38.63 ? 1047 LYS A CB  1 
ATOM   566  N N   . ASP A 1 70  ? 2.784   8.620   3.926   1.00 39.44 ? 1048 ASP A N   1 
ATOM   567  C CA  . ASP A 1 70  ? 3.417   7.422   4.481   1.00 38.07 ? 1048 ASP A CA  1 
ATOM   568  C C   . ASP A 1 70  ? 2.755   6.164   3.936   1.00 39.98 ? 1048 ASP A C   1 
ATOM   569  O O   . ASP A 1 70  ? 3.430   5.176   3.622   1.00 31.56 ? 1048 ASP A O   1 
ATOM   570  C CB  . ASP A 1 70  ? 3.299   7.403   6.003   1.00 41.12 ? 1048 ASP A CB  1 
ATOM   571  C CG  . ASP A 1 70  ? 4.078   8.505   6.682   1.00 51.99 ? 1048 ASP A CG  1 
ATOM   572  O OD1 . ASP A 1 70  ? 5.070   9.010   6.102   1.00 45.51 ? 1048 ASP A OD1 1 
ATOM   573  O OD2 . ASP A 1 70  ? 3.678   8.852   7.819   1.00 55.90 ? 1048 ASP A OD2 1 
ATOM   574  N N   . TYR A 1 71  ? 1.426   6.169   3.880   1.00 31.76 ? 1049 TYR A N   1 
ATOM   575  C CA  . TYR A 1 71  ? 0.681   5.014   3.401   1.00 31.65 ? 1049 TYR A CA  1 
ATOM   576  C C   . TYR A 1 71  ? 0.948   4.781   1.924   1.00 36.73 ? 1049 TYR A C   1 
ATOM   577  O O   . TYR A 1 71  ? 1.287   3.663   1.513   1.00 35.47 ? 1049 TYR A O   1 
ATOM   578  C CB  . TYR A 1 71  ? -0.812  5.238   3.672   1.00 32.36 ? 1049 TYR A CB  1 
ATOM   579  C CG  . TYR A 1 71  ? -1.757  4.258   3.040   1.00 30.49 ? 1049 TYR A CG  1 
ATOM   580  C CD1 . TYR A 1 71  ? -2.090  3.072   3.677   1.00 30.48 ? 1049 TYR A CD1 1 
ATOM   581  C CD2 . TYR A 1 71  ? -2.355  4.536   1.814   1.00 32.38 ? 1049 TYR A CD2 1 
ATOM   582  C CE1 . TYR A 1 71  ? -2.975  2.175   3.094   1.00 31.02 ? 1049 TYR A CE1 1 
ATOM   583  C CE2 . TYR A 1 71  ? -3.244  3.646   1.224   1.00 32.61 ? 1049 TYR A CE2 1 
ATOM   584  C CZ  . TYR A 1 71  ? -3.544  2.468   1.867   1.00 32.02 ? 1049 TYR A CZ  1 
ATOM   585  O OH  . TYR A 1 71  ? -4.437  1.589   1.293   1.00 31.95 ? 1049 TYR A OH  1 
ATOM   586  N N   . LEU A 1 72  ? 0.850   5.837   1.109   1.00 30.49 ? 1050 LEU A N   1 
ATOM   587  C CA  . LEU A 1 72  ? 1.069   5.662   -0.325  1.00 33.16 ? 1050 LEU A CA  1 
ATOM   588  C C   . LEU A 1 72  ? 2.500   5.236   -0.637  1.00 35.54 ? 1050 LEU A C   1 
ATOM   589  O O   . LEU A 1 72  ? 2.748   4.645   -1.697  1.00 33.39 ? 1050 LEU A O   1 
ATOM   590  C CB  . LEU A 1 72  ? 0.725   6.946   -1.077  1.00 32.84 ? 1050 LEU A CB  1 
ATOM   591  C CG  . LEU A 1 72  ? -0.766  7.293   -1.129  1.00 33.81 ? 1050 LEU A CG  1 
ATOM   592  C CD1 . LEU A 1 72  ? -0.965  8.707   -1.600  1.00 39.12 ? 1050 LEU A CD1 1 
ATOM   593  C CD2 . LEU A 1 72  ? -1.499  6.330   -2.061  1.00 36.60 ? 1050 LEU A CD2 1 
ATOM   594  N N   . ARG A 1 73  ? 3.451   5.508   0.257   1.00 33.79 ? 1051 ARG A N   1 
ATOM   595  C CA  . ARG A 1 73  ? 4.808   5.030   0.025   1.00 34.97 ? 1051 ARG A CA  1 
ATOM   596  C C   . ARG A 1 73  ? 4.854   3.506   0.016   1.00 35.65 ? 1051 ARG A C   1 
ATOM   597  O O   . ARG A 1 73  ? 5.555   2.900   -0.803  1.00 33.83 ? 1051 ARG A O   1 
ATOM   598  C CB  . ARG A 1 73  ? 5.745   5.598   1.085   1.00 41.39 ? 1051 ARG A CB  1 
ATOM   599  C CG  . ARG A 1 73  ? 7.204   5.560   0.704   1.00 53.63 ? 1051 ARG A CG  1 
ATOM   600  C CD  . ARG A 1 73  ? 7.957   6.776   1.241   1.00 61.35 ? 1051 ARG A CD  1 
ATOM   601  N NE  . ARG A 1 73  ? 7.665   7.010   2.651   1.00 64.56 ? 1051 ARG A NE  1 
ATOM   602  C CZ  . ARG A 1 73  ? 7.193   8.154   3.135   1.00 61.85 ? 1051 ARG A CZ  1 
ATOM   603  N NH1 . ARG A 1 73  ? 6.947   8.269   4.434   1.00 58.70 ? 1051 ARG A NH1 1 
ATOM   604  N NH2 . ARG A 1 73  ? 6.970   9.183   2.320   1.00 60.31 ? 1051 ARG A NH2 1 
ATOM   605  N N   . ASP A 1 74  ? 4.096   2.865   0.904   1.00 32.75 ? 1052 ASP A N   1 
ATOM   606  C CA  . ASP A 1 74  ? 4.047   1.408   0.917   1.00 34.41 ? 1052 ASP A CA  1 
ATOM   607  C C   . ASP A 1 74  ? 3.182   0.839   -0.203  1.00 33.37 ? 1052 ASP A C   1 
ATOM   608  O O   . ASP A 1 74  ? 3.477   -0.250  -0.709  1.00 29.91 ? 1052 ASP A O   1 
ATOM   609  C CB  . ASP A 1 74  ? 3.557   0.924   2.271   1.00 33.98 ? 1052 ASP A CB  1 
ATOM   610  C CG  . ASP A 1 74  ? 4.691   0.788   3.275   1.00 40.56 ? 1052 ASP A CG  1 
ATOM   611  O OD1 . ASP A 1 74  ? 5.864   0.856   2.840   1.00 41.82 ? 1052 ASP A OD1 1 
ATOM   612  O OD2 . ASP A 1 74  ? 4.406   0.604   4.480   1.00 38.69 ? 1052 ASP A OD2 1 
ATOM   613  N N   . ILE A 1 75  ? 2.120   1.536   -0.613  1.00 32.57 ? 1053 ILE A N   1 
ATOM   614  C CA  . ILE A 1 75  ? 1.434   1.134   -1.843  1.00 28.70 ? 1053 ILE A CA  1 
ATOM   615  C C   . ILE A 1 75  ? 2.391   1.223   -3.019  1.00 30.89 ? 1053 ILE A C   1 
ATOM   616  O O   . ILE A 1 75  ? 2.470   0.310   -3.856  1.00 32.09 ? 1053 ILE A O   1 
ATOM   617  C CB  . ILE A 1 75  ? 0.184   2.001   -2.078  1.00 36.32 ? 1053 ILE A CB  1 
ATOM   618  C CG1 . ILE A 1 75  ? -0.813  1.808   -0.931  1.00 29.69 ? 1053 ILE A CG1 1 
ATOM   619  C CG2 . ILE A 1 75  ? -0.448  1.673   -3.446  1.00 33.08 ? 1053 ILE A CG2 1 
ATOM   620  C CD1 . ILE A 1 75  ? -1.427  0.410   -0.870  1.00 30.68 ? 1053 ILE A CD1 1 
ATOM   621  N N   . ASP A 1 76  ? 3.152   2.321   -3.094  1.00 28.13 ? 1054 ASP A N   1 
ATOM   622  C CA  . ASP A 1 76  ? 4.148   2.449   -4.154  1.00 33.32 ? 1054 ASP A CA  1 
ATOM   623  C C   . ASP A 1 76  ? 5.144   1.298   -4.113  1.00 34.07 ? 1054 ASP A C   1 
ATOM   624  O O   . ASP A 1 76  ? 5.591   0.814   -5.159  1.00 34.50 ? 1054 ASP A O   1 
ATOM   625  C CB  . ASP A 1 76  ? 4.880   3.786   -4.044  1.00 34.51 ? 1054 ASP A CB  1 
ATOM   626  C CG  . ASP A 1 76  ? 4.068   4.944   -4.608  1.00 42.71 ? 1054 ASP A CG  1 
ATOM   627  O OD1 . ASP A 1 76  ? 3.186   4.696   -5.451  1.00 45.86 ? 1054 ASP A OD1 1 
ATOM   628  O OD2 . ASP A 1 76  ? 4.321   6.101   -4.222  1.00 48.35 ? 1054 ASP A OD2 1 
ATOM   629  N N   . LEU A 1 77  ? 5.506   0.848   -2.910  1.00 34.12 ? 1055 LEU A N   1 
ATOM   630  C CA  . LEU A 1 77  ? 6.475   -0.237  -2.768  1.00 30.46 ? 1055 LEU A CA  1 
ATOM   631  C C   . LEU A 1 77  ? 5.906   -1.570  -3.252  1.00 35.15 ? 1055 LEU A C   1 
ATOM   632  O O   . LEU A 1 77  ? 6.621   -2.367  -3.873  1.00 31.95 ? 1055 LEU A O   1 
ATOM   633  C CB  . LEU A 1 77  ? 6.921   -0.343  -1.310  1.00 33.95 ? 1055 LEU A CB  1 
ATOM   634  C CG  . LEU A 1 77  ? 7.909   -1.443  -0.920  1.00 39.12 ? 1055 LEU A CG  1 
ATOM   635  C CD1 . LEU A 1 77  ? 9.261   -1.284  -1.642  1.00 32.87 ? 1055 LEU A CD1 1 
ATOM   636  C CD2 . LEU A 1 77  ? 8.104   -1.451  0.600   1.00 38.55 ? 1055 LEU A CD2 1 
ATOM   637  N N   . ILE A 1 78  ? 4.632   -1.846  -2.961  1.00 31.01 ? 1056 ILE A N   1 
ATOM   638  C CA  . ILE A 1 78  ? 3.993   -3.038  -3.523  1.00 29.89 ? 1056 ILE A CA  1 
ATOM   639  C C   . ILE A 1 78  ? 4.131   -3.022  -5.039  1.00 31.84 ? 1056 ILE A C   1 
ATOM   640  O O   . ILE A 1 78  ? 4.511   -4.023  -5.665  1.00 33.91 ? 1056 ILE A O   1 
ATOM   641  C CB  . ILE A 1 78  ? 2.513   -3.115  -3.091  1.00 31.67 ? 1056 ILE A CB  1 
ATOM   642  C CG1 . ILE A 1 78  ? 2.397   -3.298  -1.576  1.00 30.61 ? 1056 ILE A CG1 1 
ATOM   643  C CG2 . ILE A 1 78  ? 1.766   -4.243  -3.840  1.00 30.13 ? 1056 ILE A CG2 1 
ATOM   644  C CD1 . ILE A 1 78  ? 0.913   -3.328  -1.069  1.00 29.15 ? 1056 ILE A CD1 1 
ATOM   645  N N   . CYS A 1 79  ? 3.875   -1.855  -5.644  1.00 32.10 ? 1057 CYS A N   1 
ATOM   646  C CA  . CYS A 1 79  ? 3.917   -1.732  -7.099  1.00 34.08 ? 1057 CYS A CA  1 
ATOM   647  C C   . CYS A 1 79  ? 5.336   -1.894  -7.636  1.00 35.82 ? 1057 CYS A C   1 
ATOM   648  O O   . CYS A 1 79  ? 5.569   -2.689  -8.555  1.00 37.54 ? 1057 CYS A O   1 
ATOM   649  C CB  . CYS A 1 79  ? 3.336   -0.385  -7.528  1.00 33.36 ? 1057 CYS A CB  1 
ATOM   650  S SG  . CYS A 1 79  ? 3.270   -0.132  -9.334  1.00 42.13 ? 1057 CYS A SG  1 
ATOM   651  N N   . SER A 1 80  ? 6.303   -1.147  -7.085  1.00 32.61 ? 1058 SER A N   1 
ATOM   652  C CA  . SER A 1 80  ? 7.659   -1.210  -7.624  1.00 32.69 ? 1058 SER A CA  1 
ATOM   653  C C   . SER A 1 80  ? 8.269   -2.596  -7.432  1.00 31.65 ? 1058 SER A C   1 
ATOM   654  O O   . SER A 1 80  ? 8.996   -3.084  -8.310  1.00 34.75 ? 1058 SER A O   1 
ATOM   655  C CB  . SER A 1 80  ? 8.536   -0.115  -7.004  1.00 38.76 ? 1058 SER A CB  1 
ATOM   656  O OG  . SER A 1 80  ? 8.510   -0.156  -5.591  1.00 41.59 ? 1058 SER A OG  1 
ATOM   657  N N   . ASN A 1 81  ? 7.972   -3.266  -6.312  1.00 30.05 ? 1059 ASN A N   1 
ATOM   658  C CA  . ASN A 1 81  ? 8.450   -4.642  -6.131  1.00 30.08 ? 1059 ASN A CA  1 
ATOM   659  C C   . ASN A 1 81  ? 7.936   -5.556  -7.243  1.00 34.01 ? 1059 ASN A C   1 
ATOM   660  O O   . ASN A 1 81  ? 8.689   -6.371  -7.795  1.00 29.34 ? 1059 ASN A O   1 
ATOM   661  C CB  . ASN A 1 81  ? 8.015   -5.190  -4.766  1.00 30.85 ? 1059 ASN A CB  1 
ATOM   662  C CG  . ASN A 1 81  ? 8.851   -4.639  -3.618  1.00 34.22 ? 1059 ASN A CG  1 
ATOM   663  O OD1 . ASN A 1 81  ? 9.904   -4.025  -3.839  1.00 32.41 ? 1059 ASN A OD1 1 
ATOM   664  N ND2 . ASN A 1 81  ? 8.387   -4.854  -2.388  1.00 31.93 ? 1059 ASN A ND2 1 
ATOM   665  N N   . ALA A 1 82  ? 6.650   -5.429  -7.584  1.00 31.61 ? 1060 ALA A N   1 
ATOM   666  C CA  . ALA A 1 82  ? 6.065   -6.250  -8.640  1.00 33.42 ? 1060 ALA A CA  1 
ATOM   667  C C   . ALA A 1 82  ? 6.736   -5.978  -9.982  1.00 31.97 ? 1060 ALA A C   1 
ATOM   668  O O   . ALA A 1 82  ? 7.017   -6.915  -10.742 1.00 38.65 ? 1060 ALA A O   1 
ATOM   669  C CB  . ALA A 1 82  ? 4.541   -5.998  -8.718  1.00 29.51 ? 1060 ALA A CB  1 
ATOM   670  N N   . LEU A 1 83  ? 7.021   -4.705  -10.282 1.00 30.85 ? 1061 LEU A N   1 
ATOM   671  C CA  . LEU A 1 83  ? 7.687   -4.376  -11.538 1.00 32.79 ? 1061 LEU A CA  1 
ATOM   672  C C   . LEU A 1 83  ? 9.114   -4.902  -11.543 1.00 36.34 ? 1061 LEU A C   1 
ATOM   673  O O   . LEU A 1 83  ? 9.595   -5.395  -12.570 1.00 36.54 ? 1061 LEU A O   1 
ATOM   674  C CB  . LEU A 1 83  ? 7.701   -2.865  -11.777 1.00 31.40 ? 1061 LEU A CB  1 
ATOM   675  C CG  . LEU A 1 83  ? 6.380   -2.084  -11.767 1.00 41.73 ? 1061 LEU A CG  1 
ATOM   676  C CD1 . LEU A 1 83  ? 6.584   -0.710  -12.371 1.00 40.17 ? 1061 LEU A CD1 1 
ATOM   677  C CD2 . LEU A 1 83  ? 5.275   -2.821  -12.503 1.00 39.67 ? 1061 LEU A CD2 1 
ATOM   678  N N   . GLU A 1 84  ? 9.793   -4.820  -10.392 1.00 36.43 ? 1062 GLU A N   1 
ATOM   679  C CA  . GLU A 1 84  ? 11.168  -5.299  -10.291 1.00 37.94 ? 1062 GLU A CA  1 
ATOM   680  C C   . GLU A 1 84  ? 11.239  -6.814  -10.434 1.00 36.70 ? 1062 GLU A C   1 
ATOM   681  O O   . GLU A 1 84  ? 12.108  -7.341  -11.144 1.00 36.61 ? 1062 GLU A O   1 
ATOM   682  C CB  . GLU A 1 84  ? 11.783  -4.841  -8.961  1.00 39.38 ? 1062 GLU A CB  1 
ATOM   683  C CG  . GLU A 1 84  ? 13.290  -5.090  -8.845  1.00 49.90 ? 1062 GLU A CG  1 
ATOM   684  C CD  . GLU A 1 84  ? 13.892  -4.510  -7.562  1.00 58.64 ? 1062 GLU A CD  1 
ATOM   685  O OE1 . GLU A 1 84  ? 15.059  -4.841  -7.248  1.00 67.71 ? 1062 GLU A OE1 1 
ATOM   686  O OE2 . GLU A 1 84  ? 13.199  -3.734  -6.867  1.00 55.88 ? 1062 GLU A OE2 1 
ATOM   687  N N   . TYR A 1 85  ? 10.324  -7.541  -9.794  1.00 31.94 ? 1063 TYR A N   1 
ATOM   688  C CA  . TYR A 1 85  ? 10.370  -8.991  -9.882  1.00 34.30 ? 1063 TYR A CA  1 
ATOM   689  C C   . TYR A 1 85  ? 9.850   -9.514  -11.224 1.00 39.56 ? 1063 TYR A C   1 
ATOM   690  O O   . TYR A 1 85  ? 10.160  -10.657 -11.591 1.00 32.01 ? 1063 TYR A O   1 
ATOM   691  C CB  . TYR A 1 85  ? 9.586   -9.613  -8.729  1.00 31.49 ? 1063 TYR A CB  1 
ATOM   692  C CG  . TYR A 1 85  ? 9.666   -11.115 -8.729  1.00 39.44 ? 1063 TYR A CG  1 
ATOM   693  C CD1 . TYR A 1 85  ? 10.883  -11.771 -8.494  1.00 38.31 ? 1063 TYR A CD1 1 
ATOM   694  C CD2 . TYR A 1 85  ? 8.545   -11.881 -8.994  1.00 36.47 ? 1063 TYR A CD2 1 
ATOM   695  C CE1 . TYR A 1 85  ? 10.958  -13.159 -8.512  1.00 38.14 ? 1063 TYR A CE1 1 
ATOM   696  C CE2 . TYR A 1 85  ? 8.605   -13.259 -9.022  1.00 39.28 ? 1063 TYR A CE2 1 
ATOM   697  C CZ  . TYR A 1 85  ? 9.812   -13.897 -8.785  1.00 43.69 ? 1063 TYR A CZ  1 
ATOM   698  O OH  . TYR A 1 85  ? 9.859   -15.275 -8.812  1.00 43.97 ? 1063 TYR A OH  1 
ATOM   699  N N   . ASN A 1 86  ? 9.107   -8.697  -11.975 1.00 32.59 ? 1064 ASN A N   1 
ATOM   700  C CA  . ASN A 1 86  ? 8.450   -9.123  -13.219 1.00 33.06 ? 1064 ASN A CA  1 
ATOM   701  C C   . ASN A 1 86  ? 8.824   -8.200  -14.376 1.00 39.28 ? 1064 ASN A C   1 
ATOM   702  O O   . ASN A 1 86  ? 7.950   -7.608  -15.023 1.00 38.54 ? 1064 ASN A O   1 
ATOM   703  C CB  . ASN A 1 86  ? 6.929   -9.154  -13.039 1.00 34.79 ? 1064 ASN A CB  1 
ATOM   704  C CG  . ASN A 1 86  ? 6.486   -10.233 -12.092 1.00 36.41 ? 1064 ASN A CG  1 
ATOM   705  O OD1 . ASN A 1 86  ? 6.476   -11.413 -12.448 1.00 38.15 ? 1064 ASN A OD1 1 
ATOM   706  N ND2 . ASN A 1 86  ? 6.121   -9.845  -10.863 1.00 32.99 ? 1064 ASN A ND2 1 
ATOM   707  N N   . PRO A 1 87  ? 10.119  -8.081  -14.694 1.00 36.54 ? 1065 PRO A N   1 
ATOM   708  C CA  . PRO A 1 87  ? 10.559  -7.088  -15.681 1.00 40.18 ? 1065 PRO A CA  1 
ATOM   709  C C   . PRO A 1 87  ? 10.491  -7.532  -17.136 1.00 42.09 ? 1065 PRO A C   1 
ATOM   710  O O   . PRO A 1 87  ? 10.754  -6.703  -18.020 1.00 44.61 ? 1065 PRO A O   1 
ATOM   711  C CB  . PRO A 1 87  ? 12.027  -6.862  -15.270 1.00 43.24 ? 1065 PRO A CB  1 
ATOM   712  C CG  . PRO A 1 87  ? 12.475  -8.214  -14.855 1.00 39.59 ? 1065 PRO A CG  1 
ATOM   713  C CD  . PRO A 1 87  ? 11.253  -8.892  -14.210 1.00 38.84 ? 1065 PRO A CD  1 
ATOM   714  N N   . ASP A 1 88  ? 10.158  -8.787  -17.407 1.00 42.80 ? 1066 ASP A N   1 
ATOM   715  C CA  . ASP A 1 88  ? 10.361  -9.374  -18.724 1.00 44.82 ? 1066 ASP A CA  1 
ATOM   716  C C   . ASP A 1 88  ? 9.165   -9.103  -19.630 1.00 50.07 ? 1066 ASP A C   1 
ATOM   717  O O   . ASP A 1 88  ? 8.082   -8.702  -19.184 1.00 40.06 ? 1066 ASP A O   1 
ATOM   718  C CB  . ASP A 1 88  ? 10.609  -10.880 -18.606 1.00 45.27 ? 1066 ASP A CB  1 
ATOM   719  C CG  . ASP A 1 88  ? 12.026  -11.211 -18.129 1.00 57.15 ? 1066 ASP A CG  1 
ATOM   720  O OD1 . ASP A 1 88  ? 12.889  -10.305 -18.127 1.00 52.15 ? 1066 ASP A OD1 1 
ATOM   721  O OD2 . ASP A 1 88  ? 12.275  -12.380 -17.756 1.00 65.49 ? 1066 ASP A OD2 1 
ATOM   722  N N   . ARG A 1 89  ? 9.368   -9.335  -20.927 1.00 47.40 ? 1067 ARG A N   1 
ATOM   723  C CA  . ARG A 1 89  ? 8.317   -9.065  -21.899 1.00 49.70 ? 1067 ARG A CA  1 
ATOM   724  C C   . ARG A 1 89  ? 7.256   -10.152 -21.942 1.00 43.55 ? 1067 ARG A C   1 
ATOM   725  O O   . ARG A 1 89  ? 6.233   -9.966  -22.609 1.00 52.07 ? 1067 ARG A O   1 
ATOM   726  C CB  . ARG A 1 89  ? 8.913   -8.886  -23.299 1.00 56.52 ? 1067 ARG A CB  1 
ATOM   727  C CG  . ARG A 1 89  ? 9.397   -10.178 -23.941 1.00 57.02 ? 1067 ARG A CG  1 
ATOM   728  C CD  . ARG A 1 89  ? 9.133   -10.182 -25.444 1.00 51.26 ? 1067 ARG A CD  1 
ATOM   729  N NE  . ARG A 1 89  ? 7.713   -10.081 -25.757 1.00 53.09 ? 1067 ARG A NE  1 
ATOM   730  C CZ  . ARG A 1 89  ? 7.143   -9.035  -26.353 1.00 56.19 ? 1067 ARG A CZ  1 
ATOM   731  N NH1 . ARG A 1 89  ? 7.879   -7.976  -26.711 1.00 63.34 ? 1067 ARG A NH1 1 
ATOM   732  N NH2 . ARG A 1 89  ? 5.834   -9.044  -26.597 1.00 57.61 ? 1067 ARG A NH2 1 
ATOM   733  N N   . ASP A 1 90  ? 7.450   -11.259 -21.240 1.00 38.55 ? 1068 ASP A N   1 
ATOM   734  C CA  . ASP A 1 90  ? 6.532   -12.365 -21.400 1.00 42.87 ? 1068 ASP A CA  1 
ATOM   735  C C   . ASP A 1 90  ? 5.194   -12.045 -20.730 1.00 46.97 ? 1068 ASP A C   1 
ATOM   736  O O   . ASP A 1 90  ? 5.137   -11.218 -19.807 1.00 42.11 ? 1068 ASP A O   1 
ATOM   737  C CB  . ASP A 1 90  ? 7.132   -13.651 -20.831 1.00 49.81 ? 1068 ASP A CB  1 
ATOM   738  C CG  . ASP A 1 90  ? 6.895   -13.808 -19.355 1.00 54.28 ? 1068 ASP A CG  1 
ATOM   739  O OD1 . ASP A 1 90  ? 6.094   -14.699 -18.964 1.00 57.36 ? 1068 ASP A OD1 1 
ATOM   740  O OD2 . ASP A 1 90  ? 7.533   -13.050 -18.592 1.00 57.58 ? 1068 ASP A OD2 1 
ATOM   741  N N   . PRO A 1 91  ? 4.103   -12.678 -21.190 1.00 42.95 ? 1069 PRO A N   1 
ATOM   742  C CA  . PRO A 1 91  ? 2.764   -12.237 -20.767 1.00 40.92 ? 1069 PRO A CA  1 
ATOM   743  C C   . PRO A 1 91  ? 2.509   -12.394 -19.285 1.00 38.07 ? 1069 PRO A C   1 
ATOM   744  O O   . PRO A 1 91  ? 1.774   -11.582 -18.717 1.00 36.80 ? 1069 PRO A O   1 
ATOM   745  C CB  . PRO A 1 91  ? 1.817   -13.131 -21.587 1.00 40.65 ? 1069 PRO A CB  1 
ATOM   746  C CG  . PRO A 1 91  ? 2.642   -13.634 -22.728 1.00 37.66 ? 1069 PRO A CG  1 
ATOM   747  C CD  . PRO A 1 91  ? 4.028   -13.774 -22.175 1.00 43.11 ? 1069 PRO A CD  1 
ATOM   748  N N   . GLY A 1 92  ? 3.069   -13.419 -18.641 1.00 36.41 ? 1070 GLY A N   1 
ATOM   749  C CA  . GLY A 1 92  ? 2.902   -13.549 -17.199 1.00 42.57 ? 1070 GLY A CA  1 
ATOM   750  C C   . GLY A 1 92  ? 3.456   -12.354 -16.446 1.00 41.18 ? 1070 GLY A C   1 
ATOM   751  O O   . GLY A 1 92  ? 2.797   -11.798 -15.562 1.00 38.94 ? 1070 GLY A O   1 
ATOM   752  N N   . ASP A 1 93  ? 4.685   -11.951 -16.782 1.00 37.44 ? 1071 ASP A N   1 
ATOM   753  C CA  . ASP A 1 93  ? 5.250   -10.736 -16.211 1.00 37.22 ? 1071 ASP A CA  1 
ATOM   754  C C   . ASP A 1 93  ? 4.379   -9.525  -16.518 1.00 41.09 ? 1071 ASP A C   1 
ATOM   755  O O   . ASP A 1 93  ? 4.111   -8.700  -15.633 1.00 34.87 ? 1071 ASP A O   1 
ATOM   756  C CB  . ASP A 1 93  ? 6.666   -10.496 -16.740 1.00 35.85 ? 1071 ASP A CB  1 
ATOM   757  C CG  . ASP A 1 93  ? 7.701   -11.412 -16.093 1.00 42.10 ? 1071 ASP A CG  1 
ATOM   758  O OD1 . ASP A 1 93  ? 7.315   -12.503 -15.636 1.00 41.98 ? 1071 ASP A OD1 1 
ATOM   759  O OD2 . ASP A 1 93  ? 8.893   -11.018 -16.022 1.00 38.47 ? 1071 ASP A OD2 1 
ATOM   760  N N   . ARG A 1 94  ? 3.954   -9.380  -17.776 1.00 34.19 ? 1072 ARG A N   1 
ATOM   761  C CA  . ARG A 1 94  ? 3.201   -8.190  -18.170 1.00 36.17 ? 1072 ARG A CA  1 
ATOM   762  C C   . ARG A 1 94  ? 1.873   -8.102  -17.430 1.00 29.93 ? 1072 ARG A C   1 
ATOM   763  O O   . ARG A 1 94  ? 1.421   -7.004  -17.083 1.00 35.39 ? 1072 ARG A O   1 
ATOM   764  C CB  . ARG A 1 94  ? 2.973   -8.177  -19.682 1.00 40.98 ? 1072 ARG A CB  1 
ATOM   765  C CG  . ARG A 1 94  ? 4.254   -7.981  -20.479 1.00 49.40 ? 1072 ARG A CG  1 
ATOM   766  C CD  . ARG A 1 94  ? 3.958   -7.848  -21.959 1.00 57.08 ? 1072 ARG A CD  1 
ATOM   767  N NE  . ARG A 1 94  ? 4.182   -6.482  -22.439 1.00 71.30 ? 1072 ARG A NE  1 
ATOM   768  C CZ  . ARG A 1 94  ? 3.323   -5.476  -22.272 1.00 68.21 ? 1072 ARG A CZ  1 
ATOM   769  N NH1 . ARG A 1 94  ? 2.176   -5.676  -21.631 1.00 66.18 ? 1072 ARG A NH1 1 
ATOM   770  N NH2 . ARG A 1 94  ? 3.606   -4.265  -22.744 1.00 71.67 ? 1072 ARG A NH2 1 
ATOM   771  N N   . LEU A 1 95  ? 1.239   -9.243  -17.182 1.00 32.89 ? 1073 LEU A N   1 
ATOM   772  C CA  . LEU A 1 95  ? -0.019  -9.257  -16.443 1.00 36.93 ? 1073 LEU A CA  1 
ATOM   773  C C   . LEU A 1 95  ? 0.163   -8.724  -15.028 1.00 38.84 ? 1073 LEU A C   1 
ATOM   774  O O   . LEU A 1 95  ? -0.633  -7.897  -14.550 1.00 33.94 ? 1073 LEU A O   1 
ATOM   775  C CB  . LEU A 1 95  ? -0.571  -10.677 -16.404 1.00 35.99 ? 1073 LEU A CB  1 
ATOM   776  C CG  . LEU A 1 95  ? -1.920  -10.880 -15.701 1.00 32.10 ? 1073 LEU A CG  1 
ATOM   777  C CD1 . LEU A 1 95  ? -3.005  -9.951  -16.273 1.00 36.55 ? 1073 LEU A CD1 1 
ATOM   778  C CD2 . LEU A 1 95  ? -2.347  -12.330 -15.784 1.00 41.01 ? 1073 LEU A CD2 1 
ATOM   779  N N   . ILE A 1 96  ? 1.188   -9.215  -14.325 1.00 35.33 ? 1074 ILE A N   1 
ATOM   780  C CA  . ILE A 1 96  ? 1.421   -8.751  -12.962 1.00 36.50 ? 1074 ILE A CA  1 
ATOM   781  C C   . ILE A 1 96  ? 1.754   -7.268  -12.959 1.00 35.64 ? 1074 ILE A C   1 
ATOM   782  O O   . ILE A 1 96  ? 1.247   -6.511  -12.122 1.00 35.65 ? 1074 ILE A O   1 
ATOM   783  C CB  . ILE A 1 96  ? 2.526   -9.575  -12.286 1.00 38.42 ? 1074 ILE A CB  1 
ATOM   784  C CG1 . ILE A 1 96  ? 2.119   -11.042 -12.206 1.00 35.91 ? 1074 ILE A CG1 1 
ATOM   785  C CG2 . ILE A 1 96  ? 2.800   -9.034  -10.890 1.00 34.00 ? 1074 ILE A CG2 1 
ATOM   786  C CD1 . ILE A 1 96  ? 1.017   -11.315 -11.226 1.00 43.59 ? 1074 ILE A CD1 1 
ATOM   787  N N   . ARG A 1 97  ? 2.602   -6.828  -13.895 1.00 32.62 ? 1075 ARG A N   1 
ATOM   788  C CA  . ARG A 1 97  ? 2.930   -5.407  -13.997 1.00 32.07 ? 1075 ARG A CA  1 
ATOM   789  C C   . ARG A 1 97  ? 1.680   -4.567  -14.208 1.00 36.29 ? 1075 ARG A C   1 
ATOM   790  O O   . ARG A 1 97  ? 1.543   -3.486  -13.620 1.00 33.34 ? 1075 ARG A O   1 
ATOM   791  C CB  . ARG A 1 97  ? 3.908   -5.154  -15.145 1.00 33.41 ? 1075 ARG A CB  1 
ATOM   792  C CG  . ARG A 1 97  ? 5.341   -5.633  -14.903 1.00 31.66 ? 1075 ARG A CG  1 
ATOM   793  C CD  . ARG A 1 97  ? 6.365   -4.739  -15.615 1.00 38.94 ? 1075 ARG A CD  1 
ATOM   794  N NE  . ARG A 1 97  ? 6.192   -4.652  -17.064 1.00 39.24 ? 1075 ARG A NE  1 
ATOM   795  C CZ  . ARG A 1 97  ? 6.528   -5.610  -17.932 1.00 45.13 ? 1075 ARG A CZ  1 
ATOM   796  N NH1 . ARG A 1 97  ? 7.058   -6.757  -17.511 1.00 39.55 ? 1075 ARG A NH1 1 
ATOM   797  N NH2 . ARG A 1 97  ? 6.335   -5.416  -19.231 1.00 41.65 ? 1075 ARG A NH2 1 
ATOM   798  N N   . HIS A 1 98  ? 0.770   -5.024  -15.071 1.00 34.97 ? 1076 HIS A N   1 
ATOM   799  C CA  . HIS A 1 98  ? -0.437  -4.239  -15.306 1.00 35.81 ? 1076 HIS A CA  1 
ATOM   800  C C   . HIS A 1 98  ? -1.275  -4.134  -14.033 1.00 32.02 ? 1076 HIS A C   1 
ATOM   801  O O   . HIS A 1 98  ? -1.747  -3.049  -13.683 1.00 32.56 ? 1076 HIS A O   1 
ATOM   802  C CB  . HIS A 1 98  ? -1.251  -4.842  -16.452 1.00 37.43 ? 1076 HIS A CB  1 
ATOM   803  C CG  . HIS A 1 98  ? -2.408  -3.988  -16.865 1.00 43.31 ? 1076 HIS A CG  1 
ATOM   804  N ND1 . HIS A 1 98  ? -3.673  -4.152  -16.348 1.00 42.76 ? 1076 HIS A ND1 1 
ATOM   805  C CD2 . HIS A 1 98  ? -2.483  -2.943  -17.725 1.00 45.63 ? 1076 HIS A CD2 1 
ATOM   806  C CE1 . HIS A 1 98  ? -4.484  -3.251  -16.876 1.00 42.59 ? 1076 HIS A CE1 1 
ATOM   807  N NE2 . HIS A 1 98  ? -3.788  -2.511  -17.723 1.00 45.13 ? 1076 HIS A NE2 1 
ATOM   808  N N   . ARG A 1 99  ? -1.428  -5.245  -13.306 1.00 35.23 ? 1077 ARG A N   1 
ATOM   809  C CA  . ARG A 1 99  ? -2.190  -5.228  -12.065 1.00 36.65 ? 1077 ARG A CA  1 
ATOM   810  C C   . ARG A 1 99  ? -1.541  -4.334  -11.012 1.00 37.90 ? 1077 ARG A C   1 
ATOM   811  O O   . ARG A 1 99  ? -2.241  -3.667  -10.233 1.00 31.15 ? 1077 ARG A O   1 
ATOM   812  C CB  . ARG A 1 99  ? -2.342  -6.652  -11.539 1.00 31.71 ? 1077 ARG A CB  1 
ATOM   813  C CG  . ARG A 1 99  ? -3.201  -7.541  -12.420 1.00 36.34 ? 1077 ARG A CG  1 
ATOM   814  C CD  . ARG A 1 99  ? -3.101  -8.981  -11.949 1.00 37.54 ? 1077 ARG A CD  1 
ATOM   815  N NE  . ARG A 1 99  ? -4.077  -9.831  -12.616 1.00 38.07 ? 1077 ARG A NE  1 
ATOM   816  C CZ  . ARG A 1 99  ? -4.100  -11.154 -12.526 1.00 43.45 ? 1077 ARG A CZ  1 
ATOM   817  N NH1 . ARG A 1 99  ? -3.185  -11.784 -11.801 1.00 46.39 ? 1077 ARG A NH1 1 
ATOM   818  N NH2 . ARG A 1 99  ? -5.048  -11.844 -13.159 1.00 44.08 ? 1077 ARG A NH2 1 
ATOM   819  N N   . ALA A 1 100 ? -0.207  -4.326  -10.956 1.00 30.82 ? 1078 ALA A N   1 
ATOM   820  C CA  . ALA A 1 100 ? 0.515   -3.501  -9.991  1.00 34.46 ? 1078 ALA A CA  1 
ATOM   821  C C   . ALA A 1 100 ? 0.312   -2.023  -10.279 1.00 34.56 ? 1078 ALA A C   1 
ATOM   822  O O   . ALA A 1 100 ? 0.066   -1.228  -9.363  1.00 33.46 ? 1078 ALA A O   1 
ATOM   823  C CB  . ALA A 1 100 ? 2.017   -3.850  -10.014 1.00 31.89 ? 1078 ALA A CB  1 
ATOM   824  N N   . CYS A 1 101 ? 0.428   -1.625  -11.545 1.00 31.67 ? 1079 CYS A N   1 
ATOM   825  C CA  . CYS A 1 101 ? 0.165   -0.231  -11.871 1.00 31.80 ? 1079 CYS A CA  1 
ATOM   826  C C   . CYS A 1 101 ? -1.286  0.124   -11.619 1.00 34.35 ? 1079 CYS A C   1 
ATOM   827  O O   . CYS A 1 101 ? -1.580  1.257   -11.232 1.00 34.59 ? 1079 CYS A O   1 
ATOM   828  C CB  . CYS A 1 101 ? 0.543   0.059   -13.310 1.00 34.23 ? 1079 CYS A CB  1 
ATOM   829  S SG  . CYS A 1 101 ? 2.340   0.004   -13.490 1.00 45.92 ? 1079 CYS A SG  1 
ATOM   830  N N   . ALA A 1 102 ? -2.199  -0.825  -11.820 1.00 33.24 ? 1080 ALA A N   1 
ATOM   831  C CA  . ALA A 1 102 ? -3.615  -0.547  -11.553 1.00 31.57 ? 1080 ALA A CA  1 
ATOM   832  C C   . ALA A 1 102 ? -3.883  -0.408  -10.055 1.00 34.85 ? 1080 ALA A C   1 
ATOM   833  O O   . ALA A 1 102 ? -4.704  0.421   -9.636  1.00 33.13 ? 1080 ALA A O   1 
ATOM   834  C CB  . ALA A 1 102 ? -4.477  -1.654  -12.165 1.00 31.23 ? 1080 ALA A CB  1 
ATOM   835  N N   . LEU A 1 103 ? -3.228  -1.232  -9.230  1.00 32.38 ? 1081 LEU A N   1 
ATOM   836  C CA  . LEU A 1 103 ? -3.354  -1.081  -7.783  1.00 32.51 ? 1081 LEU A CA  1 
ATOM   837  C C   . LEU A 1 103 ? -2.917  0.309   -7.357  1.00 33.74 ? 1081 LEU A C   1 
ATOM   838  O O   . LEU A 1 103 ? -3.608  0.990   -6.590  1.00 34.45 ? 1081 LEU A O   1 
ATOM   839  C CB  . LEU A 1 103 ? -2.521  -2.139  -7.050  1.00 32.61 ? 1081 LEU A CB  1 
ATOM   840  C CG  . LEU A 1 103 ? -2.447  -1.940  -5.526  1.00 31.50 ? 1081 LEU A CG  1 
ATOM   841  C CD1 . LEU A 1 103 ? -3.715  -2.444  -4.866  1.00 35.11 ? 1081 LEU A CD1 1 
ATOM   842  C CD2 . LEU A 1 103 ? -1.220  -2.629  -4.932  1.00 38.25 ? 1081 LEU A CD2 1 
ATOM   843  N N   . ARG A 1 104 ? -1.761  0.739   -7.858  1.00 32.46 ? 1082 ARG A N   1 
ATOM   844  C CA  A ARG A 1 104 ? -1.257  2.069   -7.527  0.47 34.11 ? 1082 ARG A CA  1 
ATOM   845  C CA  B ARG A 1 104 ? -1.253  2.067   -7.533  0.53 34.12 ? 1082 ARG A CA  1 
ATOM   846  C C   . ARG A 1 104 ? -2.218  3.152   -8.001  1.00 36.61 ? 1082 ARG A C   1 
ATOM   847  O O   . ARG A 1 104 ? -2.573  4.053   -7.233  1.00 33.01 ? 1082 ARG A O   1 
ATOM   848  C CB  A ARG A 1 104 ? 0.127   2.276   -8.142  0.47 36.45 ? 1082 ARG A CB  1 
ATOM   849  C CB  B ARG A 1 104 ? 0.129   2.255   -8.164  0.53 37.00 ? 1082 ARG A CB  1 
ATOM   850  C CG  A ARG A 1 104 ? 0.762   3.614   -7.791  0.47 39.64 ? 1082 ARG A CG  1 
ATOM   851  C CG  B ARG A 1 104 ? 0.760   3.612   -7.911  0.53 39.65 ? 1082 ARG A CG  1 
ATOM   852  C CD  A ARG A 1 104 ? 1.678   4.088   -8.906  0.47 43.81 ? 1082 ARG A CD  1 
ATOM   853  C CD  B ARG A 1 104 ? 2.218   3.649   -8.374  0.53 40.75 ? 1082 ARG A CD  1 
ATOM   854  N NE  A ARG A 1 104 ? 1.025   3.995   -10.210 0.47 43.94 ? 1082 ARG A NE  1 
ATOM   855  N NE  B ARG A 1 104 ? 2.930   4.786   -7.801  0.53 42.65 ? 1082 ARG A NE  1 
ATOM   856  C CZ  A ARG A 1 104 ? 1.672   3.785   -11.349 0.47 43.29 ? 1082 ARG A CZ  1 
ATOM   857  C CZ  B ARG A 1 104 ? 3.082   5.958   -8.413  0.53 45.29 ? 1082 ARG A CZ  1 
ATOM   858  N NH1 A ARG A 1 104 ? 2.993   3.640   -11.342 0.47 49.25 ? 1082 ARG A NH1 1 
ATOM   859  N NH1 B ARG A 1 104 ? 2.567   6.150   -9.620  0.53 49.36 ? 1082 ARG A NH1 1 
ATOM   860  N NH2 A ARG A 1 104 ? 1.006   3.720   -12.491 0.47 40.59 ? 1082 ARG A NH2 1 
ATOM   861  N NH2 B ARG A 1 104 ? 3.747   6.936   -7.817  0.53 47.13 ? 1082 ARG A NH2 1 
ATOM   862  N N   . ASP A 1 105 ? -2.649  3.083   -9.263  1.00 33.30 ? 1083 ASP A N   1 
ATOM   863  C CA  . ASP A 1 105 ? -3.563  4.105   -9.785  1.00 37.35 ? 1083 ASP A CA  1 
ATOM   864  C C   . ASP A 1 105 ? -4.872  4.141   -9.010  1.00 34.24 ? 1083 ASP A C   1 
ATOM   865  O O   . ASP A 1 105 ? -5.429  5.220   -8.771  1.00 34.21 ? 1083 ASP A O   1 
ATOM   866  C CB  . ASP A 1 105 ? -3.867  3.862   -11.263 1.00 37.85 ? 1083 ASP A CB  1 
ATOM   867  C CG  . ASP A 1 105 ? -2.632  3.970   -12.142 1.00 44.20 ? 1083 ASP A CG  1 
ATOM   868  O OD1 . ASP A 1 105 ? -1.649  4.631   -11.734 1.00 42.23 ? 1083 ASP A OD1 1 
ATOM   869  O OD2 . ASP A 1 105 ? -2.661  3.392   -13.248 1.00 50.27 ? 1083 ASP A OD2 1 
ATOM   870  N N   . THR A 1 106 ? -5.392  2.976   -8.634  1.00 33.42 ? 1084 THR A N   1 
ATOM   871  C CA  . THR A 1 106 ? -6.660  2.928   -7.914  1.00 34.35 ? 1084 THR A CA  1 
ATOM   872  C C   . THR A 1 106 ? -6.537  3.546   -6.530  1.00 35.65 ? 1084 THR A C   1 
ATOM   873  O O   . THR A 1 106 ? -7.398  4.336   -6.109  1.00 31.60 ? 1084 THR A O   1 
ATOM   874  C CB  . THR A 1 106 ? -7.138  1.484   -7.809  1.00 31.65 ? 1084 THR A CB  1 
ATOM   875  O OG1 . THR A 1 106 ? -7.452  0.991   -9.119  1.00 33.82 ? 1084 THR A OG1 1 
ATOM   876  C CG2 . THR A 1 106 ? -8.361  1.393   -6.926  1.00 34.89 ? 1084 THR A CG2 1 
ATOM   877  N N   . ALA A 1 107 ? -5.471  3.203   -5.809  1.00 30.93 ? 1085 ALA A N   1 
ATOM   878  C CA  . ALA A 1 107 ? -5.255  3.767   -4.485  1.00 31.19 ? 1085 ALA A CA  1 
ATOM   879  C C   . ALA A 1 107 ? -5.136  5.281   -4.554  1.00 32.63 ? 1085 ALA A C   1 
ATOM   880  O O   . ALA A 1 107 ? -5.752  5.998   -3.756  1.00 34.60 ? 1085 ALA A O   1 
ATOM   881  C CB  . ALA A 1 107 ? -3.998  3.156   -3.848  1.00 30.20 ? 1085 ALA A CB  1 
ATOM   882  N N   . TYR A 1 108 ? -4.335  5.792   -5.490  1.00 30.93 ? 1086 TYR A N   1 
ATOM   883  C CA  . TYR A 1 108 ? -4.191  7.241   -5.607  1.00 31.90 ? 1086 TYR A CA  1 
ATOM   884  C C   . TYR A 1 108 ? -5.519  7.907   -5.962  1.00 34.70 ? 1086 TYR A C   1 
ATOM   885  O O   . TYR A 1 108 ? -5.824  8.997   -5.466  1.00 32.40 ? 1086 TYR A O   1 
ATOM   886  C CB  . TYR A 1 108 ? -3.129  7.589   -6.650  1.00 33.57 ? 1086 TYR A CB  1 
ATOM   887  C CG  . TYR A 1 108 ? -1.712  7.659   -6.091  1.00 36.99 ? 1086 TYR A CG  1 
ATOM   888  C CD1 . TYR A 1 108 ? -0.961  6.505   -5.923  1.00 33.80 ? 1086 TYR A CD1 1 
ATOM   889  C CD2 . TYR A 1 108 ? -1.134  8.877   -5.742  1.00 39.67 ? 1086 TYR A CD2 1 
ATOM   890  C CE1 . TYR A 1 108 ? 0.332   6.546   -5.408  1.00 37.51 ? 1086 TYR A CE1 1 
ATOM   891  C CE2 . TYR A 1 108 ? 0.166   8.932   -5.243  1.00 40.58 ? 1086 TYR A CE2 1 
ATOM   892  C CZ  . TYR A 1 108 ? 0.892   7.761   -5.081  1.00 39.26 ? 1086 TYR A CZ  1 
ATOM   893  O OH  . TYR A 1 108 ? 2.174   7.797   -4.577  1.00 39.15 ? 1086 TYR A OH  1 
ATOM   894  N N   . ALA A 1 109 ? -6.323  7.268   -6.819  1.00 31.46 ? 1087 ALA A N   1 
ATOM   895  C CA  . ALA A 1 109 ? -7.562  7.897   -7.272  1.00 35.03 ? 1087 ALA A CA  1 
ATOM   896  C C   . ALA A 1 109 ? -8.601  7.951   -6.157  1.00 37.94 ? 1087 ALA A C   1 
ATOM   897  O O   . ALA A 1 109 ? -9.359  8.927   -6.046  1.00 33.34 ? 1087 ALA A O   1 
ATOM   898  C CB  . ALA A 1 109 ? -8.116  7.151   -8.485  1.00 36.92 ? 1087 ALA A CB  1 
ATOM   899  N N   . ILE A 1 110 ? -8.670  6.906   -5.332  1.00 34.60 ? 1088 ILE A N   1 
ATOM   900  C CA  . ILE A 1 110 ? -9.580  6.929   -4.188  1.00 33.69 ? 1088 ILE A CA  1 
ATOM   901  C C   . ILE A 1 110 ? -9.203  8.059   -3.252  1.00 35.77 ? 1088 ILE A C   1 
ATOM   902  O O   . ILE A 1 110 ? -10.063 8.818   -2.774  1.00 35.01 ? 1088 ILE A O   1 
ATOM   903  C CB  . ILE A 1 110 ? -9.561  5.574   -3.457  1.00 30.68 ? 1088 ILE A CB  1 
ATOM   904  C CG1 . ILE A 1 110 ? -10.171 4.486   -4.323  1.00 30.71 ? 1088 ILE A CG1 1 
ATOM   905  C CG2 . ILE A 1 110 ? -10.287 5.659   -2.125  1.00 32.81 ? 1088 ILE A CG2 1 
ATOM   906  C CD1 . ILE A 1 110 ? -10.034 3.104   -3.703  1.00 34.71 ? 1088 ILE A CD1 1 
ATOM   907  N N   . ILE A 1 111 ? -7.911  8.201   -2.985  1.00 31.71 ? 1089 ILE A N   1 
ATOM   908  C CA  . ILE A 1 111 ? -7.468  9.198   -2.025  1.00 33.20 ? 1089 ILE A CA  1 
ATOM   909  C C   . ILE A 1 111 ? -7.706  10.601  -2.577  1.00 35.84 ? 1089 ILE A C   1 
ATOM   910  O O   . ILE A 1 111 ? -8.144  11.499  -1.850  1.00 34.64 ? 1089 ILE A O   1 
ATOM   911  C CB  . ILE A 1 111 ? -6.000  8.922   -1.632  1.00 39.01 ? 1089 ILE A CB  1 
ATOM   912  C CG1 . ILE A 1 111 ? -5.933  7.714   -0.685  1.00 32.67 ? 1089 ILE A CG1 1 
ATOM   913  C CG2 . ILE A 1 111 ? -5.345  10.128  -0.990  1.00 38.33 ? 1089 ILE A CG2 1 
ATOM   914  C CD1 . ILE A 1 111 ? -4.615  7.015   -0.671  1.00 45.81 ? 1089 ILE A CD1 1 
ATOM   915  N N   . LYS A 1 112 ? -7.480  10.800  -3.878  1.00 34.76 ? 1090 LYS A N   1 
ATOM   916  C CA  . LYS A 1 112 ? -7.763  12.101  -4.481  1.00 36.57 ? 1090 LYS A CA  1 
ATOM   917  C C   . LYS A 1 112 ? -9.241  12.458  -4.384  1.00 39.52 ? 1090 LYS A C   1 
ATOM   918  O O   . LYS A 1 112 ? -9.584  13.603  -4.087  1.00 40.96 ? 1090 LYS A O   1 
ATOM   919  C CB  . LYS A 1 112 ? -7.331  12.128  -5.947  1.00 40.42 ? 1090 LYS A CB  1 
ATOM   920  C CG  . LYS A 1 112 ? -7.634  13.477  -6.619  1.00 45.24 ? 1090 LYS A CG  1 
ATOM   921  C CD  . LYS A 1 112 ? -6.900  13.636  -7.946  1.00 65.50 ? 1090 LYS A CD  1 
ATOM   922  C CE  . LYS A 1 112 ? -7.198  14.994  -8.583  1.00 70.56 ? 1090 LYS A CE  1 
ATOM   923  N NZ  . LYS A 1 112 ? -6.336  15.255  -9.771  1.00 76.49 ? 1090 LYS A NZ  1 
ATOM   924  N N   . GLU A 1 113 ? -10.128 11.498  -4.659  1.00 36.84 ? 1091 GLU A N   1 
ATOM   925  C CA  . GLU A 1 113 ? -11.570 11.750  -4.591  1.00 40.30 ? 1091 GLU A CA  1 
ATOM   926  C C   . GLU A 1 113 ? -12.074 11.898  -3.159  1.00 40.03 ? 1091 GLU A C   1 
ATOM   927  O O   . GLU A 1 113 ? -13.018 12.659  -2.907  1.00 38.26 ? 1091 GLU A O   1 
ATOM   928  C CB  . GLU A 1 113 ? -12.339 10.603  -5.239  1.00 46.10 ? 1091 GLU A CB  1 
ATOM   929  C CG  . GLU A 1 113 ? -12.523 10.622  -6.729  1.00 62.48 ? 1091 GLU A CG  1 
ATOM   930  C CD  . GLU A 1 113 ? -13.591 9.612   -7.137  1.00 75.24 ? 1091 GLU A CD  1 
ATOM   931  O OE1 . GLU A 1 113 ? -14.637 10.036  -7.677  1.00 74.24 ? 1091 GLU A OE1 1 
ATOM   932  O OE2 . GLU A 1 113 ? -13.398 8.399   -6.878  1.00 73.21 ? 1091 GLU A OE2 1 
ATOM   933  N N   . GLU A 1 114 ? -11.526 11.123  -2.214  1.00 31.06 ? 1092 GLU A N   1 
ATOM   934  C CA  . GLU A 1 114 ? -12.213 10.901  -0.945  1.00 31.90 ? 1092 GLU A CA  1 
ATOM   935  C C   . GLU A 1 114 ? -11.513 11.474  0.284   1.00 39.71 ? 1092 GLU A C   1 
ATOM   936  O O   . GLU A 1 114 ? -12.162 11.636  1.319   1.00 36.14 ? 1092 GLU A O   1 
ATOM   937  C CB  . GLU A 1 114 ? -12.449 9.400   -0.739  1.00 31.54 ? 1092 GLU A CB  1 
ATOM   938  C CG  . GLU A 1 114 ? -13.215 8.759   -1.892  1.00 34.60 ? 1092 GLU A CG  1 
ATOM   939  C CD  . GLU A 1 114 ? -13.542 7.286   -1.668  1.00 38.11 ? 1092 GLU A CD  1 
ATOM   940  O OE1 . GLU A 1 114 ? -13.430 6.806   -0.520  1.00 38.93 ? 1092 GLU A OE1 1 
ATOM   941  O OE2 . GLU A 1 114 ? -13.896 6.597   -2.650  1.00 36.04 ? 1092 GLU A OE2 1 
ATOM   942  N N   . LEU A 1 115 ? -10.226 11.791  0.218   1.00 33.21 ? 1093 LEU A N   1 
ATOM   943  C CA  . LEU A 1 115 ? -9.516  12.313  1.380   1.00 34.92 ? 1093 LEU A CA  1 
ATOM   944  C C   . LEU A 1 115 ? -9.415  13.823  1.238   1.00 38.13 ? 1093 LEU A C   1 
ATOM   945  O O   . LEU A 1 115 ? -8.914  14.317  0.227   1.00 37.01 ? 1093 LEU A O   1 
ATOM   946  C CB  . LEU A 1 115 ? -8.125  11.694  1.521   1.00 36.06 ? 1093 LEU A CB  1 
ATOM   947  C CG  . LEU A 1 115 ? -7.400  12.051  2.825   1.00 36.24 ? 1093 LEU A CG  1 
ATOM   948  C CD1 . LEU A 1 115 ? -8.128  11.499  4.056   1.00 44.68 ? 1093 LEU A CD1 1 
ATOM   949  C CD2 . LEU A 1 115 ? -5.971  11.525  2.750   1.00 44.37 ? 1093 LEU A CD2 1 
ATOM   950  N N   . ASP A 1 116 ? -9.888  14.548  2.244   1.00 37.78 ? 1094 ASP A N   1 
ATOM   951  C CA  . ASP A 1 116 ? -9.903  16.008  2.178   1.00 35.48 ? 1094 ASP A CA  1 
ATOM   952  C C   . ASP A 1 116 ? -8.485  16.569  2.279   1.00 37.71 ? 1094 ASP A C   1 
ATOM   953  O O   . ASP A 1 116 ? -7.715  16.173  3.157   1.00 34.92 ? 1094 ASP A O   1 
ATOM   954  C CB  . ASP A 1 116 ? -10.788 16.547  3.303   1.00 38.47 ? 1094 ASP A CB  1 
ATOM   955  C CG  . ASP A 1 116 ? -10.990 18.035  3.215   1.00 47.02 ? 1094 ASP A CG  1 
ATOM   956  O OD1 . ASP A 1 116 ? -10.062 18.781  3.578   1.00 47.07 ? 1094 ASP A OD1 1 
ATOM   957  O OD2 . ASP A 1 116 ? -12.078 18.461  2.779   1.00 48.79 ? 1094 ASP A OD2 1 
ATOM   958  N N   . GLU A 1 117 ? -8.132  17.481  1.368   1.00 37.03 ? 1095 GLU A N   1 
ATOM   959  C CA  . GLU A 1 117 ? -6.764  18.000  1.329   1.00 39.85 ? 1095 GLU A CA  1 
ATOM   960  C C   . GLU A 1 117 ? -6.356  18.643  2.651   1.00 43.89 ? 1095 GLU A C   1 
ATOM   961  O O   . GLU A 1 117 ? -5.200  18.517  3.078   1.00 39.07 ? 1095 GLU A O   1 
ATOM   962  C CB  . GLU A 1 117 ? -6.614  19.004  0.192   1.00 49.11 ? 1095 GLU A CB  1 
ATOM   963  C CG  . GLU A 1 117 ? -7.286  18.586  -1.106  1.00 60.79 ? 1095 GLU A CG  1 
ATOM   964  C CD  . GLU A 1 117 ? -6.577  19.146  -2.335  1.00 77.92 ? 1095 GLU A CD  1 
ATOM   965  O OE1 . GLU A 1 117 ? -6.143  18.340  -3.191  1.00 83.74 ? 1095 GLU A OE1 1 
ATOM   966  O OE2 . GLU A 1 117 ? -6.447  20.389  -2.441  1.00 80.71 ? 1095 GLU A OE2 1 
ATOM   967  N N   . ASP A 1 118 ? -7.293  19.339  3.319   1.00 38.51 ? 1096 ASP A N   1 
ATOM   968  C CA  . ASP A 1 118 ? -6.983  19.967  4.605   1.00 38.81 ? 1096 ASP A CA  1 
ATOM   969  C C   . ASP A 1 118 ? -6.748  18.934  5.693   1.00 39.28 ? 1096 ASP A C   1 
ATOM   970  O O   . ASP A 1 118 ? -5.969  19.176  6.623   1.00 37.58 ? 1096 ASP A O   1 
ATOM   971  C CB  . ASP A 1 118 ? -8.116  20.898  5.040   1.00 39.76 ? 1096 ASP A CB  1 
ATOM   972  C CG  . ASP A 1 118 ? -8.256  22.107  4.149   1.00 46.90 ? 1096 ASP A CG  1 
ATOM   973  O OD1 . ASP A 1 118 ? -7.224  22.599  3.639   1.00 44.71 ? 1096 ASP A OD1 1 
ATOM   974  O OD2 . ASP A 1 118 ? -9.410  22.562  3.950   1.00 50.83 ? 1096 ASP A OD2 1 
ATOM   975  N N   . PHE A 1 119 ? -7.436  17.792  5.617   1.00 38.44 ? 1097 PHE A N   1 
ATOM   976  C CA  . PHE A 1 119 ? -7.206  16.751  6.605   1.00 36.92 ? 1097 PHE A CA  1 
ATOM   977  C C   . PHE A 1 119 ? -5.798  16.185  6.459   1.00 36.52 ? 1097 PHE A C   1 
ATOM   978  O O   . PHE A 1 119 ? -5.081  16.023  7.450   1.00 37.87 ? 1097 PHE A O   1 
ATOM   979  C CB  . PHE A 1 119 ? -8.264  15.647  6.487   1.00 36.51 ? 1097 PHE A CB  1 
ATOM   980  C CG  . PHE A 1 119 ? -8.063  14.534  7.470   1.00 40.44 ? 1097 PHE A CG  1 
ATOM   981  C CD1 . PHE A 1 119 ? -8.565  14.629  8.759   1.00 40.42 ? 1097 PHE A CD1 1 
ATOM   982  C CD2 . PHE A 1 119 ? -7.331  13.411  7.125   1.00 42.01 ? 1097 PHE A CD2 1 
ATOM   983  C CE1 . PHE A 1 119 ? -8.354  13.625  9.678   1.00 40.88 ? 1097 PHE A CE1 1 
ATOM   984  C CE2 . PHE A 1 119 ? -7.119  12.401  8.038   1.00 38.75 ? 1097 PHE A CE2 1 
ATOM   985  C CZ  . PHE A 1 119 ? -7.633  12.503  9.317   1.00 41.89 ? 1097 PHE A CZ  1 
ATOM   986  N N   . GLU A 1 120 ? -5.374  15.922  5.227   1.00 37.12 ? 1098 GLU A N   1 
ATOM   987  C CA  . GLU A 1 120 ? -4.009  15.453  5.010   1.00 36.11 ? 1098 GLU A CA  1 
ATOM   988  C C   . GLU A 1 120 ? -2.979  16.499  5.449   1.00 43.49 ? 1098 GLU A C   1 
ATOM   989  O O   . GLU A 1 120 ? -1.935  16.156  6.025   1.00 39.57 ? 1098 GLU A O   1 
ATOM   990  C CB  . GLU A 1 120 ? -3.822  15.085  3.537   1.00 37.91 ? 1098 GLU A CB  1 
ATOM   991  C CG  . GLU A 1 120 ? -2.363  14.795  3.131   1.00 41.03 ? 1098 GLU A CG  1 
ATOM   992  C CD  . GLU A 1 120 ? -1.696  13.678  3.941   1.00 43.89 ? 1098 GLU A CD  1 
ATOM   993  O OE1 . GLU A 1 120 ? -2.408  12.897  4.605   1.00 45.33 ? 1098 GLU A OE1 1 
ATOM   994  O OE2 . GLU A 1 120 ? -0.445  13.547  3.883   1.00 49.84 ? 1098 GLU A OE2 1 
ATOM   995  N N   . GLN A 1 121 ? -3.251  17.780  5.180   1.00 40.92 ? 1099 GLN A N   1 
ATOM   996  C CA  . GLN A 1 121 ? -2.331  18.835  5.608   1.00 39.35 ? 1099 GLN A CA  1 
ATOM   997  C C   . GLN A 1 121 ? -2.212  18.888  7.128   1.00 41.83 ? 1099 GLN A C   1 
ATOM   998  O O   . GLN A 1 121 ? -1.109  19.055  7.670   1.00 45.05 ? 1099 GLN A O   1 
ATOM   999  C CB  . GLN A 1 121 ? -2.785  20.184  5.053   1.00 44.90 ? 1099 GLN A CB  1 
ATOM   1000 C CG  . GLN A 1 121 ? -1.828  21.333  5.385   1.00 48.37 ? 1099 GLN A CG  1 
ATOM   1001 C CD  . GLN A 1 121 ? -0.438  21.117  4.814   1.00 51.84 ? 1099 GLN A CD  1 
ATOM   1002 O OE1 . GLN A 1 121 ? -0.275  20.526  3.743   1.00 50.77 ? 1099 GLN A OE1 1 
ATOM   1003 N NE2 . GLN A 1 121 ? 0.574   21.595  5.530   1.00 51.64 ? 1099 GLN A NE2 1 
ATOM   1004 N N   . LEU A 1 122 ? -3.334  18.718  7.835   1.00 36.99 ? 1100 LEU A N   1 
ATOM   1005 C CA  . LEU A 1 122 ? -3.305  18.633  9.290   1.00 40.32 ? 1100 LEU A CA  1 
ATOM   1006 C C   . LEU A 1 122 ? -2.430  17.472  9.750   1.00 46.93 ? 1100 LEU A C   1 
ATOM   1007 O O   . LEU A 1 122 ? -1.546  17.641  10.606  1.00 39.69 ? 1100 LEU A O   1 
ATOM   1008 C CB  . LEU A 1 122 ? -4.732  18.487  9.827   1.00 38.40 ? 1100 LEU A CB  1 
ATOM   1009 C CG  . LEU A 1 122 ? -4.874  18.250  11.328  1.00 43.28 ? 1100 LEU A CG  1 
ATOM   1010 C CD1 . LEU A 1 122 ? -4.115  19.337  12.101  1.00 43.62 ? 1100 LEU A CD1 1 
ATOM   1011 C CD2 . LEU A 1 122 ? -6.331  18.212  11.746  1.00 42.45 ? 1100 LEU A CD2 1 
ATOM   1012 N N   . CYS A 1 123 ? -2.666  16.280  9.190   1.00 39.93 ? 1101 CYS A N   1 
ATOM   1013 C CA  . CYS A 1 123 ? -1.850  15.119  9.541   1.00 44.35 ? 1101 CYS A CA  1 
ATOM   1014 C C   . CYS A 1 123 ? -0.369  15.426  9.379   1.00 44.56 ? 1101 CYS A C   1 
ATOM   1015 O O   . CYS A 1 123 ? 0.435   15.130  10.272  1.00 46.35 ? 1101 CYS A O   1 
ATOM   1016 C CB  . CYS A 1 123 ? -2.256  13.912  8.684   1.00 40.03 ? 1101 CYS A CB  1 
ATOM   1017 S SG  . CYS A 1 123 ? -3.859  13.201  9.122   1.00 42.05 ? 1101 CYS A SG  1 
ATOM   1018 N N   . GLU A 1 124 ? 0.000   16.073  8.267   1.00 39.35 ? 1102 GLU A N   1 
ATOM   1019 C CA  . GLU A 1 124 ? 1.399   16.387  7.999   1.00 46.35 ? 1102 GLU A CA  1 
ATOM   1020 C C   . GLU A 1 124 ? 1.966   17.378  9.002   1.00 53.37 ? 1102 GLU A C   1 
ATOM   1021 O O   . GLU A 1 124 ? 3.134   17.267  9.397   1.00 47.16 ? 1102 GLU A O   1 
ATOM   1022 C CB  . GLU A 1 124 ? 1.542   16.937  6.591   1.00 46.27 ? 1102 GLU A CB  1 
ATOM   1023 C CG  . GLU A 1 124 ? 1.238   15.906  5.552   1.00 52.04 ? 1102 GLU A CG  1 
ATOM   1024 C CD  . GLU A 1 124 ? 1.509   16.413  4.171   1.00 62.96 ? 1102 GLU A CD  1 
ATOM   1025 O OE1 . GLU A 1 124 ? 2.048   17.538  4.059   1.00 62.54 ? 1102 GLU A OE1 1 
ATOM   1026 O OE2 . GLU A 1 124 ? 1.166   15.693  3.205   1.00 65.80 ? 1102 GLU A OE2 1 
ATOM   1027 N N   . GLU A 1 125 ? 1.169   18.369  9.409   1.00 47.06 ? 1103 GLU A N   1 
ATOM   1028 C CA  . GLU A 1 125 ? 1.682   19.364  10.344  1.00 45.22 ? 1103 GLU A CA  1 
ATOM   1029 C C   . GLU A 1 125 ? 1.817   18.790  11.744  1.00 46.18 ? 1103 GLU A C   1 
ATOM   1030 O O   . GLU A 1 125 ? 2.754   19.151  12.463  1.00 55.04 ? 1103 GLU A O   1 
ATOM   1031 C CB  . GLU A 1 125 ? 0.800   20.617  10.307  1.00 42.21 ? 1103 GLU A CB  1 
ATOM   1032 C CG  . GLU A 1 125 ? 0.984   21.350  8.972   1.00 46.97 ? 1103 GLU A CG  1 
ATOM   1033 C CD  . GLU A 1 125 ? 0.201   22.644  8.841   1.00 46.79 ? 1103 GLU A CD  1 
ATOM   1034 O OE1 . GLU A 1 125 ? -0.250  23.184  9.866   1.00 44.85 ? 1103 GLU A OE1 1 
ATOM   1035 O OE2 . GLU A 1 125 ? 0.045   23.126  7.701   1.00 45.87 ? 1103 GLU A OE2 1 
ATOM   1036 N N   . ILE A 1 126 ? 0.932   17.870  12.137  1.00 44.86 ? 1104 ILE A N   1 
ATOM   1037 C CA  . ILE A 1 126 ? 1.126   17.175  13.407  1.00 49.19 ? 1104 ILE A CA  1 
ATOM   1038 C C   . ILE A 1 126 ? 2.387   16.331  13.350  1.00 59.70 ? 1104 ILE A C   1 
ATOM   1039 O O   . ILE A 1 126 ? 3.187   16.316  14.293  1.00 64.25 ? 1104 ILE A O   1 
ATOM   1040 C CB  . ILE A 1 126 ? -0.091  16.305  13.762  1.00 50.47 ? 1104 ILE A CB  1 
ATOM   1041 C CG1 . ILE A 1 126 ? -1.386  17.113  13.787  1.00 46.66 ? 1104 ILE A CG1 1 
ATOM   1042 C CG2 . ILE A 1 126 ? 0.129   15.639  15.112  1.00 54.86 ? 1104 ILE A CG2 1 
ATOM   1043 C CD1 . ILE A 1 126 ? -2.600  16.249  14.125  1.00 48.51 ? 1104 ILE A CD1 1 
ATOM   1044 N N   . GLN A 1 127 ? 2.583   15.615  12.237  1.00 55.71 ? 1105 GLN A N   1 
ATOM   1045 C CA  . GLN A 1 127 ? 3.743   14.739  12.103  1.00 61.84 ? 1105 GLN A CA  1 
ATOM   1046 C C   . GLN A 1 127 ? 5.043   15.523  12.248  1.00 61.85 ? 1105 GLN A C   1 
ATOM   1047 O O   . GLN A 1 127 ? 5.936   15.127  13.005  1.00 69.52 ? 1105 GLN A O   1 
ATOM   1048 C CB  . GLN A 1 127 ? 3.694   14.003  10.762  1.00 54.87 ? 1105 GLN A CB  1 
ATOM   1049 C CG  . GLN A 1 127 ? 4.819   12.987  10.576  1.00 60.50 ? 1105 GLN A CG  1 
ATOM   1050 C CD  . GLN A 1 127 ? 5.050   12.622  9.116   1.00 60.11 ? 1105 GLN A CD  1 
ATOM   1051 O OE1 . GLN A 1 127 ? 5.010   13.482  8.234   1.00 60.43 ? 1105 GLN A OE1 1 
ATOM   1052 N NE2 . GLN A 1 127 ? 5.283   11.336  8.857   1.00 58.38 ? 1105 GLN A NE2 1 
ATOM   1053 N N   . GLU A 1 128 ? 5.161   16.648  11.537  1.00 64.17 ? 1106 GLU A N   1 
ATOM   1054 C CA  . GLU A 1 128 ? 6.360   17.482  11.593  1.00 67.25 ? 1106 GLU A CA  1 
ATOM   1055 C C   . GLU A 1 128 ? 6.567   18.158  12.943  1.00 72.03 ? 1106 GLU A C   1 
ATOM   1056 O O   . GLU A 1 128 ? 7.660   18.681  13.191  1.00 71.92 ? 1106 GLU A O   1 
ATOM   1057 C CB  . GLU A 1 128 ? 6.312   18.553  10.505  1.00 64.06 ? 1106 GLU A CB  1 
ATOM   1058 C CG  . GLU A 1 128 ? 6.266   18.004  9.097   1.00 67.74 ? 1106 GLU A CG  1 
ATOM   1059 C CD  . GLU A 1 128 ? 5.698   19.000  8.098   1.00 72.04 ? 1106 GLU A CD  1 
ATOM   1060 O OE1 . GLU A 1 128 ? 5.164   20.045  8.531   1.00 70.73 ? 1106 GLU A OE1 1 
ATOM   1061 O OE2 . GLU A 1 128 ? 5.790   18.738  6.877   1.00 73.62 ? 1106 GLU A OE2 1 
ATOM   1062 N N   . SER A 1 129 ? 5.553   18.180  13.806  1.00 68.56 ? 1107 SER A N   1 
ATOM   1063 C CA  . SER A 1 129 ? 5.686   18.727  15.150  1.00 74.25 ? 1107 SER A CA  1 
ATOM   1064 C C   . SER A 1 129 ? 6.214   17.708  16.149  1.00 79.78 ? 1107 SER A C   1 
ATOM   1065 O O   . SER A 1 129 ? 6.487   18.071  17.299  1.00 78.78 ? 1107 SER A O   1 
ATOM   1066 C CB  . SER A 1 129 ? 4.334   19.255  15.644  1.00 68.89 ? 1107 SER A CB  1 
ATOM   1067 O OG  . SER A 1 129 ? 3.613   18.238  16.328  1.00 68.78 ? 1107 SER A OG  1 
ATOM   1068 N N   . ARG A 1 130 ? 6.355   16.452  15.739  1.00 80.77 ? 1108 ARG A N   1 
ATOM   1069 C CA  . ARG A 1 130 ? 6.802   15.386  16.623  1.00 83.70 ? 1108 ARG A CA  1 
ATOM   1070 C C   . ARG A 1 130 ? 8.254   15.023  16.306  1.00 90.13 ? 1108 ARG A C   1 
ATOM   1071 O O   . ARG A 1 130 ? 8.847   15.563  15.365  1.00 88.38 ? 1108 ARG A O   1 
ATOM   1072 C CB  . ARG A 1 130 ? 5.881   14.161  16.491  1.00 79.98 ? 1108 ARG A CB  1 
ATOM   1073 C CG  . ARG A 1 130 ? 4.401   14.485  16.720  1.00 72.99 ? 1108 ARG A CG  1 
ATOM   1074 C CD  . ARG A 1 130 ? 3.584   13.250  17.065  1.00 67.77 ? 1108 ARG A CD  1 
ATOM   1075 N NE  . ARG A 1 130 ? 2.337   13.607  17.739  1.00 73.03 ? 1108 ARG A NE  1 
ATOM   1076 C CZ  . ARG A 1 130 ? 1.387   12.734  18.073  1.00 75.34 ? 1108 ARG A CZ  1 
ATOM   1077 N NH1 . ARG A 1 130 ? 0.277   13.147  18.681  1.00 73.93 ? 1108 ARG A NH1 1 
ATOM   1078 N NH2 . ARG A 1 130 ? 1.545   11.446  17.799  1.00 70.40 ? 1108 ARG A NH2 1 
ATOM   1079 O OXT . ARG A 1 130 ? 8.873   14.199  16.985  1.00 97.72 ? 1108 ARG A OXT 1 
HETATM 1080 N N   . BQ8 B 2 .   ? 7.219   -14.167 -13.264 1.00 43.47 ? 1201 BQ8 A N   1 
HETATM 1081 C CA  . BQ8 B 2 .   ? 6.014   -14.982 -13.219 1.00 43.60 ? 1201 BQ8 A CA  1 
HETATM 1082 C C   . BQ8 B 2 .   ? 5.375   -14.875 -11.832 1.00 38.38 ? 1201 BQ8 A C   1 
HETATM 1083 O O   . BQ8 B 2 .   ? 4.807   -15.861 -11.376 1.00 42.76 ? 1201 BQ8 A O   1 
HETATM 1084 C CB  . BQ8 B 2 .   ? 5.008   -14.457 -14.253 1.00 44.39 ? 1201 BQ8 A CB  1 
HETATM 1085 C CAA . BQ8 B 2 .   ? 3.392   -10.688 -6.341  1.00 42.25 ? 1201 BQ8 A CAA 1 
HETATM 1086 C CAI . BQ8 B 2 .   ? 1.191   -14.836 -4.801  1.00 50.26 ? 1201 BQ8 A CAI 1 
HETATM 1087 C CAJ . BQ8 B 2 .   ? 3.249   -13.753 -5.478  1.00 48.29 ? 1201 BQ8 A CAJ 1 
HETATM 1088 C CAK . BQ8 B 2 .   ? 1.674   -14.443 -7.132  1.00 49.28 ? 1201 BQ8 A CAK 1 
HETATM 1089 C CAP . BQ8 B 2 .   ? 8.296   -14.436 -12.514 1.00 39.98 ? 1201 BQ8 A CAP 1 
HETATM 1090 C CAQ . BQ8 B 2 .   ? 4.431   -11.078 -7.421  1.00 36.58 ? 1201 BQ8 A CAQ 1 
HETATM 1091 C CAS . BQ8 B 2 .   ? 2.402   -14.239 -4.483  1.00 50.01 ? 1201 BQ8 A CAS 1 
HETATM 1092 C CAT . BQ8 B 2 .   ? 0.826   -14.939 -6.140  1.00 55.48 ? 1201 BQ8 A CAT 1 
HETATM 1093 C CAU . BQ8 B 2 .   ? 2.880   -13.822 -6.820  1.00 47.90 ? 1201 BQ8 A CAU 1 
HETATM 1094 C CAV . BQ8 B 2 .   ? 4.881   -13.444 -10.006 1.00 37.21 ? 1201 BQ8 A CAV 1 
HETATM 1095 C CAW . BQ8 B 2 .   ? 4.321   -12.240 -8.119  1.00 35.94 ? 1201 BQ8 A CAW 1 
HETATM 1096 C CAX . BQ8 B 2 .   ? 3.649   -13.397 -7.839  1.00 42.71 ? 1201 BQ8 A CAX 1 
HETATM 1097 N NAC . BQ8 B 2 .   ? 9.347   -13.630 -12.570 1.00 44.86 ? 1201 BQ8 A NAC 1 
HETATM 1098 N NAD . BQ8 B 2 .   ? 8.316   -15.503 -11.710 1.00 40.47 ? 1201 BQ8 A NAD 1 
HETATM 1099 N NAL . BQ8 B 2 .   ? 4.978   -12.289 -9.320  1.00 35.17 ? 1201 BQ8 A NAL 1 
HETATM 1100 N NAM . BQ8 B 2 .   ? 5.460   -13.659 -11.214 1.00 39.45 ? 1201 BQ8 A NAM 1 
HETATM 1101 O OAE . BQ8 B 2 .   ? 5.268   -10.238 -7.755  1.00 35.17 ? 1201 BQ8 A OAE 1 
HETATM 1102 O OAG . BQ8 B 2 .   ? 2.763   -14.141 -3.178  1.00 58.29 ? 1201 BQ8 A OAG 1 
HETATM 1103 O OAH . BQ8 B 2 .   ? -0.355  -15.532 -6.476  1.00 49.45 ? 1201 BQ8 A OAH 1 
HETATM 1104 S SAO . BQ8 B 2 .   ? 3.892   -14.472 -9.121  1.00 42.51 ? 1201 BQ8 A SAO 1 
HETATM 1105 C CA  . BQ8 C 2 .   ? 9.194   -18.932 4.374   1.00 71.45 ? 1202 BQ8 A CA  1 
HETATM 1106 C C   . BQ8 C 2 .   ? 10.582  -18.612 4.923   1.00 64.63 ? 1202 BQ8 A C   1 
HETATM 1107 O O   . BQ8 C 2 .   ? 11.241  -19.534 5.401   1.00 67.73 ? 1202 BQ8 A O   1 
HETATM 1108 C CB  . BQ8 C 2 .   ? 9.087   -20.431 4.063   1.00 68.73 ? 1202 BQ8 A CB  1 
HETATM 1109 C CAA . BQ8 C 2 .   ? 6.908   -15.136 5.130   1.00 6.03  ? 1202 BQ8 A CAA 1 
HETATM 1110 C CAI . BQ8 C 2 .   ? 12.426  -10.751 1.693   1.00 42.45 ? 1202 BQ8 A CAI 1 
HETATM 1111 C CAJ . BQ8 C 2 .   ? 10.569  -12.342 1.444   1.00 40.60 ? 1202 BQ8 A CAJ 1 
HETATM 1112 C CAK . BQ8 C 2 .   ? 11.825  -12.263 3.466   1.00 42.79 ? 1202 BQ8 A CAK 1 
HETATM 1113 C CAQ . BQ8 C 2 .   ? 7.659   -14.191 4.149   1.00 51.09 ? 1202 BQ8 A CAQ 1 
HETATM 1114 C CAS . BQ8 C 2 .   ? 11.400  -11.297 0.937   1.00 45.06 ? 1202 BQ8 A CAS 1 
HETATM 1115 C CAT . BQ8 C 2 .   ? 12.644  -11.233 2.966   1.00 46.16 ? 1202 BQ8 A CAT 1 
HETATM 1116 C CAU . BQ8 C 2 .   ? 10.725  -12.822 2.770   1.00 41.86 ? 1202 BQ8 A CAU 1 
HETATM 1117 C CAV . BQ8 C 2 .   ? 10.472  -16.210 4.365   1.00 55.44 ? 1202 BQ8 A CAV 1 
HETATM 1118 C CAW . BQ8 C 2 .   ? 8.968   -14.498 3.969   1.00 41.74 ? 1202 BQ8 A CAW 1 
HETATM 1119 C CAX . BQ8 C 2 .   ? 10.118  -13.895 3.406   1.00 50.07 ? 1202 BQ8 A CAX 1 
HETATM 1120 N NAL . BQ8 C 2 .   ? 9.223   -15.747 4.494   1.00 46.72 ? 1202 BQ8 A NAL 1 
HETATM 1121 N NAM . BQ8 C 2 .   ? 11.086  -17.347 4.809   1.00 60.41 ? 1202 BQ8 A NAM 1 
HETATM 1122 O OAE . BQ8 C 2 .   ? 7.151   -13.072 4.052   1.00 44.50 ? 1202 BQ8 A OAE 1 
HETATM 1123 O OAG . BQ8 C 2 .   ? 11.291  -10.731 -0.308  1.00 39.86 ? 1202 BQ8 A OAG 1 
HETATM 1124 O OAH . BQ8 C 2 .   ? 13.663  -10.653 3.671   1.00 49.83 ? 1202 BQ8 A OAH 1 
HETATM 1125 S SAO . BQ8 C 2 .   ? 11.282  -14.995 3.618   1.00 39.52 ? 1202 BQ8 A SAO 1 
HETATM 1126 S S   . SO4 D 3 .   ? -8.381  2.299   16.081  1.00 64.11 ? 1203 SO4 A S   1 
HETATM 1127 O O1  . SO4 D 3 .   ? -9.791  2.626   16.320  1.00 65.27 ? 1203 SO4 A O1  1 
HETATM 1128 O O2  . SO4 D 3 .   ? -8.170  0.854   16.267  1.00 62.47 ? 1203 SO4 A O2  1 
HETATM 1129 O O3  . SO4 D 3 .   ? -7.512  3.073   16.979  1.00 58.61 ? 1203 SO4 A O3  1 
HETATM 1130 O O4  . SO4 D 3 .   ? -8.085  2.642   14.690  1.00 58.51 ? 1203 SO4 A O4  1 
HETATM 1131 O O   . HOH E 4 .   ? 5.816   -16.353 2.983   1.00 49.05 ? 1301 HOH A O   1 
HETATM 1132 O O   . HOH E 4 .   ? 14.292  -11.635 5.816   1.00 40.77 ? 1302 HOH A O   1 
HETATM 1133 O O   . HOH E 4 .   ? 6.103   -8.286  -5.948  1.00 31.78 ? 1303 HOH A O   1 
HETATM 1134 O O   . HOH E 4 .   ? 5.175   -8.721  2.389   1.00 42.95 ? 1304 HOH A O   1 
HETATM 1135 O O   . HOH E 4 .   ? 10.927  -1.934  -4.990  1.00 40.22 ? 1305 HOH A O   1 
HETATM 1136 O O   . HOH E 4 .   ? 7.834   3.356   -2.008  1.00 37.81 ? 1306 HOH A O   1 
HETATM 1137 O O   . HOH E 4 .   ? -4.280  -10.708 -8.877  1.00 42.09 ? 1307 HOH A O   1 
HETATM 1138 O O   . HOH E 4 .   ? 6.408   -7.417  -2.100  1.00 34.32 ? 1308 HOH A O   1 
HETATM 1139 O O   . HOH E 4 .   ? -11.691 21.234  3.554   1.00 47.57 ? 1309 HOH A O   1 
HETATM 1140 O O   . HOH E 4 .   ? -13.256 -7.799  -7.976  1.00 45.73 ? 1310 HOH A O   1 
HETATM 1141 O O   . HOH E 4 .   ? 14.332  -6.198  -12.126 1.00 49.10 ? 1311 HOH A O   1 
HETATM 1142 O O   . HOH E 4 .   ? 2.123   -10.341 -2.441  1.00 37.16 ? 1312 HOH A O   1 
HETATM 1143 O O   . HOH E 4 .   ? 4.143   8.919   -0.652  1.00 42.51 ? 1313 HOH A O   1 
HETATM 1144 O O   . HOH E 4 .   ? 8.755   2.223   -4.314  1.00 39.50 ? 1314 HOH A O   1 
HETATM 1145 O O   . HOH E 4 .   ? -8.133  -9.678  -4.159  1.00 39.42 ? 1315 HOH A O   1 
HETATM 1146 O O   . HOH E 4 .   ? 2.770   -7.783  -2.821  1.00 36.24 ? 1316 HOH A O   1 
HETATM 1147 O O   . HOH E 4 .   ? 11.963  -14.206 -11.888 1.00 48.18 ? 1317 HOH A O   1 
HETATM 1148 O O   . HOH E 4 .   ? 12.246  -4.028  -2.363  1.00 36.87 ? 1318 HOH A O   1 
HETATM 1149 O O   . HOH E 4 .   ? -10.432 -1.736  -6.023  1.00 47.50 ? 1319 HOH A O   1 
HETATM 1150 O O   . HOH E 4 .   ? -0.792  -12.731 -2.299  1.00 42.91 ? 1320 HOH A O   1 
HETATM 1151 O O   . HOH E 4 .   ? 4.291   -6.733  -4.848  1.00 31.93 ? 1321 HOH A O   1 
HETATM 1152 O O   . HOH E 4 .   ? -4.521  7.487   -10.266 1.00 41.73 ? 1322 HOH A O   1 
HETATM 1153 O O   . HOH E 4 .   ? -12.472 1.145   7.842   1.00 46.04 ? 1323 HOH A O   1 
HETATM 1154 O O   . HOH E 4 .   ? -11.555 0.776   11.015  1.00 43.41 ? 1324 HOH A O   1 
HETATM 1155 O O   . HOH E 4 .   ? -14.457 0.207   -3.592  1.00 48.32 ? 1325 HOH A O   1 
HETATM 1156 O O   . HOH E 4 .   ? -1.189  3.901   11.191  1.00 43.82 ? 1326 HOH A O   1 
HETATM 1157 O O   . HOH E 4 .   ? 5.635   2.564   -7.504  1.00 47.82 ? 1327 HOH A O   1 
HETATM 1158 O O   . HOH E 4 .   ? -2.582  -0.735  -15.271 1.00 47.59 ? 1328 HOH A O   1 
HETATM 1159 O O   . HOH E 4 .   ? -0.922  -16.367 -9.227  1.00 57.01 ? 1329 HOH A O   1 
HETATM 1160 O O   . HOH E 4 .   ? 13.035  -1.352  -1.376  1.00 45.34 ? 1330 HOH A O   1 
HETATM 1161 O O   . HOH E 4 .   ? 12.194  -9.728  -21.651 1.00 50.90 ? 1331 HOH A O   1 
HETATM 1162 O O   . HOH E 4 .   ? -7.326  -3.322  -14.781 1.00 45.55 ? 1332 HOH A O   1 
HETATM 1163 O O   . HOH E 4 .   ? 14.397  -4.682  -3.854  1.00 44.25 ? 1333 HOH A O   1 
HETATM 1164 O O   . HOH E 4 .   ? 2.408   10.154  -2.689  1.00 48.20 ? 1334 HOH A O   1 
HETATM 1165 O O   . HOH E 4 .   ? 5.520   -9.977  0.297   1.00 42.81 ? 1335 HOH A O   1 
HETATM 1166 O O   . HOH E 4 .   ? 0.698   8.582   -9.505  1.00 52.02 ? 1336 HOH A O   1 
HETATM 1167 O O   . HOH E 4 .   ? -4.057  -14.760 -11.034 1.00 64.97 ? 1337 HOH A O   1 
HETATM 1168 O O   . HOH E 4 .   ? -1.584  6.223   13.408  1.00 46.09 ? 1338 HOH A O   1 
HETATM 1169 O O   . HOH E 4 .   ? 5.338   7.378   -10.705 1.00 67.76 ? 1339 HOH A O   1 
HETATM 1170 O O   . HOH E 4 .   ? -2.510  -14.584 -2.962  1.00 53.17 ? 1340 HOH A O   1 
HETATM 1171 O O   . HOH E 4 .   ? 10.087  -14.607 -16.279 1.00 62.68 ? 1341 HOH A O   1 
HETATM 1172 O O   . HOH E 4 .   ? 7.625   5.790   -2.781  1.00 47.23 ? 1342 HOH A O   1 
HETATM 1173 O O   . HOH E 4 .   ? -12.577 -1.509  6.830   1.00 40.27 ? 1343 HOH A O   1 
HETATM 1174 O O   . HOH E 4 .   ? -14.080 5.247   5.760   0.50 44.18 ? 1344 HOH A O   1 
HETATM 1175 O O   . HOH E 4 .   ? 12.307  -0.213  -3.520  1.00 49.85 ? 1345 HOH A O   1 
HETATM 1176 O O   . HOH E 4 .   ? 2.375   -18.609 -8.209  1.00 60.83 ? 1346 HOH A O   1 
# 
